data_1GXU
# 
_entry.id   1GXU 
# 
_audit_conform.dict_name       mmcif_pdbx.dic 
_audit_conform.dict_version    5.397 
_audit_conform.dict_location   http://mmcif.pdb.org/dictionaries/ascii/mmcif_pdbx.dic 
# 
loop_
_database_2.database_id 
_database_2.database_code 
_database_2.pdbx_database_accession 
_database_2.pdbx_DOI 
PDB   1GXU         pdb_00001gxu 10.2210/pdb1gxu/pdb 
PDBE  EBI-9693     ?            ?                   
WWPDB D_1290009693 ?            ?                   
# 
loop_
_pdbx_audit_revision_history.ordinal 
_pdbx_audit_revision_history.data_content_type 
_pdbx_audit_revision_history.major_revision 
_pdbx_audit_revision_history.minor_revision 
_pdbx_audit_revision_history.revision_date 
1 'Structure model' 1 0 2002-09-12 
2 'Structure model' 1 1 2011-05-08 
3 'Structure model' 1 2 2011-07-13 
4 'Structure model' 1 3 2024-10-23 
# 
_pdbx_audit_revision_details.ordinal             1 
_pdbx_audit_revision_details.revision_ordinal    1 
_pdbx_audit_revision_details.data_content_type   'Structure model' 
_pdbx_audit_revision_details.provider            repository 
_pdbx_audit_revision_details.type                'Initial release' 
_pdbx_audit_revision_details.description         ? 
_pdbx_audit_revision_details.details             ? 
# 
loop_
_pdbx_audit_revision_group.ordinal 
_pdbx_audit_revision_group.revision_ordinal 
_pdbx_audit_revision_group.data_content_type 
_pdbx_audit_revision_group.group 
1 2 'Structure model' 'Version format compliance' 
2 3 'Structure model' 'Version format compliance' 
3 4 'Structure model' 'Data collection'           
4 4 'Structure model' 'Database references'       
5 4 'Structure model' 'Derived calculations'      
6 4 'Structure model' Other                       
7 4 'Structure model' 'Structure summary'         
# 
loop_
_pdbx_audit_revision_category.ordinal 
_pdbx_audit_revision_category.revision_ordinal 
_pdbx_audit_revision_category.data_content_type 
_pdbx_audit_revision_category.category 
1 4 'Structure model' chem_comp_atom               
2 4 'Structure model' chem_comp_bond               
3 4 'Structure model' database_2                   
4 4 'Structure model' pdbx_database_status         
5 4 'Structure model' pdbx_entry_details           
6 4 'Structure model' pdbx_modification_feature    
7 4 'Structure model' pdbx_struct_special_symmetry 
# 
loop_
_pdbx_audit_revision_item.ordinal 
_pdbx_audit_revision_item.revision_ordinal 
_pdbx_audit_revision_item.data_content_type 
_pdbx_audit_revision_item.item 
1 4 'Structure model' '_database_2.pdbx_DOI'                 
2 4 'Structure model' '_database_2.pdbx_database_accession'  
3 4 'Structure model' '_pdbx_database_status.status_code_sf' 
# 
_pdbx_database_status.status_code                     REL 
_pdbx_database_status.entry_id                        1GXU 
_pdbx_database_status.deposit_site                    PDBE 
_pdbx_database_status.process_site                    PDBE 
_pdbx_database_status.SG_entry                        . 
_pdbx_database_status.recvd_initial_deposition_date   2002-04-11 
_pdbx_database_status.pdb_format_compatible           Y 
_pdbx_database_status.status_code_sf                  REL 
_pdbx_database_status.status_code_mr                  ? 
_pdbx_database_status.status_code_cs                  ? 
_pdbx_database_status.methods_development_category    ? 
_pdbx_database_status.status_code_nmr_data            ? 
# 
_pdbx_database_related.db_name        PDB 
_pdbx_database_related.db_id          1GXT 
_pdbx_database_related.content_type   unspecified 
_pdbx_database_related.details        
;HYDROGENASE MATURATION PROTEIN HYPF "ACYLPHOSPHATASE-LIKE" N-TERMINAL DOMAIN (HYPF-ACP) IN COMPLEX WITH SULFATE
;
# 
loop_
_audit_author.name 
_audit_author.pdbx_ordinal 
'Rosano, C.'      1 
'Zuccotti, S.'    2 
'Stefani, M.'     3 
'Bucciantini, M.' 4 
'Ramponi, G.'     5 
'Bolognesi, M.'   6 
# 
_citation.id                        primary 
_citation.title                     
'Crystal Structure and Anion Binding in the Prokaryotic Hydrogenase Maturation Factor Hypf Acylphosphatase-Like Domain' 
_citation.journal_abbrev            J.Mol.Biol. 
_citation.journal_volume            321 
_citation.page_first                785 
_citation.page_last                 ? 
_citation.year                      2002 
_citation.journal_id_ASTM           JMOBAK 
_citation.country                   UK 
_citation.journal_id_ISSN           0022-2836 
_citation.journal_id_CSD            0070 
_citation.book_publisher            ? 
_citation.pdbx_database_id_PubMed   12206761 
_citation.pdbx_database_id_DOI      '10.1016/S0022-2836(02)00713-1' 
# 
loop_
_citation_author.citation_id 
_citation_author.name 
_citation_author.ordinal 
_citation_author.identifier_ORCID 
primary 'Rosano, C.'      1 ? 
primary 'Zuccotti, S.'    2 ? 
primary 'Bucciantini, M.' 3 ? 
primary 'Stefani, M.'     4 ? 
primary 'Ramponi, G.'     5 ? 
primary 'Bolognesi, M.'   6 ? 
# 
loop_
_entity.id 
_entity.type 
_entity.src_method 
_entity.pdbx_description 
_entity.formula_weight 
_entity.pdbx_number_of_molecules 
_entity.pdbx_ec 
_entity.pdbx_mutation 
_entity.pdbx_fragment 
_entity.details 
1 polymer     syn 'HYDROGENASE MATURATION PROTEIN HYPF' 10404.901 1   ? ? 'ACYLPHOSPHATASE-LIKE DOMAIN, RESIDUES 1-91' ? 
2 non-polymer syn 'DIHYDROGENPHOSPHATE ION'             96.987    1   ? ? ?                                            ? 
3 water       nat water                                 18.015    109 ? ? ?                                            ? 
# 
_entity_poly.entity_id                      1 
_entity_poly.type                           'polypeptide(L)' 
_entity_poly.nstd_linkage                   no 
_entity_poly.nstd_monomer                   no 
_entity_poly.pdbx_seq_one_letter_code       
;MAKNTSCGVQLRIRGKVQGVGFRPFVWQLAQQLNLHGDVCNDGDGVEVRLREDPEVFLVQLYQHCPPLARIDSVEREPFI
WSALPTEFTIR
;
_entity_poly.pdbx_seq_one_letter_code_can   
;MAKNTSCGVQLRIRGKVQGVGFRPFVWQLAQQLNLHGDVCNDGDGVEVRLREDPEVFLVQLYQHCPPLARIDSVEREPFI
WSALPTEFTIR
;
_entity_poly.pdbx_strand_id                 A 
_entity_poly.pdbx_target_identifier         ? 
# 
loop_
_pdbx_entity_nonpoly.entity_id 
_pdbx_entity_nonpoly.name 
_pdbx_entity_nonpoly.comp_id 
2 'DIHYDROGENPHOSPHATE ION' 2HP 
3 water                     HOH 
# 
loop_
_entity_poly_seq.entity_id 
_entity_poly_seq.num 
_entity_poly_seq.mon_id 
_entity_poly_seq.hetero 
1 1  MET n 
1 2  ALA n 
1 3  LYS n 
1 4  ASN n 
1 5  THR n 
1 6  SER n 
1 7  CYS n 
1 8  GLY n 
1 9  VAL n 
1 10 GLN n 
1 11 LEU n 
1 12 ARG n 
1 13 ILE n 
1 14 ARG n 
1 15 GLY n 
1 16 LYS n 
1 17 VAL n 
1 18 GLN n 
1 19 GLY n 
1 20 VAL n 
1 21 GLY n 
1 22 PHE n 
1 23 ARG n 
1 24 PRO n 
1 25 PHE n 
1 26 VAL n 
1 27 TRP n 
1 28 GLN n 
1 29 LEU n 
1 30 ALA n 
1 31 GLN n 
1 32 GLN n 
1 33 LEU n 
1 34 ASN n 
1 35 LEU n 
1 36 HIS n 
1 37 GLY n 
1 38 ASP n 
1 39 VAL n 
1 40 CYS n 
1 41 ASN n 
1 42 ASP n 
1 43 GLY n 
1 44 ASP n 
1 45 GLY n 
1 46 VAL n 
1 47 GLU n 
1 48 VAL n 
1 49 ARG n 
1 50 LEU n 
1 51 ARG n 
1 52 GLU n 
1 53 ASP n 
1 54 PRO n 
1 55 GLU n 
1 56 VAL n 
1 57 PHE n 
1 58 LEU n 
1 59 VAL n 
1 60 GLN n 
1 61 LEU n 
1 62 TYR n 
1 63 GLN n 
1 64 HIS n 
1 65 CYS n 
1 66 PRO n 
1 67 PRO n 
1 68 LEU n 
1 69 ALA n 
1 70 ARG n 
1 71 ILE n 
1 72 ASP n 
1 73 SER n 
1 74 VAL n 
1 75 GLU n 
1 76 ARG n 
1 77 GLU n 
1 78 PRO n 
1 79 PHE n 
1 80 ILE n 
1 81 TRP n 
1 82 SER n 
1 83 ALA n 
1 84 LEU n 
1 85 PRO n 
1 86 THR n 
1 87 GLU n 
1 88 PHE n 
1 89 THR n 
1 90 ILE n 
1 91 ARG n 
# 
_pdbx_entity_src_syn.entity_id              1 
_pdbx_entity_src_syn.pdbx_src_id            1 
_pdbx_entity_src_syn.pdbx_alt_source_flag   sample 
_pdbx_entity_src_syn.pdbx_beg_seq_num       ? 
_pdbx_entity_src_syn.pdbx_end_seq_num       ? 
_pdbx_entity_src_syn.organism_scientific    'ESCHERICHIA COLI' 
_pdbx_entity_src_syn.organism_common_name   ? 
_pdbx_entity_src_syn.ncbi_taxonomy_id       562 
_pdbx_entity_src_syn.details                ? 
# 
loop_
_chem_comp.id 
_chem_comp.type 
_chem_comp.mon_nstd_flag 
_chem_comp.name 
_chem_comp.pdbx_synonyms 
_chem_comp.formula 
_chem_comp.formula_weight 
2HP non-polymer         . 'DIHYDROGENPHOSPHATE ION' ? 'H2 O4 P -1'     96.987  
ALA 'L-peptide linking' y ALANINE                   ? 'C3 H7 N O2'     89.093  
ARG 'L-peptide linking' y ARGININE                  ? 'C6 H15 N4 O2 1' 175.209 
ASN 'L-peptide linking' y ASPARAGINE                ? 'C4 H8 N2 O3'    132.118 
ASP 'L-peptide linking' y 'ASPARTIC ACID'           ? 'C4 H7 N O4'     133.103 
CYS 'L-peptide linking' y CYSTEINE                  ? 'C3 H7 N O2 S'   121.158 
GLN 'L-peptide linking' y GLUTAMINE                 ? 'C5 H10 N2 O3'   146.144 
GLU 'L-peptide linking' y 'GLUTAMIC ACID'           ? 'C5 H9 N O4'     147.129 
GLY 'peptide linking'   y GLYCINE                   ? 'C2 H5 N O2'     75.067  
HIS 'L-peptide linking' y HISTIDINE                 ? 'C6 H10 N3 O2 1' 156.162 
HOH non-polymer         . WATER                     ? 'H2 O'           18.015  
ILE 'L-peptide linking' y ISOLEUCINE                ? 'C6 H13 N O2'    131.173 
LEU 'L-peptide linking' y LEUCINE                   ? 'C6 H13 N O2'    131.173 
LYS 'L-peptide linking' y LYSINE                    ? 'C6 H15 N2 O2 1' 147.195 
MET 'L-peptide linking' y METHIONINE                ? 'C5 H11 N O2 S'  149.211 
PHE 'L-peptide linking' y PHENYLALANINE             ? 'C9 H11 N O2'    165.189 
PRO 'L-peptide linking' y PROLINE                   ? 'C5 H9 N O2'     115.130 
SER 'L-peptide linking' y SERINE                    ? 'C3 H7 N O3'     105.093 
THR 'L-peptide linking' y THREONINE                 ? 'C4 H9 N O3'     119.119 
TRP 'L-peptide linking' y TRYPTOPHAN                ? 'C11 H12 N2 O2'  204.225 
TYR 'L-peptide linking' y TYROSINE                  ? 'C9 H11 N O3'    181.189 
VAL 'L-peptide linking' y VALINE                    ? 'C5 H11 N O2'    117.146 
# 
loop_
_pdbx_poly_seq_scheme.asym_id 
_pdbx_poly_seq_scheme.entity_id 
_pdbx_poly_seq_scheme.seq_id 
_pdbx_poly_seq_scheme.mon_id 
_pdbx_poly_seq_scheme.ndb_seq_num 
_pdbx_poly_seq_scheme.pdb_seq_num 
_pdbx_poly_seq_scheme.auth_seq_num 
_pdbx_poly_seq_scheme.pdb_mon_id 
_pdbx_poly_seq_scheme.auth_mon_id 
_pdbx_poly_seq_scheme.pdb_strand_id 
_pdbx_poly_seq_scheme.pdb_ins_code 
_pdbx_poly_seq_scheme.hetero 
A 1 1  MET 1  1  ?  ?   ?   A . n 
A 1 2  ALA 2  2  ?  ?   ?   A . n 
A 1 3  LYS 3  3  ?  ?   ?   A . n 
A 1 4  ASN 4  4  4  ASN ASN A . n 
A 1 5  THR 5  5  5  THR THR A . n 
A 1 6  SER 6  6  6  SER SER A . n 
A 1 7  CYS 7  7  7  CYS CYS A . n 
A 1 8  GLY 8  8  8  GLY GLY A . n 
A 1 9  VAL 9  9  9  VAL VAL A . n 
A 1 10 GLN 10 10 10 GLN GLN A . n 
A 1 11 LEU 11 11 11 LEU LEU A . n 
A 1 12 ARG 12 12 12 ARG ARG A . n 
A 1 13 ILE 13 13 13 ILE ILE A . n 
A 1 14 ARG 14 14 14 ARG ARG A . n 
A 1 15 GLY 15 15 15 GLY GLY A . n 
A 1 16 LYS 16 16 16 LYS LYS A . n 
A 1 17 VAL 17 17 17 VAL VAL A . n 
A 1 18 GLN 18 18 18 GLN GLN A . n 
A 1 19 GLY 19 19 19 GLY GLY A . n 
A 1 20 VAL 20 20 20 VAL VAL A . n 
A 1 21 GLY 21 21 21 GLY GLY A . n 
A 1 22 PHE 22 22 22 PHE PHE A . n 
A 1 23 ARG 23 23 23 ARG ARG A . n 
A 1 24 PRO 24 24 24 PRO PRO A . n 
A 1 25 PHE 25 25 25 PHE PHE A . n 
A 1 26 VAL 26 26 26 VAL VAL A . n 
A 1 27 TRP 27 27 27 TRP TRP A . n 
A 1 28 GLN 28 28 28 GLN GLN A . n 
A 1 29 LEU 29 29 29 LEU LEU A . n 
A 1 30 ALA 30 30 30 ALA ALA A . n 
A 1 31 GLN 31 31 31 GLN GLN A . n 
A 1 32 GLN 32 32 32 GLN GLN A . n 
A 1 33 LEU 33 33 33 LEU LEU A . n 
A 1 34 ASN 34 34 34 ASN ASN A . n 
A 1 35 LEU 35 35 35 LEU LEU A . n 
A 1 36 HIS 36 36 36 HIS HIS A . n 
A 1 37 GLY 37 37 37 GLY GLY A . n 
A 1 38 ASP 38 38 38 ASP ASP A . n 
A 1 39 VAL 39 39 39 VAL VAL A . n 
A 1 40 CYS 40 40 40 CYS CYS A . n 
A 1 41 ASN 41 41 41 ASN ASN A . n 
A 1 42 ASP 42 42 42 ASP ASP A . n 
A 1 43 GLY 43 43 43 GLY GLY A . n 
A 1 44 ASP 44 44 44 ASP ASP A . n 
A 1 45 GLY 45 45 45 GLY GLY A . n 
A 1 46 VAL 46 46 46 VAL VAL A . n 
A 1 47 GLU 47 47 47 GLU GLU A . n 
A 1 48 VAL 48 48 48 VAL VAL A . n 
A 1 49 ARG 49 49 49 ARG ARG A . n 
A 1 50 LEU 50 50 50 LEU LEU A . n 
A 1 51 ARG 51 51 51 ARG ARG A . n 
A 1 52 GLU 52 52 52 GLU GLU A . n 
A 1 53 ASP 53 53 53 ASP ASP A . n 
A 1 54 PRO 54 54 54 PRO PRO A . n 
A 1 55 GLU 55 55 55 GLU GLU A . n 
A 1 56 VAL 56 56 56 VAL VAL A . n 
A 1 57 PHE 57 57 57 PHE PHE A . n 
A 1 58 LEU 58 58 58 LEU LEU A . n 
A 1 59 VAL 59 59 59 VAL VAL A . n 
A 1 60 GLN 60 60 60 GLN GLN A . n 
A 1 61 LEU 61 61 61 LEU LEU A . n 
A 1 62 TYR 62 62 62 TYR TYR A . n 
A 1 63 GLN 63 63 63 GLN GLN A . n 
A 1 64 HIS 64 64 64 HIS HIS A . n 
A 1 65 CYS 65 65 65 CYS CYS A . n 
A 1 66 PRO 66 66 66 PRO PRO A . n 
A 1 67 PRO 67 67 67 PRO PRO A . n 
A 1 68 LEU 68 68 68 LEU LEU A . n 
A 1 69 ALA 69 69 69 ALA ALA A . n 
A 1 70 ARG 70 70 70 ARG ARG A . n 
A 1 71 ILE 71 71 71 ILE ILE A . n 
A 1 72 ASP 72 72 72 ASP ASP A . n 
A 1 73 SER 73 73 73 SER SER A . n 
A 1 74 VAL 74 74 74 VAL VAL A . n 
A 1 75 GLU 75 75 75 GLU GLU A . n 
A 1 76 ARG 76 76 76 ARG ARG A . n 
A 1 77 GLU 77 77 77 GLU GLU A . n 
A 1 78 PRO 78 78 78 PRO PRO A . n 
A 1 79 PHE 79 79 79 PHE PHE A . n 
A 1 80 ILE 80 80 80 ILE ILE A . n 
A 1 81 TRP 81 81 81 TRP TRP A . n 
A 1 82 SER 82 82 82 SER SER A . n 
A 1 83 ALA 83 83 83 ALA ALA A . n 
A 1 84 LEU 84 84 84 LEU LEU A . n 
A 1 85 PRO 85 85 85 PRO PRO A . n 
A 1 86 THR 86 86 86 THR THR A . n 
A 1 87 GLU 87 87 87 GLU GLU A . n 
A 1 88 PHE 88 88 88 PHE PHE A . n 
A 1 89 THR 89 89 89 THR THR A . n 
A 1 90 ILE 90 90 90 ILE ILE A . n 
A 1 91 ARG 91 91 91 ARG ARG A . n 
# 
loop_
_pdbx_nonpoly_scheme.asym_id 
_pdbx_nonpoly_scheme.entity_id 
_pdbx_nonpoly_scheme.mon_id 
_pdbx_nonpoly_scheme.ndb_seq_num 
_pdbx_nonpoly_scheme.pdb_seq_num 
_pdbx_nonpoly_scheme.auth_seq_num 
_pdbx_nonpoly_scheme.pdb_mon_id 
_pdbx_nonpoly_scheme.auth_mon_id 
_pdbx_nonpoly_scheme.pdb_strand_id 
_pdbx_nonpoly_scheme.pdb_ins_code 
B 2 2HP 1   1092 1092 2HP 2HP A . 
C 3 HOH 1   2001 2001 HOH HOH A . 
C 3 HOH 2   2002 2002 HOH HOH A . 
C 3 HOH 3   2003 2003 HOH HOH A . 
C 3 HOH 4   2004 2004 HOH HOH A . 
C 3 HOH 5   2005 2005 HOH HOH A . 
C 3 HOH 6   2006 2006 HOH HOH A . 
C 3 HOH 7   2007 2007 HOH HOH A . 
C 3 HOH 8   2008 2008 HOH HOH A . 
C 3 HOH 9   2009 2009 HOH HOH A . 
C 3 HOH 10  2010 2010 HOH HOH A . 
C 3 HOH 11  2011 2011 HOH HOH A . 
C 3 HOH 12  2012 2012 HOH HOH A . 
C 3 HOH 13  2013 2013 HOH HOH A . 
C 3 HOH 14  2014 2014 HOH HOH A . 
C 3 HOH 15  2015 2015 HOH HOH A . 
C 3 HOH 16  2016 2016 HOH HOH A . 
C 3 HOH 17  2017 2017 HOH HOH A . 
C 3 HOH 18  2018 2018 HOH HOH A . 
C 3 HOH 19  2019 2019 HOH HOH A . 
C 3 HOH 20  2020 2020 HOH HOH A . 
C 3 HOH 21  2021 2021 HOH HOH A . 
C 3 HOH 22  2022 2022 HOH HOH A . 
C 3 HOH 23  2023 2023 HOH HOH A . 
C 3 HOH 24  2024 2024 HOH HOH A . 
C 3 HOH 25  2025 2025 HOH HOH A . 
C 3 HOH 26  2026 2026 HOH HOH A . 
C 3 HOH 27  2027 2027 HOH HOH A . 
C 3 HOH 28  2028 2028 HOH HOH A . 
C 3 HOH 29  2029 2029 HOH HOH A . 
C 3 HOH 30  2030 2030 HOH HOH A . 
C 3 HOH 31  2031 2031 HOH HOH A . 
C 3 HOH 32  2032 2032 HOH HOH A . 
C 3 HOH 33  2033 2033 HOH HOH A . 
C 3 HOH 34  2034 2034 HOH HOH A . 
C 3 HOH 35  2035 2035 HOH HOH A . 
C 3 HOH 36  2036 2036 HOH HOH A . 
C 3 HOH 37  2037 2037 HOH HOH A . 
C 3 HOH 38  2038 2038 HOH HOH A . 
C 3 HOH 39  2039 2039 HOH HOH A . 
C 3 HOH 40  2040 2040 HOH HOH A . 
C 3 HOH 41  2041 2041 HOH HOH A . 
C 3 HOH 42  2042 2042 HOH HOH A . 
C 3 HOH 43  2043 2043 HOH HOH A . 
C 3 HOH 44  2044 2044 HOH HOH A . 
C 3 HOH 45  2045 2045 HOH HOH A . 
C 3 HOH 46  2046 2046 HOH HOH A . 
C 3 HOH 47  2047 2047 HOH HOH A . 
C 3 HOH 48  2048 2048 HOH HOH A . 
C 3 HOH 49  2049 2049 HOH HOH A . 
C 3 HOH 50  2050 2050 HOH HOH A . 
C 3 HOH 51  2051 2051 HOH HOH A . 
C 3 HOH 52  2052 2052 HOH HOH A . 
C 3 HOH 53  2053 2053 HOH HOH A . 
C 3 HOH 54  2054 2054 HOH HOH A . 
C 3 HOH 55  2055 2055 HOH HOH A . 
C 3 HOH 56  2056 2056 HOH HOH A . 
C 3 HOH 57  2057 2057 HOH HOH A . 
C 3 HOH 58  2058 2058 HOH HOH A . 
C 3 HOH 59  2059 2059 HOH HOH A . 
C 3 HOH 60  2060 2060 HOH HOH A . 
C 3 HOH 61  2061 2061 HOH HOH A . 
C 3 HOH 62  2062 2062 HOH HOH A . 
C 3 HOH 63  2063 2063 HOH HOH A . 
C 3 HOH 64  2064 2064 HOH HOH A . 
C 3 HOH 65  2065 2065 HOH HOH A . 
C 3 HOH 66  2066 2066 HOH HOH A . 
C 3 HOH 67  2067 2067 HOH HOH A . 
C 3 HOH 68  2068 2068 HOH HOH A . 
C 3 HOH 69  2069 2069 HOH HOH A . 
C 3 HOH 70  2070 2070 HOH HOH A . 
C 3 HOH 71  2071 2071 HOH HOH A . 
C 3 HOH 72  2072 2072 HOH HOH A . 
C 3 HOH 73  2073 2073 HOH HOH A . 
C 3 HOH 74  2074 2074 HOH HOH A . 
C 3 HOH 75  2075 2075 HOH HOH A . 
C 3 HOH 76  2076 2076 HOH HOH A . 
C 3 HOH 77  2077 2077 HOH HOH A . 
C 3 HOH 78  2078 2078 HOH HOH A . 
C 3 HOH 79  2079 2079 HOH HOH A . 
C 3 HOH 80  2080 2080 HOH HOH A . 
C 3 HOH 81  2081 2081 HOH HOH A . 
C 3 HOH 82  2082 2082 HOH HOH A . 
C 3 HOH 83  2083 2083 HOH HOH A . 
C 3 HOH 84  2084 2084 HOH HOH A . 
C 3 HOH 85  2085 2085 HOH HOH A . 
C 3 HOH 86  2086 2086 HOH HOH A . 
C 3 HOH 87  2087 2087 HOH HOH A . 
C 3 HOH 88  2088 2088 HOH HOH A . 
C 3 HOH 89  2089 2089 HOH HOH A . 
C 3 HOH 90  2090 2090 HOH HOH A . 
C 3 HOH 91  2091 2091 HOH HOH A . 
C 3 HOH 92  2092 2092 HOH HOH A . 
C 3 HOH 93  2093 2093 HOH HOH A . 
C 3 HOH 94  2094 2094 HOH HOH A . 
C 3 HOH 95  2095 2095 HOH HOH A . 
C 3 HOH 96  2096 2096 HOH HOH A . 
C 3 HOH 97  2097 2097 HOH HOH A . 
C 3 HOH 98  2098 2098 HOH HOH A . 
C 3 HOH 99  2099 2099 HOH HOH A . 
C 3 HOH 100 2100 2100 HOH HOH A . 
C 3 HOH 101 2101 2101 HOH HOH A . 
C 3 HOH 102 2102 2102 HOH HOH A . 
C 3 HOH 103 2103 2103 HOH HOH A . 
C 3 HOH 104 2104 2104 HOH HOH A . 
C 3 HOH 105 2105 2105 HOH HOH A . 
C 3 HOH 106 2106 2106 HOH HOH A . 
C 3 HOH 107 2107 2107 HOH HOH A . 
C 3 HOH 108 2108 2108 HOH HOH A . 
C 3 HOH 109 2109 2109 HOH HOH A . 
# 
loop_
_pdbx_unobs_or_zero_occ_atoms.id 
_pdbx_unobs_or_zero_occ_atoms.PDB_model_num 
_pdbx_unobs_or_zero_occ_atoms.polymer_flag 
_pdbx_unobs_or_zero_occ_atoms.occupancy_flag 
_pdbx_unobs_or_zero_occ_atoms.auth_asym_id 
_pdbx_unobs_or_zero_occ_atoms.auth_comp_id 
_pdbx_unobs_or_zero_occ_atoms.auth_seq_id 
_pdbx_unobs_or_zero_occ_atoms.PDB_ins_code 
_pdbx_unobs_or_zero_occ_atoms.auth_atom_id 
_pdbx_unobs_or_zero_occ_atoms.label_alt_id 
_pdbx_unobs_or_zero_occ_atoms.label_asym_id 
_pdbx_unobs_or_zero_occ_atoms.label_comp_id 
_pdbx_unobs_or_zero_occ_atoms.label_seq_id 
_pdbx_unobs_or_zero_occ_atoms.label_atom_id 
1 1 Y 0 A SER 6  ? OG  ? A SER 6  OG  
2 1 Y 0 A GLN 10 ? CD  ? A GLN 10 CD  
3 1 Y 0 A GLN 10 ? OE1 ? A GLN 10 OE1 
4 1 Y 0 A GLN 10 ? NE2 ? A GLN 10 NE2 
5 1 Y 0 A GLN 32 ? OE1 ? A GLN 32 OE1 
# 
loop_
_software.name 
_software.classification 
_software.version 
_software.citation_id 
_software.pdbx_ordinal 
REFMAC    refinement       . ? 1 
DENZO     'data reduction' . ? 2 
SCALEPACK 'data scaling'   . ? 3 
CCP4      phasing          . ? 4 
# 
_cell.entry_id           1GXU 
_cell.length_a           57.994 
_cell.length_b           57.994 
_cell.length_c           156.414 
_cell.angle_alpha        90.00 
_cell.angle_beta         90.00 
_cell.angle_gamma        120.00 
_cell.Z_PDB              18 
_cell.pdbx_unique_axis   ? 
# 
_symmetry.entry_id                         1GXU 
_symmetry.space_group_name_H-M             'H 3 2' 
_symmetry.pdbx_full_space_group_name_H-M   ? 
_symmetry.cell_setting                     ? 
_symmetry.Int_Tables_number                155 
# 
_exptl.entry_id          1GXU 
_exptl.method            'X-RAY DIFFRACTION' 
_exptl.crystals_number   1 
# 
_exptl_crystal.id                    1 
_exptl_crystal.density_meas          ? 
_exptl_crystal.density_Matthews      2.51 
_exptl_crystal.density_percent_sol   50.9 
_exptl_crystal.description           ? 
# 
_exptl_crystal_grow.crystal_id      1 
_exptl_crystal_grow.method          ? 
_exptl_crystal_grow.temp            ? 
_exptl_crystal_grow.temp_details    ? 
_exptl_crystal_grow.pH              8.50 
_exptl_crystal_grow.pdbx_pH_range   ? 
_exptl_crystal_grow.pdbx_details    'pH 8.50' 
# 
_diffrn.id                     1 
_diffrn.ambient_temp           100.0 
_diffrn.ambient_temp_details   ? 
_diffrn.crystal_id             1 
# 
_diffrn_radiation.diffrn_id                        1 
_diffrn_radiation.wavelength_id                    1 
_diffrn_radiation.pdbx_monochromatic_or_laue_m_l   M 
_diffrn_radiation.monochromator                    ? 
_diffrn_radiation.pdbx_diffrn_protocol             'SINGLE WAVELENGTH' 
_diffrn_radiation.pdbx_scattering_type             x-ray 
# 
_diffrn_radiation_wavelength.id           1 
_diffrn_radiation_wavelength.wavelength   1.000 
_diffrn_radiation_wavelength.wt           1.0 
# 
_diffrn_source.diffrn_id                   1 
_diffrn_source.source                      SYNCHROTRON 
_diffrn_source.type                        'ELETTRA BEAMLINE 5.2R' 
_diffrn_source.pdbx_synchrotron_site       ELETTRA 
_diffrn_source.pdbx_synchrotron_beamline   5.2R 
_diffrn_source.pdbx_wavelength             1.000 
_diffrn_source.pdbx_wavelength_list        ? 
# 
_reflns.pdbx_diffrn_id               1 
_reflns.pdbx_ordinal                 1 
_reflns.entry_id                     1GXU 
_reflns.observed_criterion_sigma_I   3.000 
_reflns.observed_criterion_sigma_F   ? 
_reflns.d_resolution_low             30.000 
_reflns.d_resolution_high            1.270 
_reflns.number_obs                   27134 
_reflns.number_all                   ? 
_reflns.percent_possible_obs         99.9 
_reflns.pdbx_Rmerge_I_obs            0.02700 
_reflns.pdbx_Rsym_value              ? 
_reflns.pdbx_netI_over_sigmaI        35.7000 
_reflns.B_iso_Wilson_estimate        ? 
_reflns.pdbx_redundancy              10.800 
# 
_refine.pdbx_refine_id                           'X-RAY DIFFRACTION' 
_refine.entry_id                                 1GXU 
_refine.pdbx_diffrn_id                           1 
_refine.pdbx_TLS_residual_ADP_flag               ? 
_refine.ls_number_reflns_obs                     25674 
_refine.ls_number_reflns_all                     ? 
_refine.pdbx_ls_sigma_I                          ? 
_refine.pdbx_ls_sigma_F                          ? 
_refine.pdbx_data_cutoff_high_absF               ? 
_refine.pdbx_data_cutoff_low_absF                ? 
_refine.pdbx_data_cutoff_high_rms_absF           ? 
_refine.ls_d_res_low                             10 
_refine.ls_d_res_high                            1.27 
_refine.ls_percent_reflns_obs                    99.9 
_refine.ls_R_factor_obs                          0.133 
_refine.ls_R_factor_all                          ? 
_refine.ls_R_factor_R_work                       0.131 
_refine.ls_R_factor_R_free                       0.161 
_refine.ls_R_factor_R_free_error                 ? 
_refine.ls_R_factor_R_free_error_details         ? 
_refine.ls_percent_reflns_R_free                 5.0 
_refine.ls_number_reflns_R_free                  1352 
_refine.ls_number_parameters                     ? 
_refine.ls_number_restraints                     ? 
_refine.occupancy_min                            ? 
_refine.occupancy_max                            ? 
_refine.correlation_coeff_Fo_to_Fc               ? 
_refine.correlation_coeff_Fo_to_Fc_free          ? 
_refine.B_iso_mean                               17.3 
_refine.aniso_B[1][1]                            0.62 
_refine.aniso_B[2][2]                            0.62 
_refine.aniso_B[3][3]                            -0.93 
_refine.aniso_B[1][2]                            0.00 
_refine.aniso_B[1][3]                            0.31 
_refine.aniso_B[2][3]                            0.00 
_refine.solvent_model_details                    ? 
_refine.solvent_model_param_ksol                 ? 
_refine.solvent_model_param_bsol                 ? 
_refine.pdbx_solvent_vdw_probe_radii             ? 
_refine.pdbx_solvent_ion_probe_radii             ? 
_refine.pdbx_solvent_shrinkage_radii             ? 
_refine.pdbx_ls_cross_valid_method               ? 
_refine.details                                  
'IN THE ACTIVE SITE, WE ARE ABLE TO SEE ONLY THE PHOSPHATE MOIETY OF CARBAMOYLPHOSPHATE' 
_refine.pdbx_starting_model                      ? 
_refine.pdbx_method_to_determine_struct          OTHER 
_refine.pdbx_isotropic_thermal_model             ? 
_refine.pdbx_stereochemistry_target_values       ? 
_refine.pdbx_stereochem_target_val_spec_case     ? 
_refine.pdbx_R_Free_selection_details            RANDOM 
_refine.pdbx_overall_ESU_R                       ? 
_refine.pdbx_overall_ESU_R_Free                  0.038 
_refine.overall_SU_ML                            0.029 
_refine.pdbx_overall_phase_error                 ? 
_refine.overall_SU_B                             0.595 
_refine.overall_SU_R_Cruickshank_DPI             ? 
_refine.pdbx_overall_SU_R_free_Cruickshank_DPI   ? 
_refine.pdbx_overall_SU_R_Blow_DPI               ? 
_refine.pdbx_overall_SU_R_free_Blow_DPI          ? 
# 
_refine_hist.pdbx_refine_id                   'X-RAY DIFFRACTION' 
_refine_hist.cycle_id                         LAST 
_refine_hist.pdbx_number_atoms_protein        710 
_refine_hist.pdbx_number_atoms_nucleic_acid   0 
_refine_hist.pdbx_number_atoms_ligand         5 
_refine_hist.number_atoms_solvent             109 
_refine_hist.number_atoms_total               824 
_refine_hist.d_res_high                       1.27 
_refine_hist.d_res_low                        10 
# 
_struct.entry_id                  1GXU 
_struct.title                     
;Hydrogenase Maturation Protein HypF "acylphosphatase-like" N-terminal domain (HypF-ACP) in complex with a substrate. Crystal grown in the presence of carbamoylphosphate
;
_struct.pdbx_model_details        ? 
_struct.pdbx_CASP_flag            ? 
_struct.pdbx_model_type_details   ? 
# 
_struct_keywords.entry_id        1GXU 
_struct_keywords.pdbx_keywords   PHOSPHATASE 
_struct_keywords.text            'PHOSPHATASE, ACYLPHOSPHATASES, HYDROGENASE MATURATIONS, FIBRIL FORMATION, ZINC-FINGER' 
# 
loop_
_struct_asym.id 
_struct_asym.pdbx_blank_PDB_chainid_flag 
_struct_asym.pdbx_modified 
_struct_asym.entity_id 
_struct_asym.details 
A N N 1 ? 
B N N 2 ? 
C N N 3 ? 
# 
_struct_ref.id                         1 
_struct_ref.db_name                    UNP 
_struct_ref.db_code                    HYPF_ECOLI 
_struct_ref.entity_id                  1 
_struct_ref.pdbx_seq_one_letter_code   ? 
_struct_ref.pdbx_align_begin           ? 
_struct_ref.pdbx_db_accession          P30131 
_struct_ref.pdbx_db_isoform            ? 
# 
_struct_ref_seq.align_id                      1 
_struct_ref_seq.ref_id                        1 
_struct_ref_seq.pdbx_PDB_id_code              1GXU 
_struct_ref_seq.pdbx_strand_id                A 
_struct_ref_seq.seq_align_beg                 1 
_struct_ref_seq.pdbx_seq_align_beg_ins_code   ? 
_struct_ref_seq.seq_align_end                 91 
_struct_ref_seq.pdbx_seq_align_end_ins_code   ? 
_struct_ref_seq.pdbx_db_accession             P30131 
_struct_ref_seq.db_align_beg                  1 
_struct_ref_seq.pdbx_db_align_beg_ins_code    ? 
_struct_ref_seq.db_align_end                  91 
_struct_ref_seq.pdbx_db_align_end_ins_code    ? 
_struct_ref_seq.pdbx_auth_seq_align_beg       1 
_struct_ref_seq.pdbx_auth_seq_align_end       91 
# 
_struct_ref_seq_dif.align_id                     1 
_struct_ref_seq_dif.pdbx_pdb_id_code             1GXU 
_struct_ref_seq_dif.mon_id                       ALA 
_struct_ref_seq_dif.pdbx_pdb_strand_id           A 
_struct_ref_seq_dif.seq_num                      83 
_struct_ref_seq_dif.pdbx_pdb_ins_code            ? 
_struct_ref_seq_dif.pdbx_seq_db_name             UNP 
_struct_ref_seq_dif.pdbx_seq_db_accession_code   P30131 
_struct_ref_seq_dif.db_mon_id                    GLN 
_struct_ref_seq_dif.pdbx_seq_db_seq_num          83 
_struct_ref_seq_dif.details                      conflict 
_struct_ref_seq_dif.pdbx_auth_seq_num            83 
_struct_ref_seq_dif.pdbx_ordinal                 1 
# 
_pdbx_struct_assembly.id                   1 
_pdbx_struct_assembly.details              author_and_software_defined_assembly 
_pdbx_struct_assembly.method_details       PQS 
_pdbx_struct_assembly.oligomeric_details   hexameric 
_pdbx_struct_assembly.oligomeric_count     6 
# 
_pdbx_struct_assembly_gen.assembly_id       1 
_pdbx_struct_assembly_gen.oper_expression   1,2,3,4,5,6 
_pdbx_struct_assembly_gen.asym_id_list      A,B,C 
# 
loop_
_pdbx_struct_oper_list.id 
_pdbx_struct_oper_list.type 
_pdbx_struct_oper_list.name 
_pdbx_struct_oper_list.symmetry_operation 
_pdbx_struct_oper_list.matrix[1][1] 
_pdbx_struct_oper_list.matrix[1][2] 
_pdbx_struct_oper_list.matrix[1][3] 
_pdbx_struct_oper_list.vector[1] 
_pdbx_struct_oper_list.matrix[2][1] 
_pdbx_struct_oper_list.matrix[2][2] 
_pdbx_struct_oper_list.matrix[2][3] 
_pdbx_struct_oper_list.vector[2] 
_pdbx_struct_oper_list.matrix[3][1] 
_pdbx_struct_oper_list.matrix[3][2] 
_pdbx_struct_oper_list.matrix[3][3] 
_pdbx_struct_oper_list.vector[3] 
1 'identity operation'         1_555 x,y,z        1.0000000000  0.0000000000  0.0000000000  0.0000000000   0.0000000000  1.0000000000  0.0000000000  0.0000000000   0.0000000000  0.0000000000  1.0000000000  0.0000000000   
2 'crystal symmetry operation' 2_555 -y,x-y,z     0.7606448703  -0.3915637116 0.5177810744  4.0363213763   -0.6361323813 -0.2905517874 0.7147833604  0.5024041930   -0.1294410090 -0.8730736044 -0.4700930829 -24.8761786607 
3 'crystal symmetry operation' 3_555 -x+y,-x,z    0.7606448703  -0.6361323813 -0.1294410090 -5.9706092395  -0.3915637116 -0.2905517874 -0.8730736044 -19.9922835499 0.5177810744  0.7147833604  -0.4700930829 -14.1431604937 
4 'crystal symmetry operation' 4_556 y,x,-z+1     -0.9070392803 0.3278795853  0.2641490516  -22.4625706502 0.3278795853  0.1564564350  0.9316739566  17.7723441960  0.2641490516  0.9316739566  -0.2494171547 -14.1550843693 
5 'crystal symmetry operation' 5_556 x-y,-y,-z+1  -0.9327013169 0.0292761031  -0.3594595433 -32.5299636091 0.0292761031  -0.9872643836 -0.1563711822 -4.0021118549  -0.3594595433 -0.1563711822 0.9199657005  -6.4162713025  
6 'crystal symmetry operation' 6_556 -x,-x+y,-z+1 -0.6815491434 0.6705404045  -0.2930295737 -27.3379576137 0.6705404045  0.4119115233  -0.6170125306 -0.4900323948  -0.2930295737 -0.6170125306 -0.7303623800 -30.8309582059 
# 
_struct_biol.id   1 
# 
loop_
_struct_conf.conf_type_id 
_struct_conf.id 
_struct_conf.pdbx_PDB_helix_id 
_struct_conf.beg_label_comp_id 
_struct_conf.beg_label_asym_id 
_struct_conf.beg_label_seq_id 
_struct_conf.pdbx_beg_PDB_ins_code 
_struct_conf.end_label_comp_id 
_struct_conf.end_label_asym_id 
_struct_conf.end_label_seq_id 
_struct_conf.pdbx_end_PDB_ins_code 
_struct_conf.beg_auth_comp_id 
_struct_conf.beg_auth_asym_id 
_struct_conf.beg_auth_seq_id 
_struct_conf.end_auth_comp_id 
_struct_conf.end_auth_asym_id 
_struct_conf.end_auth_seq_id 
_struct_conf.pdbx_PDB_helix_class 
_struct_conf.details 
_struct_conf.pdbx_PDB_helix_length 
HELX_P HELX_P1 1 GLY A 21 ? ASN A 34 ? GLY A 21 ASN A 34 1 ? 14 
HELX_P HELX_P2 2 PRO A 54 ? HIS A 64 ? PRO A 54 HIS A 64 1 ? 11 
# 
_struct_conf_type.id          HELX_P 
_struct_conf_type.criteria    ? 
_struct_conf_type.reference   ? 
# 
_struct_conn.id                            disulf1 
_struct_conn.conn_type_id                  disulf 
_struct_conn.pdbx_leaving_atom_flag        ? 
_struct_conn.pdbx_PDB_id                   ? 
_struct_conn.ptnr1_label_asym_id           A 
_struct_conn.ptnr1_label_comp_id           CYS 
_struct_conn.ptnr1_label_seq_id            7 
_struct_conn.ptnr1_label_atom_id           SG 
_struct_conn.pdbx_ptnr1_label_alt_id       A 
_struct_conn.pdbx_ptnr1_PDB_ins_code       ? 
_struct_conn.pdbx_ptnr1_standard_comp_id   ? 
_struct_conn.ptnr1_symmetry                1_555 
_struct_conn.ptnr2_label_asym_id           A 
_struct_conn.ptnr2_label_comp_id           CYS 
_struct_conn.ptnr2_label_seq_id            7 
_struct_conn.ptnr2_label_atom_id           SG 
_struct_conn.pdbx_ptnr2_label_alt_id       A 
_struct_conn.pdbx_ptnr2_PDB_ins_code       ? 
_struct_conn.ptnr1_auth_asym_id            A 
_struct_conn.ptnr1_auth_comp_id            CYS 
_struct_conn.ptnr1_auth_seq_id             7 
_struct_conn.ptnr2_auth_asym_id            A 
_struct_conn.ptnr2_auth_comp_id            CYS 
_struct_conn.ptnr2_auth_seq_id             7 
_struct_conn.ptnr2_symmetry                5_556 
_struct_conn.pdbx_ptnr3_label_atom_id      ? 
_struct_conn.pdbx_ptnr3_label_seq_id       ? 
_struct_conn.pdbx_ptnr3_label_comp_id      ? 
_struct_conn.pdbx_ptnr3_label_asym_id      ? 
_struct_conn.pdbx_ptnr3_label_alt_id       ? 
_struct_conn.pdbx_ptnr3_PDB_ins_code       ? 
_struct_conn.details                       ? 
_struct_conn.pdbx_dist_value               2.489 
_struct_conn.pdbx_value_order              ? 
_struct_conn.pdbx_role                     ? 
# 
_struct_conn_type.id          disulf 
_struct_conn_type.criteria    ? 
_struct_conn_type.reference   ? 
# 
_pdbx_modification_feature.ordinal                            1 
_pdbx_modification_feature.label_comp_id                      CYS 
_pdbx_modification_feature.label_asym_id                      A 
_pdbx_modification_feature.label_seq_id                       7 
_pdbx_modification_feature.label_alt_id                       A 
_pdbx_modification_feature.modified_residue_label_comp_id     CYS 
_pdbx_modification_feature.modified_residue_label_asym_id     A 
_pdbx_modification_feature.modified_residue_label_seq_id      7 
_pdbx_modification_feature.modified_residue_label_alt_id      A 
_pdbx_modification_feature.auth_comp_id                       CYS 
_pdbx_modification_feature.auth_asym_id                       A 
_pdbx_modification_feature.auth_seq_id                        7 
_pdbx_modification_feature.PDB_ins_code                       ? 
_pdbx_modification_feature.symmetry                           1_555 
_pdbx_modification_feature.modified_residue_auth_comp_id      CYS 
_pdbx_modification_feature.modified_residue_auth_asym_id      A 
_pdbx_modification_feature.modified_residue_auth_seq_id       7 
_pdbx_modification_feature.modified_residue_PDB_ins_code      ? 
_pdbx_modification_feature.modified_residue_symmetry          5_556 
_pdbx_modification_feature.comp_id_linking_atom               SG 
_pdbx_modification_feature.modified_residue_id_linking_atom   SG 
_pdbx_modification_feature.modified_residue_id                . 
_pdbx_modification_feature.ref_pcm_id                         . 
_pdbx_modification_feature.ref_comp_id                        . 
_pdbx_modification_feature.type                               None 
_pdbx_modification_feature.category                           'Disulfide bridge' 
# 
_struct_sheet.id               AA 
_struct_sheet.type             ? 
_struct_sheet.number_strands   5 
_struct_sheet.details          ? 
# 
loop_
_struct_sheet_order.sheet_id 
_struct_sheet_order.range_id_1 
_struct_sheet_order.range_id_2 
_struct_sheet_order.offset 
_struct_sheet_order.sense 
AA 1 2 ? anti-parallel 
AA 2 3 ? anti-parallel 
AA 3 4 ? anti-parallel 
AA 4 5 ? parallel      
# 
loop_
_struct_sheet_range.sheet_id 
_struct_sheet_range.id 
_struct_sheet_range.beg_label_comp_id 
_struct_sheet_range.beg_label_asym_id 
_struct_sheet_range.beg_label_seq_id 
_struct_sheet_range.pdbx_beg_PDB_ins_code 
_struct_sheet_range.end_label_comp_id 
_struct_sheet_range.end_label_asym_id 
_struct_sheet_range.end_label_seq_id 
_struct_sheet_range.pdbx_end_PDB_ins_code 
_struct_sheet_range.beg_auth_comp_id 
_struct_sheet_range.beg_auth_asym_id 
_struct_sheet_range.beg_auth_seq_id 
_struct_sheet_range.end_auth_comp_id 
_struct_sheet_range.end_auth_asym_id 
_struct_sheet_range.end_auth_seq_id 
AA 1 ARG A 70 ? TRP A 81 ? ARG A 70 TRP A 81 
AA 2 SER A 6  ? LYS A 16 ? SER A 6  LYS A 16 
AA 3 VAL A 46 ? LEU A 50 ? VAL A 46 LEU A 50 
AA 4 GLY A 37 ? ASN A 41 ? GLY A 37 ASN A 41 
AA 5 PHE A 88 ? ILE A 90 ? PHE A 88 ILE A 90 
# 
loop_
_pdbx_struct_sheet_hbond.sheet_id 
_pdbx_struct_sheet_hbond.range_id_1 
_pdbx_struct_sheet_hbond.range_id_2 
_pdbx_struct_sheet_hbond.range_1_label_atom_id 
_pdbx_struct_sheet_hbond.range_1_label_comp_id 
_pdbx_struct_sheet_hbond.range_1_label_asym_id 
_pdbx_struct_sheet_hbond.range_1_label_seq_id 
_pdbx_struct_sheet_hbond.range_1_PDB_ins_code 
_pdbx_struct_sheet_hbond.range_1_auth_atom_id 
_pdbx_struct_sheet_hbond.range_1_auth_comp_id 
_pdbx_struct_sheet_hbond.range_1_auth_asym_id 
_pdbx_struct_sheet_hbond.range_1_auth_seq_id 
_pdbx_struct_sheet_hbond.range_2_label_atom_id 
_pdbx_struct_sheet_hbond.range_2_label_comp_id 
_pdbx_struct_sheet_hbond.range_2_label_asym_id 
_pdbx_struct_sheet_hbond.range_2_label_seq_id 
_pdbx_struct_sheet_hbond.range_2_PDB_ins_code 
_pdbx_struct_sheet_hbond.range_2_auth_atom_id 
_pdbx_struct_sheet_hbond.range_2_auth_comp_id 
_pdbx_struct_sheet_hbond.range_2_auth_asym_id 
_pdbx_struct_sheet_hbond.range_2_auth_seq_id 
AA 1 2 N TRP A 81 ? N TRP A 81 O SER A 6  ? O SER A 6  
AA 2 3 N ILE A 13 ? N ILE A 13 O VAL A 46 ? O VAL A 46 
AA 3 4 N ARG A 49 ? N ARG A 49 O ASP A 38 ? O ASP A 38 
AA 4 5 N VAL A 39 ? N VAL A 39 O THR A 89 ? O THR A 89 
# 
_struct_site.id                   AC1 
_struct_site.pdbx_evidence_code   Software 
_struct_site.pdbx_auth_asym_id    ? 
_struct_site.pdbx_auth_comp_id    ? 
_struct_site.pdbx_auth_seq_id     ? 
_struct_site.pdbx_auth_ins_code   ? 
_struct_site.pdbx_num_residues    10 
_struct_site.details              'BINDING SITE FOR RESIDUE 2HP A1092' 
# 
loop_
_struct_site_gen.id 
_struct_site_gen.site_id 
_struct_site_gen.pdbx_num_res 
_struct_site_gen.label_comp_id 
_struct_site_gen.label_asym_id 
_struct_site_gen.label_seq_id 
_struct_site_gen.pdbx_auth_ins_code 
_struct_site_gen.auth_comp_id 
_struct_site_gen.auth_asym_id 
_struct_site_gen.auth_seq_id 
_struct_site_gen.label_atom_id 
_struct_site_gen.label_alt_id 
_struct_site_gen.symmetry 
_struct_site_gen.details 
1  AC1 10 GLN A 18 ? GLN A 18   . ? 1_555 ? 
2  AC1 10 GLY A 19 ? GLY A 19   . ? 1_555 ? 
3  AC1 10 VAL A 20 ? VAL A 20   . ? 1_555 ? 
4  AC1 10 GLY A 21 ? GLY A 21   . ? 1_555 ? 
5  AC1 10 PHE A 22 ? PHE A 22   . ? 1_555 ? 
6  AC1 10 ARG A 23 ? ARG A 23   . ? 1_555 ? 
7  AC1 10 PRO A 24 ? PRO A 24   . ? 1_555 ? 
8  AC1 10 HOH C .  ? HOH A 2019 . ? 1_555 ? 
9  AC1 10 HOH C .  ? HOH A 2108 . ? 1_555 ? 
10 AC1 10 HOH C .  ? HOH A 2109 . ? 1_555 ? 
# 
_pdbx_entry_details.entry_id                   1GXU 
_pdbx_entry_details.compound_details           ? 
_pdbx_entry_details.source_details             ? 
_pdbx_entry_details.nonpolymer_details         ? 
_pdbx_entry_details.sequence_details           ? 
_pdbx_entry_details.has_ligand_of_interest     ? 
_pdbx_entry_details.has_protein_modification   Y 
# 
loop_
_pdbx_validate_close_contact.id 
_pdbx_validate_close_contact.PDB_model_num 
_pdbx_validate_close_contact.auth_atom_id_1 
_pdbx_validate_close_contact.auth_asym_id_1 
_pdbx_validate_close_contact.auth_comp_id_1 
_pdbx_validate_close_contact.auth_seq_id_1 
_pdbx_validate_close_contact.PDB_ins_code_1 
_pdbx_validate_close_contact.label_alt_id_1 
_pdbx_validate_close_contact.auth_atom_id_2 
_pdbx_validate_close_contact.auth_asym_id_2 
_pdbx_validate_close_contact.auth_comp_id_2 
_pdbx_validate_close_contact.auth_seq_id_2 
_pdbx_validate_close_contact.PDB_ins_code_2 
_pdbx_validate_close_contact.label_alt_id_2 
_pdbx_validate_close_contact.dist 
1  1 O   A HOH 2031 ? ? O   A HOH 2078 ? ? 1.33 
2  1 N   A ASN 4    ? ? O   A HOH 2002 ? ? 1.64 
3  1 O   A HOH 2031 ? ? O   A HOH 2032 ? ? 1.90 
4  1 O   A CYS 7    ? A O   A HOH 2005 ? ? 1.94 
5  1 OE1 A GLN 32   ? ? O   A HOH 2038 ? ? 1.94 
6  1 OG  A SER 6    ? ? CD2 A LEU 84   ? ? 2.06 
7  1 NZ  A LYS 16   ? B O   A HOH 2016 ? ? 2.10 
8  1 NZ  A LYS 16   ? A O   A HOH 2017 ? ? 2.12 
9  1 OE1 A GLU 75   ? ? O   A HOH 2087 ? ? 2.17 
10 1 OE1 A GLN 28   ? ? O   A HOH 2034 ? ? 2.17 
# 
_pdbx_validate_rmsd_bond.id                        1 
_pdbx_validate_rmsd_bond.PDB_model_num             1 
_pdbx_validate_rmsd_bond.auth_atom_id_1            CB 
_pdbx_validate_rmsd_bond.auth_asym_id_1            A 
_pdbx_validate_rmsd_bond.auth_comp_id_1            CYS 
_pdbx_validate_rmsd_bond.auth_seq_id_1             65 
_pdbx_validate_rmsd_bond.PDB_ins_code_1            ? 
_pdbx_validate_rmsd_bond.label_alt_id_1            ? 
_pdbx_validate_rmsd_bond.auth_atom_id_2            SG 
_pdbx_validate_rmsd_bond.auth_asym_id_2            A 
_pdbx_validate_rmsd_bond.auth_comp_id_2            CYS 
_pdbx_validate_rmsd_bond.auth_seq_id_2             65 
_pdbx_validate_rmsd_bond.PDB_ins_code_2            ? 
_pdbx_validate_rmsd_bond.label_alt_id_2            ? 
_pdbx_validate_rmsd_bond.bond_value                1.709 
_pdbx_validate_rmsd_bond.bond_target_value         1.812 
_pdbx_validate_rmsd_bond.bond_deviation            -0.103 
_pdbx_validate_rmsd_bond.bond_standard_deviation   0.016 
_pdbx_validate_rmsd_bond.linker_flag               N 
# 
loop_
_pdbx_validate_rmsd_angle.id 
_pdbx_validate_rmsd_angle.PDB_model_num 
_pdbx_validate_rmsd_angle.auth_atom_id_1 
_pdbx_validate_rmsd_angle.auth_asym_id_1 
_pdbx_validate_rmsd_angle.auth_comp_id_1 
_pdbx_validate_rmsd_angle.auth_seq_id_1 
_pdbx_validate_rmsd_angle.PDB_ins_code_1 
_pdbx_validate_rmsd_angle.label_alt_id_1 
_pdbx_validate_rmsd_angle.auth_atom_id_2 
_pdbx_validate_rmsd_angle.auth_asym_id_2 
_pdbx_validate_rmsd_angle.auth_comp_id_2 
_pdbx_validate_rmsd_angle.auth_seq_id_2 
_pdbx_validate_rmsd_angle.PDB_ins_code_2 
_pdbx_validate_rmsd_angle.label_alt_id_2 
_pdbx_validate_rmsd_angle.auth_atom_id_3 
_pdbx_validate_rmsd_angle.auth_asym_id_3 
_pdbx_validate_rmsd_angle.auth_comp_id_3 
_pdbx_validate_rmsd_angle.auth_seq_id_3 
_pdbx_validate_rmsd_angle.PDB_ins_code_3 
_pdbx_validate_rmsd_angle.label_alt_id_3 
_pdbx_validate_rmsd_angle.angle_value 
_pdbx_validate_rmsd_angle.angle_target_value 
_pdbx_validate_rmsd_angle.angle_deviation 
_pdbx_validate_rmsd_angle.angle_standard_deviation 
_pdbx_validate_rmsd_angle.linker_flag 
1 1 CA  A CYS 7  ? B CB A CYS 7  ? B SG  A CYS 7  ? B 122.41 114.20 8.21   1.10 N 
2 1 CA  A CYS 40 ? ? CB A CYS 40 ? ? SG  A CYS 40 ? B 128.90 114.20 14.70  1.10 N 
3 1 OG1 A THR 89 ? B CB A THR 89 ? ? CG2 A THR 89 ? B 96.13  110.00 -13.87 2.30 N 
# 
_pdbx_validate_main_chain_plane.id                       1 
_pdbx_validate_main_chain_plane.PDB_model_num            1 
_pdbx_validate_main_chain_plane.auth_comp_id             CYS 
_pdbx_validate_main_chain_plane.auth_asym_id             A 
_pdbx_validate_main_chain_plane.auth_seq_id              7 
_pdbx_validate_main_chain_plane.PDB_ins_code             ? 
_pdbx_validate_main_chain_plane.label_alt_id             B 
_pdbx_validate_main_chain_plane.improper_torsion_angle   -11.85 
# 
_pdbx_struct_special_symmetry.id              1 
_pdbx_struct_special_symmetry.PDB_model_num   1 
_pdbx_struct_special_symmetry.auth_asym_id    A 
_pdbx_struct_special_symmetry.auth_comp_id    HOH 
_pdbx_struct_special_symmetry.auth_seq_id     2009 
_pdbx_struct_special_symmetry.PDB_ins_code    ? 
_pdbx_struct_special_symmetry.label_asym_id   C 
_pdbx_struct_special_symmetry.label_comp_id   HOH 
_pdbx_struct_special_symmetry.label_seq_id    . 
# 
loop_
_pdbx_unobs_or_zero_occ_residues.id 
_pdbx_unobs_or_zero_occ_residues.PDB_model_num 
_pdbx_unobs_or_zero_occ_residues.polymer_flag 
_pdbx_unobs_or_zero_occ_residues.occupancy_flag 
_pdbx_unobs_or_zero_occ_residues.auth_asym_id 
_pdbx_unobs_or_zero_occ_residues.auth_comp_id 
_pdbx_unobs_or_zero_occ_residues.auth_seq_id 
_pdbx_unobs_or_zero_occ_residues.PDB_ins_code 
_pdbx_unobs_or_zero_occ_residues.label_asym_id 
_pdbx_unobs_or_zero_occ_residues.label_comp_id 
_pdbx_unobs_or_zero_occ_residues.label_seq_id 
1 1 Y 1 A MET 1 ? A MET 1 
2 1 Y 1 A ALA 2 ? A ALA 2 
3 1 Y 1 A LYS 3 ? A LYS 3 
# 
loop_
_chem_comp_atom.comp_id 
_chem_comp_atom.atom_id 
_chem_comp_atom.type_symbol 
_chem_comp_atom.pdbx_aromatic_flag 
_chem_comp_atom.pdbx_stereo_config 
_chem_comp_atom.pdbx_ordinal 
2HP P    P N N 1   
2HP O1   O N N 2   
2HP O2   O N N 3   
2HP O3   O N N 4   
2HP O4   O N N 5   
2HP HO3  H N N 6   
2HP HO4  H N N 7   
ALA N    N N N 8   
ALA CA   C N S 9   
ALA C    C N N 10  
ALA O    O N N 11  
ALA CB   C N N 12  
ALA OXT  O N N 13  
ALA H    H N N 14  
ALA H2   H N N 15  
ALA HA   H N N 16  
ALA HB1  H N N 17  
ALA HB2  H N N 18  
ALA HB3  H N N 19  
ALA HXT  H N N 20  
ARG N    N N N 21  
ARG CA   C N S 22  
ARG C    C N N 23  
ARG O    O N N 24  
ARG CB   C N N 25  
ARG CG   C N N 26  
ARG CD   C N N 27  
ARG NE   N N N 28  
ARG CZ   C N N 29  
ARG NH1  N N N 30  
ARG NH2  N N N 31  
ARG OXT  O N N 32  
ARG H    H N N 33  
ARG H2   H N N 34  
ARG HA   H N N 35  
ARG HB2  H N N 36  
ARG HB3  H N N 37  
ARG HG2  H N N 38  
ARG HG3  H N N 39  
ARG HD2  H N N 40  
ARG HD3  H N N 41  
ARG HE   H N N 42  
ARG HH11 H N N 43  
ARG HH12 H N N 44  
ARG HH21 H N N 45  
ARG HH22 H N N 46  
ARG HXT  H N N 47  
ASN N    N N N 48  
ASN CA   C N S 49  
ASN C    C N N 50  
ASN O    O N N 51  
ASN CB   C N N 52  
ASN CG   C N N 53  
ASN OD1  O N N 54  
ASN ND2  N N N 55  
ASN OXT  O N N 56  
ASN H    H N N 57  
ASN H2   H N N 58  
ASN HA   H N N 59  
ASN HB2  H N N 60  
ASN HB3  H N N 61  
ASN HD21 H N N 62  
ASN HD22 H N N 63  
ASN HXT  H N N 64  
ASP N    N N N 65  
ASP CA   C N S 66  
ASP C    C N N 67  
ASP O    O N N 68  
ASP CB   C N N 69  
ASP CG   C N N 70  
ASP OD1  O N N 71  
ASP OD2  O N N 72  
ASP OXT  O N N 73  
ASP H    H N N 74  
ASP H2   H N N 75  
ASP HA   H N N 76  
ASP HB2  H N N 77  
ASP HB3  H N N 78  
ASP HD2  H N N 79  
ASP HXT  H N N 80  
CYS N    N N N 81  
CYS CA   C N R 82  
CYS C    C N N 83  
CYS O    O N N 84  
CYS CB   C N N 85  
CYS SG   S N N 86  
CYS OXT  O N N 87  
CYS H    H N N 88  
CYS H2   H N N 89  
CYS HA   H N N 90  
CYS HB2  H N N 91  
CYS HB3  H N N 92  
CYS HG   H N N 93  
CYS HXT  H N N 94  
GLN N    N N N 95  
GLN CA   C N S 96  
GLN C    C N N 97  
GLN O    O N N 98  
GLN CB   C N N 99  
GLN CG   C N N 100 
GLN CD   C N N 101 
GLN OE1  O N N 102 
GLN NE2  N N N 103 
GLN OXT  O N N 104 
GLN H    H N N 105 
GLN H2   H N N 106 
GLN HA   H N N 107 
GLN HB2  H N N 108 
GLN HB3  H N N 109 
GLN HG2  H N N 110 
GLN HG3  H N N 111 
GLN HE21 H N N 112 
GLN HE22 H N N 113 
GLN HXT  H N N 114 
GLU N    N N N 115 
GLU CA   C N S 116 
GLU C    C N N 117 
GLU O    O N N 118 
GLU CB   C N N 119 
GLU CG   C N N 120 
GLU CD   C N N 121 
GLU OE1  O N N 122 
GLU OE2  O N N 123 
GLU OXT  O N N 124 
GLU H    H N N 125 
GLU H2   H N N 126 
GLU HA   H N N 127 
GLU HB2  H N N 128 
GLU HB3  H N N 129 
GLU HG2  H N N 130 
GLU HG3  H N N 131 
GLU HE2  H N N 132 
GLU HXT  H N N 133 
GLY N    N N N 134 
GLY CA   C N N 135 
GLY C    C N N 136 
GLY O    O N N 137 
GLY OXT  O N N 138 
GLY H    H N N 139 
GLY H2   H N N 140 
GLY HA2  H N N 141 
GLY HA3  H N N 142 
GLY HXT  H N N 143 
HIS N    N N N 144 
HIS CA   C N S 145 
HIS C    C N N 146 
HIS O    O N N 147 
HIS CB   C N N 148 
HIS CG   C Y N 149 
HIS ND1  N Y N 150 
HIS CD2  C Y N 151 
HIS CE1  C Y N 152 
HIS NE2  N Y N 153 
HIS OXT  O N N 154 
HIS H    H N N 155 
HIS H2   H N N 156 
HIS HA   H N N 157 
HIS HB2  H N N 158 
HIS HB3  H N N 159 
HIS HD1  H N N 160 
HIS HD2  H N N 161 
HIS HE1  H N N 162 
HIS HE2  H N N 163 
HIS HXT  H N N 164 
HOH O    O N N 165 
HOH H1   H N N 166 
HOH H2   H N N 167 
ILE N    N N N 168 
ILE CA   C N S 169 
ILE C    C N N 170 
ILE O    O N N 171 
ILE CB   C N S 172 
ILE CG1  C N N 173 
ILE CG2  C N N 174 
ILE CD1  C N N 175 
ILE OXT  O N N 176 
ILE H    H N N 177 
ILE H2   H N N 178 
ILE HA   H N N 179 
ILE HB   H N N 180 
ILE HG12 H N N 181 
ILE HG13 H N N 182 
ILE HG21 H N N 183 
ILE HG22 H N N 184 
ILE HG23 H N N 185 
ILE HD11 H N N 186 
ILE HD12 H N N 187 
ILE HD13 H N N 188 
ILE HXT  H N N 189 
LEU N    N N N 190 
LEU CA   C N S 191 
LEU C    C N N 192 
LEU O    O N N 193 
LEU CB   C N N 194 
LEU CG   C N N 195 
LEU CD1  C N N 196 
LEU CD2  C N N 197 
LEU OXT  O N N 198 
LEU H    H N N 199 
LEU H2   H N N 200 
LEU HA   H N N 201 
LEU HB2  H N N 202 
LEU HB3  H N N 203 
LEU HG   H N N 204 
LEU HD11 H N N 205 
LEU HD12 H N N 206 
LEU HD13 H N N 207 
LEU HD21 H N N 208 
LEU HD22 H N N 209 
LEU HD23 H N N 210 
LEU HXT  H N N 211 
LYS N    N N N 212 
LYS CA   C N S 213 
LYS C    C N N 214 
LYS O    O N N 215 
LYS CB   C N N 216 
LYS CG   C N N 217 
LYS CD   C N N 218 
LYS CE   C N N 219 
LYS NZ   N N N 220 
LYS OXT  O N N 221 
LYS H    H N N 222 
LYS H2   H N N 223 
LYS HA   H N N 224 
LYS HB2  H N N 225 
LYS HB3  H N N 226 
LYS HG2  H N N 227 
LYS HG3  H N N 228 
LYS HD2  H N N 229 
LYS HD3  H N N 230 
LYS HE2  H N N 231 
LYS HE3  H N N 232 
LYS HZ1  H N N 233 
LYS HZ2  H N N 234 
LYS HZ3  H N N 235 
LYS HXT  H N N 236 
MET N    N N N 237 
MET CA   C N S 238 
MET C    C N N 239 
MET O    O N N 240 
MET CB   C N N 241 
MET CG   C N N 242 
MET SD   S N N 243 
MET CE   C N N 244 
MET OXT  O N N 245 
MET H    H N N 246 
MET H2   H N N 247 
MET HA   H N N 248 
MET HB2  H N N 249 
MET HB3  H N N 250 
MET HG2  H N N 251 
MET HG3  H N N 252 
MET HE1  H N N 253 
MET HE2  H N N 254 
MET HE3  H N N 255 
MET HXT  H N N 256 
PHE N    N N N 257 
PHE CA   C N S 258 
PHE C    C N N 259 
PHE O    O N N 260 
PHE CB   C N N 261 
PHE CG   C Y N 262 
PHE CD1  C Y N 263 
PHE CD2  C Y N 264 
PHE CE1  C Y N 265 
PHE CE2  C Y N 266 
PHE CZ   C Y N 267 
PHE OXT  O N N 268 
PHE H    H N N 269 
PHE H2   H N N 270 
PHE HA   H N N 271 
PHE HB2  H N N 272 
PHE HB3  H N N 273 
PHE HD1  H N N 274 
PHE HD2  H N N 275 
PHE HE1  H N N 276 
PHE HE2  H N N 277 
PHE HZ   H N N 278 
PHE HXT  H N N 279 
PRO N    N N N 280 
PRO CA   C N S 281 
PRO C    C N N 282 
PRO O    O N N 283 
PRO CB   C N N 284 
PRO CG   C N N 285 
PRO CD   C N N 286 
PRO OXT  O N N 287 
PRO H    H N N 288 
PRO HA   H N N 289 
PRO HB2  H N N 290 
PRO HB3  H N N 291 
PRO HG2  H N N 292 
PRO HG3  H N N 293 
PRO HD2  H N N 294 
PRO HD3  H N N 295 
PRO HXT  H N N 296 
SER N    N N N 297 
SER CA   C N S 298 
SER C    C N N 299 
SER O    O N N 300 
SER CB   C N N 301 
SER OG   O N N 302 
SER OXT  O N N 303 
SER H    H N N 304 
SER H2   H N N 305 
SER HA   H N N 306 
SER HB2  H N N 307 
SER HB3  H N N 308 
SER HG   H N N 309 
SER HXT  H N N 310 
THR N    N N N 311 
THR CA   C N S 312 
THR C    C N N 313 
THR O    O N N 314 
THR CB   C N R 315 
THR OG1  O N N 316 
THR CG2  C N N 317 
THR OXT  O N N 318 
THR H    H N N 319 
THR H2   H N N 320 
THR HA   H N N 321 
THR HB   H N N 322 
THR HG1  H N N 323 
THR HG21 H N N 324 
THR HG22 H N N 325 
THR HG23 H N N 326 
THR HXT  H N N 327 
TRP N    N N N 328 
TRP CA   C N S 329 
TRP C    C N N 330 
TRP O    O N N 331 
TRP CB   C N N 332 
TRP CG   C Y N 333 
TRP CD1  C Y N 334 
TRP CD2  C Y N 335 
TRP NE1  N Y N 336 
TRP CE2  C Y N 337 
TRP CE3  C Y N 338 
TRP CZ2  C Y N 339 
TRP CZ3  C Y N 340 
TRP CH2  C Y N 341 
TRP OXT  O N N 342 
TRP H    H N N 343 
TRP H2   H N N 344 
TRP HA   H N N 345 
TRP HB2  H N N 346 
TRP HB3  H N N 347 
TRP HD1  H N N 348 
TRP HE1  H N N 349 
TRP HE3  H N N 350 
TRP HZ2  H N N 351 
TRP HZ3  H N N 352 
TRP HH2  H N N 353 
TRP HXT  H N N 354 
TYR N    N N N 355 
TYR CA   C N S 356 
TYR C    C N N 357 
TYR O    O N N 358 
TYR CB   C N N 359 
TYR CG   C Y N 360 
TYR CD1  C Y N 361 
TYR CD2  C Y N 362 
TYR CE1  C Y N 363 
TYR CE2  C Y N 364 
TYR CZ   C Y N 365 
TYR OH   O N N 366 
TYR OXT  O N N 367 
TYR H    H N N 368 
TYR H2   H N N 369 
TYR HA   H N N 370 
TYR HB2  H N N 371 
TYR HB3  H N N 372 
TYR HD1  H N N 373 
TYR HD2  H N N 374 
TYR HE1  H N N 375 
TYR HE2  H N N 376 
TYR HH   H N N 377 
TYR HXT  H N N 378 
VAL N    N N N 379 
VAL CA   C N S 380 
VAL C    C N N 381 
VAL O    O N N 382 
VAL CB   C N N 383 
VAL CG1  C N N 384 
VAL CG2  C N N 385 
VAL OXT  O N N 386 
VAL H    H N N 387 
VAL H2   H N N 388 
VAL HA   H N N 389 
VAL HB   H N N 390 
VAL HG11 H N N 391 
VAL HG12 H N N 392 
VAL HG13 H N N 393 
VAL HG21 H N N 394 
VAL HG22 H N N 395 
VAL HG23 H N N 396 
VAL HXT  H N N 397 
# 
loop_
_chem_comp_bond.comp_id 
_chem_comp_bond.atom_id_1 
_chem_comp_bond.atom_id_2 
_chem_comp_bond.value_order 
_chem_comp_bond.pdbx_aromatic_flag 
_chem_comp_bond.pdbx_stereo_config 
_chem_comp_bond.pdbx_ordinal 
2HP P   O1   doub N N 1   
2HP P   O2   sing N N 2   
2HP P   O3   sing N N 3   
2HP P   O4   sing N N 4   
2HP O3  HO3  sing N N 5   
2HP O4  HO4  sing N N 6   
ALA N   CA   sing N N 7   
ALA N   H    sing N N 8   
ALA N   H2   sing N N 9   
ALA CA  C    sing N N 10  
ALA CA  CB   sing N N 11  
ALA CA  HA   sing N N 12  
ALA C   O    doub N N 13  
ALA C   OXT  sing N N 14  
ALA CB  HB1  sing N N 15  
ALA CB  HB2  sing N N 16  
ALA CB  HB3  sing N N 17  
ALA OXT HXT  sing N N 18  
ARG N   CA   sing N N 19  
ARG N   H    sing N N 20  
ARG N   H2   sing N N 21  
ARG CA  C    sing N N 22  
ARG CA  CB   sing N N 23  
ARG CA  HA   sing N N 24  
ARG C   O    doub N N 25  
ARG C   OXT  sing N N 26  
ARG CB  CG   sing N N 27  
ARG CB  HB2  sing N N 28  
ARG CB  HB3  sing N N 29  
ARG CG  CD   sing N N 30  
ARG CG  HG2  sing N N 31  
ARG CG  HG3  sing N N 32  
ARG CD  NE   sing N N 33  
ARG CD  HD2  sing N N 34  
ARG CD  HD3  sing N N 35  
ARG NE  CZ   sing N N 36  
ARG NE  HE   sing N N 37  
ARG CZ  NH1  sing N N 38  
ARG CZ  NH2  doub N N 39  
ARG NH1 HH11 sing N N 40  
ARG NH1 HH12 sing N N 41  
ARG NH2 HH21 sing N N 42  
ARG NH2 HH22 sing N N 43  
ARG OXT HXT  sing N N 44  
ASN N   CA   sing N N 45  
ASN N   H    sing N N 46  
ASN N   H2   sing N N 47  
ASN CA  C    sing N N 48  
ASN CA  CB   sing N N 49  
ASN CA  HA   sing N N 50  
ASN C   O    doub N N 51  
ASN C   OXT  sing N N 52  
ASN CB  CG   sing N N 53  
ASN CB  HB2  sing N N 54  
ASN CB  HB3  sing N N 55  
ASN CG  OD1  doub N N 56  
ASN CG  ND2  sing N N 57  
ASN ND2 HD21 sing N N 58  
ASN ND2 HD22 sing N N 59  
ASN OXT HXT  sing N N 60  
ASP N   CA   sing N N 61  
ASP N   H    sing N N 62  
ASP N   H2   sing N N 63  
ASP CA  C    sing N N 64  
ASP CA  CB   sing N N 65  
ASP CA  HA   sing N N 66  
ASP C   O    doub N N 67  
ASP C   OXT  sing N N 68  
ASP CB  CG   sing N N 69  
ASP CB  HB2  sing N N 70  
ASP CB  HB3  sing N N 71  
ASP CG  OD1  doub N N 72  
ASP CG  OD2  sing N N 73  
ASP OD2 HD2  sing N N 74  
ASP OXT HXT  sing N N 75  
CYS N   CA   sing N N 76  
CYS N   H    sing N N 77  
CYS N   H2   sing N N 78  
CYS CA  C    sing N N 79  
CYS CA  CB   sing N N 80  
CYS CA  HA   sing N N 81  
CYS C   O    doub N N 82  
CYS C   OXT  sing N N 83  
CYS CB  SG   sing N N 84  
CYS CB  HB2  sing N N 85  
CYS CB  HB3  sing N N 86  
CYS SG  HG   sing N N 87  
CYS OXT HXT  sing N N 88  
GLN N   CA   sing N N 89  
GLN N   H    sing N N 90  
GLN N   H2   sing N N 91  
GLN CA  C    sing N N 92  
GLN CA  CB   sing N N 93  
GLN CA  HA   sing N N 94  
GLN C   O    doub N N 95  
GLN C   OXT  sing N N 96  
GLN CB  CG   sing N N 97  
GLN CB  HB2  sing N N 98  
GLN CB  HB3  sing N N 99  
GLN CG  CD   sing N N 100 
GLN CG  HG2  sing N N 101 
GLN CG  HG3  sing N N 102 
GLN CD  OE1  doub N N 103 
GLN CD  NE2  sing N N 104 
GLN NE2 HE21 sing N N 105 
GLN NE2 HE22 sing N N 106 
GLN OXT HXT  sing N N 107 
GLU N   CA   sing N N 108 
GLU N   H    sing N N 109 
GLU N   H2   sing N N 110 
GLU CA  C    sing N N 111 
GLU CA  CB   sing N N 112 
GLU CA  HA   sing N N 113 
GLU C   O    doub N N 114 
GLU C   OXT  sing N N 115 
GLU CB  CG   sing N N 116 
GLU CB  HB2  sing N N 117 
GLU CB  HB3  sing N N 118 
GLU CG  CD   sing N N 119 
GLU CG  HG2  sing N N 120 
GLU CG  HG3  sing N N 121 
GLU CD  OE1  doub N N 122 
GLU CD  OE2  sing N N 123 
GLU OE2 HE2  sing N N 124 
GLU OXT HXT  sing N N 125 
GLY N   CA   sing N N 126 
GLY N   H    sing N N 127 
GLY N   H2   sing N N 128 
GLY CA  C    sing N N 129 
GLY CA  HA2  sing N N 130 
GLY CA  HA3  sing N N 131 
GLY C   O    doub N N 132 
GLY C   OXT  sing N N 133 
GLY OXT HXT  sing N N 134 
HIS N   CA   sing N N 135 
HIS N   H    sing N N 136 
HIS N   H2   sing N N 137 
HIS CA  C    sing N N 138 
HIS CA  CB   sing N N 139 
HIS CA  HA   sing N N 140 
HIS C   O    doub N N 141 
HIS C   OXT  sing N N 142 
HIS CB  CG   sing N N 143 
HIS CB  HB2  sing N N 144 
HIS CB  HB3  sing N N 145 
HIS CG  ND1  sing Y N 146 
HIS CG  CD2  doub Y N 147 
HIS ND1 CE1  doub Y N 148 
HIS ND1 HD1  sing N N 149 
HIS CD2 NE2  sing Y N 150 
HIS CD2 HD2  sing N N 151 
HIS CE1 NE2  sing Y N 152 
HIS CE1 HE1  sing N N 153 
HIS NE2 HE2  sing N N 154 
HIS OXT HXT  sing N N 155 
HOH O   H1   sing N N 156 
HOH O   H2   sing N N 157 
ILE N   CA   sing N N 158 
ILE N   H    sing N N 159 
ILE N   H2   sing N N 160 
ILE CA  C    sing N N 161 
ILE CA  CB   sing N N 162 
ILE CA  HA   sing N N 163 
ILE C   O    doub N N 164 
ILE C   OXT  sing N N 165 
ILE CB  CG1  sing N N 166 
ILE CB  CG2  sing N N 167 
ILE CB  HB   sing N N 168 
ILE CG1 CD1  sing N N 169 
ILE CG1 HG12 sing N N 170 
ILE CG1 HG13 sing N N 171 
ILE CG2 HG21 sing N N 172 
ILE CG2 HG22 sing N N 173 
ILE CG2 HG23 sing N N 174 
ILE CD1 HD11 sing N N 175 
ILE CD1 HD12 sing N N 176 
ILE CD1 HD13 sing N N 177 
ILE OXT HXT  sing N N 178 
LEU N   CA   sing N N 179 
LEU N   H    sing N N 180 
LEU N   H2   sing N N 181 
LEU CA  C    sing N N 182 
LEU CA  CB   sing N N 183 
LEU CA  HA   sing N N 184 
LEU C   O    doub N N 185 
LEU C   OXT  sing N N 186 
LEU CB  CG   sing N N 187 
LEU CB  HB2  sing N N 188 
LEU CB  HB3  sing N N 189 
LEU CG  CD1  sing N N 190 
LEU CG  CD2  sing N N 191 
LEU CG  HG   sing N N 192 
LEU CD1 HD11 sing N N 193 
LEU CD1 HD12 sing N N 194 
LEU CD1 HD13 sing N N 195 
LEU CD2 HD21 sing N N 196 
LEU CD2 HD22 sing N N 197 
LEU CD2 HD23 sing N N 198 
LEU OXT HXT  sing N N 199 
LYS N   CA   sing N N 200 
LYS N   H    sing N N 201 
LYS N   H2   sing N N 202 
LYS CA  C    sing N N 203 
LYS CA  CB   sing N N 204 
LYS CA  HA   sing N N 205 
LYS C   O    doub N N 206 
LYS C   OXT  sing N N 207 
LYS CB  CG   sing N N 208 
LYS CB  HB2  sing N N 209 
LYS CB  HB3  sing N N 210 
LYS CG  CD   sing N N 211 
LYS CG  HG2  sing N N 212 
LYS CG  HG3  sing N N 213 
LYS CD  CE   sing N N 214 
LYS CD  HD2  sing N N 215 
LYS CD  HD3  sing N N 216 
LYS CE  NZ   sing N N 217 
LYS CE  HE2  sing N N 218 
LYS CE  HE3  sing N N 219 
LYS NZ  HZ1  sing N N 220 
LYS NZ  HZ2  sing N N 221 
LYS NZ  HZ3  sing N N 222 
LYS OXT HXT  sing N N 223 
MET N   CA   sing N N 224 
MET N   H    sing N N 225 
MET N   H2   sing N N 226 
MET CA  C    sing N N 227 
MET CA  CB   sing N N 228 
MET CA  HA   sing N N 229 
MET C   O    doub N N 230 
MET C   OXT  sing N N 231 
MET CB  CG   sing N N 232 
MET CB  HB2  sing N N 233 
MET CB  HB3  sing N N 234 
MET CG  SD   sing N N 235 
MET CG  HG2  sing N N 236 
MET CG  HG3  sing N N 237 
MET SD  CE   sing N N 238 
MET CE  HE1  sing N N 239 
MET CE  HE2  sing N N 240 
MET CE  HE3  sing N N 241 
MET OXT HXT  sing N N 242 
PHE N   CA   sing N N 243 
PHE N   H    sing N N 244 
PHE N   H2   sing N N 245 
PHE CA  C    sing N N 246 
PHE CA  CB   sing N N 247 
PHE CA  HA   sing N N 248 
PHE C   O    doub N N 249 
PHE C   OXT  sing N N 250 
PHE CB  CG   sing N N 251 
PHE CB  HB2  sing N N 252 
PHE CB  HB3  sing N N 253 
PHE CG  CD1  doub Y N 254 
PHE CG  CD2  sing Y N 255 
PHE CD1 CE1  sing Y N 256 
PHE CD1 HD1  sing N N 257 
PHE CD2 CE2  doub Y N 258 
PHE CD2 HD2  sing N N 259 
PHE CE1 CZ   doub Y N 260 
PHE CE1 HE1  sing N N 261 
PHE CE2 CZ   sing Y N 262 
PHE CE2 HE2  sing N N 263 
PHE CZ  HZ   sing N N 264 
PHE OXT HXT  sing N N 265 
PRO N   CA   sing N N 266 
PRO N   CD   sing N N 267 
PRO N   H    sing N N 268 
PRO CA  C    sing N N 269 
PRO CA  CB   sing N N 270 
PRO CA  HA   sing N N 271 
PRO C   O    doub N N 272 
PRO C   OXT  sing N N 273 
PRO CB  CG   sing N N 274 
PRO CB  HB2  sing N N 275 
PRO CB  HB3  sing N N 276 
PRO CG  CD   sing N N 277 
PRO CG  HG2  sing N N 278 
PRO CG  HG3  sing N N 279 
PRO CD  HD2  sing N N 280 
PRO CD  HD3  sing N N 281 
PRO OXT HXT  sing N N 282 
SER N   CA   sing N N 283 
SER N   H    sing N N 284 
SER N   H2   sing N N 285 
SER CA  C    sing N N 286 
SER CA  CB   sing N N 287 
SER CA  HA   sing N N 288 
SER C   O    doub N N 289 
SER C   OXT  sing N N 290 
SER CB  OG   sing N N 291 
SER CB  HB2  sing N N 292 
SER CB  HB3  sing N N 293 
SER OG  HG   sing N N 294 
SER OXT HXT  sing N N 295 
THR N   CA   sing N N 296 
THR N   H    sing N N 297 
THR N   H2   sing N N 298 
THR CA  C    sing N N 299 
THR CA  CB   sing N N 300 
THR CA  HA   sing N N 301 
THR C   O    doub N N 302 
THR C   OXT  sing N N 303 
THR CB  OG1  sing N N 304 
THR CB  CG2  sing N N 305 
THR CB  HB   sing N N 306 
THR OG1 HG1  sing N N 307 
THR CG2 HG21 sing N N 308 
THR CG2 HG22 sing N N 309 
THR CG2 HG23 sing N N 310 
THR OXT HXT  sing N N 311 
TRP N   CA   sing N N 312 
TRP N   H    sing N N 313 
TRP N   H2   sing N N 314 
TRP CA  C    sing N N 315 
TRP CA  CB   sing N N 316 
TRP CA  HA   sing N N 317 
TRP C   O    doub N N 318 
TRP C   OXT  sing N N 319 
TRP CB  CG   sing N N 320 
TRP CB  HB2  sing N N 321 
TRP CB  HB3  sing N N 322 
TRP CG  CD1  doub Y N 323 
TRP CG  CD2  sing Y N 324 
TRP CD1 NE1  sing Y N 325 
TRP CD1 HD1  sing N N 326 
TRP CD2 CE2  doub Y N 327 
TRP CD2 CE3  sing Y N 328 
TRP NE1 CE2  sing Y N 329 
TRP NE1 HE1  sing N N 330 
TRP CE2 CZ2  sing Y N 331 
TRP CE3 CZ3  doub Y N 332 
TRP CE3 HE3  sing N N 333 
TRP CZ2 CH2  doub Y N 334 
TRP CZ2 HZ2  sing N N 335 
TRP CZ3 CH2  sing Y N 336 
TRP CZ3 HZ3  sing N N 337 
TRP CH2 HH2  sing N N 338 
TRP OXT HXT  sing N N 339 
TYR N   CA   sing N N 340 
TYR N   H    sing N N 341 
TYR N   H2   sing N N 342 
TYR CA  C    sing N N 343 
TYR CA  CB   sing N N 344 
TYR CA  HA   sing N N 345 
TYR C   O    doub N N 346 
TYR C   OXT  sing N N 347 
TYR CB  CG   sing N N 348 
TYR CB  HB2  sing N N 349 
TYR CB  HB3  sing N N 350 
TYR CG  CD1  doub Y N 351 
TYR CG  CD2  sing Y N 352 
TYR CD1 CE1  sing Y N 353 
TYR CD1 HD1  sing N N 354 
TYR CD2 CE2  doub Y N 355 
TYR CD2 HD2  sing N N 356 
TYR CE1 CZ   doub Y N 357 
TYR CE1 HE1  sing N N 358 
TYR CE2 CZ   sing Y N 359 
TYR CE2 HE2  sing N N 360 
TYR CZ  OH   sing N N 361 
TYR OH  HH   sing N N 362 
TYR OXT HXT  sing N N 363 
VAL N   CA   sing N N 364 
VAL N   H    sing N N 365 
VAL N   H2   sing N N 366 
VAL CA  C    sing N N 367 
VAL CA  CB   sing N N 368 
VAL CA  HA   sing N N 369 
VAL C   O    doub N N 370 
VAL C   OXT  sing N N 371 
VAL CB  CG1  sing N N 372 
VAL CB  CG2  sing N N 373 
VAL CB  HB   sing N N 374 
VAL CG1 HG11 sing N N 375 
VAL CG1 HG12 sing N N 376 
VAL CG1 HG13 sing N N 377 
VAL CG2 HG21 sing N N 378 
VAL CG2 HG22 sing N N 379 
VAL CG2 HG23 sing N N 380 
VAL OXT HXT  sing N N 381 
# 
_atom_sites.entry_id                    1GXU 
_atom_sites.fract_transf_matrix[1][1]   0.00036955 
_atom_sites.fract_transf_matrix[1][2]   0.00782366 
_atom_sites.fract_transf_matrix[1][3]   0.01830510 
_atom_sites.fract_transf_matrix[2][1]   0.00706548 
_atom_sites.fract_transf_matrix[2][2]   0.01840018 
_atom_sites.fract_transf_matrix[2][3]   0.00282141 
_atom_sites.fract_transf_matrix[3][1]   -0.00586078 
_atom_sites.fract_transf_matrix[3][2]   0.00238890 
_atom_sites.fract_transf_matrix[3][3]   -0.00090270 
_atom_sites.fract_transf_vector[1]      0.289150 
_atom_sites.fract_transf_vector[2]      0.160791 
_atom_sites.fract_transf_vector[3]      0.406536 
# 
loop_
_atom_type.symbol 
C 
N 
O 
P 
S 
# 
loop_
_atom_site.group_PDB 
_atom_site.id 
_atom_site.type_symbol 
_atom_site.label_atom_id 
_atom_site.label_alt_id 
_atom_site.label_comp_id 
_atom_site.label_asym_id 
_atom_site.label_entity_id 
_atom_site.label_seq_id 
_atom_site.pdbx_PDB_ins_code 
_atom_site.Cartn_x 
_atom_site.Cartn_y 
_atom_site.Cartn_z 
_atom_site.occupancy 
_atom_site.B_iso_or_equiv 
_atom_site.pdbx_formal_charge 
_atom_site.auth_seq_id 
_atom_site.auth_comp_id 
_atom_site.auth_asym_id 
_atom_site.auth_atom_id 
_atom_site.pdbx_PDB_model_num 
ATOM   1   N N   . ASN A 1 4  ? -18.727 11.076  1.401   1.00   46.32 ? 4    ASN A N   1 
ATOM   2   C CA  . ASN A 1 4  ? -19.241 9.861   2.078   1.00   40.52 ? 4    ASN A CA  1 
ATOM   3   C C   . ASN A 1 4  ? -18.456 8.597   1.717   1.00   37.40 ? 4    ASN A C   1 
ATOM   4   O O   . ASN A 1 4  ? -17.237 8.627   1.466   1.00   35.39 ? 4    ASN A O   1 
ATOM   5   C CB  . ASN A 1 4  ? -20.748 9.681   1.807   1.00   37.99 ? 4    ASN A CB  1 
ATOM   6   C CG  . ASN A 1 4  ? -21.163 10.189  0.428   1.00   45.62 ? 4    ASN A CG  1 
ATOM   7   O OD1 . ASN A 1 4  ? -20.513 11.068  -0.153  1.00   51.60 ? 4    ASN A OD1 1 
ATOM   8   N ND2 . ASN A 1 4  ? -22.205 9.588   -0.133  1.00   58.51 ? 4    ASN A ND2 1 
ATOM   9   N N   . THR A 1 5  ? -19.137 7.462   1.758   1.00   34.54 ? 5    THR A N   1 
ATOM   10  C CA  . THR A 1 5  ? -18.441 6.190   1.571   1.00   32.27 ? 5    THR A CA  1 
ATOM   11  C C   . THR A 1 5  ? -18.107 5.789   0.132   1.00   31.81 ? 5    THR A C   1 
ATOM   12  O O   . THR A 1 5  ? -18.796 6.161   -0.828  1.00   36.89 ? 5    THR A O   1 
ATOM   13  C CB  . THR A 1 5  ? -19.211 5.059   2.266   1.00   33.31 ? 5    THR A CB  1 
ATOM   14  O OG1 . THR A 1 5  ? -20.455 4.848   1.616   1.00   38.37 ? 5    THR A OG1 1 
ATOM   15  C CG2 . THR A 1 5  ? -19.570 5.421   3.686   1.00   37.60 ? 5    THR A CG2 1 
ATOM   16  N N   . SER A 1 6  ? -17.080 4.952   -0.003  1.00   28.08 ? 6    SER A N   1 
ATOM   17  C CA  . SER A 1 6  ? -16.634 4.476   -1.315  1.00   27.36 ? 6    SER A CA  1 
ATOM   18  C C   . SER A 1 6  ? -15.905 3.133   -1.151  1.00   26.49 ? 6    SER A C   1 
ATOM   19  O O   . SER A 1 6  ? -15.385 2.860   -0.067  1.00   23.65 ? 6    SER A O   1 
ATOM   20  C CB  . SER A 1 6  ? -15.705 5.514   -1.958  1.00   33.24 ? 6    SER A CB  1 
ATOM   21  O OG  . SER A 1 6  ? -14.539 5.690   -1.150  0.0000 14.99 ? 6    SER A OG  1 
ATOM   22  N N   A CYS A 1 7  ? -15.855 2.365   -2.233  0.50   25.37 ? 7    CYS A N   1 
ATOM   23  N N   B CYS A 1 7  ? -15.914 2.274   -2.178  0.50   27.79 ? 7    CYS A N   1 
ATOM   24  C CA  A CYS A 1 7  ? -15.175 1.067   -2.249  0.50   24.87 ? 7    CYS A CA  1 
ATOM   25  C CA  B CYS A 1 7  ? -15.222 0.966   -2.070  0.50   25.84 ? 7    CYS A CA  1 
ATOM   26  C C   A CYS A 1 7  ? -13.677 1.300   -2.310  0.50   27.51 ? 7    CYS A C   1 
ATOM   27  C C   B CYS A 1 7  ? -13.691 1.126   -2.399  0.50   29.16 ? 7    CYS A C   1 
ATOM   28  O O   A CYS A 1 7  ? -13.286 2.264   -2.985  0.50   27.12 ? 7    CYS A O   1 
ATOM   29  O O   B CYS A 1 7  ? -13.303 1.208   -3.574  0.50   30.37 ? 7    CYS A O   1 
ATOM   30  C CB  A CYS A 1 7  ? -15.547 0.343   -3.526  0.50   22.65 ? 7    CYS A CB  1 
ATOM   31  C CB  B CYS A 1 7  ? -15.944 -0.181  -2.870  0.50   30.92 ? 7    CYS A CB  1 
ATOM   32  S SG  A CYS A 1 7  ? -15.115 -1.392  -3.363  0.50   30.05 ? 7    CYS A SG  1 
ATOM   33  S SG  B CYS A 1 7  ? -16.427 -1.812  -2.076  0.50   28.92 ? 7    CYS A SG  1 
ATOM   34  N N   . GLY A 1 8  ? -12.950 0.679   -1.407  1.00   20.99 ? 8    GLY A N   1 
ATOM   35  C CA  . GLY A 1 8  ? -11.506 0.722   -1.388  1.00   22.06 ? 8    GLY A CA  1 
ATOM   36  C C   . GLY A 1 8  ? -10.907 -0.671  -1.465  1.00   18.12 ? 8    GLY A C   1 
ATOM   37  O O   . GLY A 1 8  ? -11.617 -1.679  -1.436  1.00   20.14 ? 8    GLY A O   1 
ATOM   38  N N   . VAL A 1 9  ? -9.595  -0.721  -1.441  1.00   15.53 ? 9    VAL A N   1 
ATOM   39  C CA  . VAL A 1 9  ? -8.895  -1.970  -1.379  1.00   15.00 ? 9    VAL A CA  1 
ATOM   40  C C   . VAL A 1 9  ? -7.822  -1.871  -0.309  1.00   14.56 ? 9    VAL A C   1 
ATOM   41  O O   . VAL A 1 9  ? -7.167  -0.841  -0.168  1.00   15.72 ? 9    VAL A O   1 
ATOM   42  C CB  . VAL A 1 9  ? -8.274  -2.393  -2.710  1.00   16.48 ? 9    VAL A CB  1 
ATOM   43  C CG1 . VAL A 1 9  ? -7.282  -1.428  -3.168  1.00   19.37 ? 9    VAL A CG1 1 
ATOM   44  C CG2 . VAL A 1 9  ? -7.714  -3.791  -2.632  1.00   19.53 ? 9    VAL A CG2 1 
ATOM   45  N N   . GLN A 1 10 ? -7.700  -2.936  0.479   1.00   15.19 ? 10   GLN A N   1 
ATOM   46  C CA  . GLN A 1 10 ? -6.631  -3.062  1.442   1.00   15.97 ? 10   GLN A CA  1 
ATOM   47  C C   . GLN A 1 10 ? -5.692  -4.163  0.993   1.00   14.36 ? 10   GLN A C   1 
ATOM   48  O O   . GLN A 1 10 ? -6.123  -5.278  0.682   1.00   17.29 ? 10   GLN A O   1 
ATOM   49  C CB  . GLN A 1 10 ? -7.189  -3.385  2.817   1.00   21.80 ? 10   GLN A CB  1 
ATOM   50  C CG  . GLN A 1 10 ? -6.082  -3.560  3.825   1.00   28.11 ? 10   GLN A CG  1 
ATOM   51  C CD  . GLN A 1 10 ? -6.787  -4.554  4.854   0.0000 14.99 ? 10   GLN A CD  1 
ATOM   52  O OE1 . GLN A 1 10 ? -7.934  -4.310  5.224   0.0000 14.99 ? 10   GLN A OE1 1 
ATOM   53  N NE2 . GLN A 1 10 ? -6.253  -5.592  5.489   0.0000 14.99 ? 10   GLN A NE2 1 
ATOM   54  N N   . LEU A 1 11 ? -4.412  -3.861  0.973   1.00   13.35 ? 11   LEU A N   1 
ATOM   55  C CA  . LEU A 1 11 ? -3.366  -4.821  0.652   1.00   14.05 ? 11   LEU A CA  1 
ATOM   56  C C   . LEU A 1 11 ? -2.547  -5.108  1.880   1.00   13.41 ? 11   LEU A C   1 
ATOM   57  O O   . LEU A 1 11 ? -2.226  -4.174  2.631   1.00   16.24 ? 11   LEU A O   1 
ATOM   58  C CB  . LEU A 1 11 ? -2.432  -4.245  -0.419  1.00   14.42 ? 11   LEU A CB  1 
ATOM   59  C CG  . LEU A 1 11 ? -3.090  -3.742  -1.688  1.00   16.24 ? 11   LEU A CG  1 
ATOM   60  C CD1 . LEU A 1 11 ? -2.052  -3.021  -2.565  1.00   18.45 ? 11   LEU A CD1 1 
ATOM   61  C CD2 . LEU A 1 11 ? -3.789  -4.808  -2.389  1.00   17.63 ? 11   LEU A CD2 1 
ATOM   62  N N   . ARG A 1 12 ? -2.245  -6.361  2.121   1.00   12.90 ? 12   ARG A N   1 
ATOM   63  C CA  . ARG A 1 12 ? -1.427  -6.773  3.229   1.00   13.24 ? 12   ARG A CA  1 
ATOM   64  C C   . ARG A 1 12 ? -0.177  -7.439  2.682   1.00   12.05 ? 12   ARG A C   1 
ATOM   65  O O   . ARG A 1 12 ? -0.271  -8.491  2.049   1.00   12.57 ? 12   ARG A O   1 
ATOM   66  C CB  . ARG A 1 12 ? -2.161  -7.687  4.187   1.00   16.36 ? 12   ARG A CB  1 
ATOM   67  C CG  . ARG A 1 12 ? -1.255  -8.051  5.408   1.00   21.97 ? 12   ARG A CG  1 
ATOM   68  C CD  . ARG A 1 12 ? -1.964  -8.379  6.619   1.00   29.10 ? 12   ARG A CD  1 
ATOM   69  N NE  . ARG A 1 12 ? -2.682  -7.232  7.154   1.00   31.00 ? 12   ARG A NE  1 
ATOM   70  C CZ  . ARG A 1 12 ? -2.218  -6.380  8.064   1.00   26.35 ? 12   ARG A CZ  1 
ATOM   71  N NH1 . ARG A 1 12 ? -0.938  -6.282  8.378   1.00   25.53 ? 12   ARG A NH1 1 
ATOM   72  N NH2 . ARG A 1 12 ? -3.032  -5.483  8.562   1.00   27.96 ? 12   ARG A NH2 1 
ATOM   73  N N   . ILE A 1 13 ? 0.945   -6.773  2.890   1.00   12.15 ? 13   ILE A N   1 
ATOM   74  C CA  . ILE A 1 13 ? 2.228   -7.152  2.282   1.00   11.70 ? 13   ILE A CA  1 
ATOM   75  C C   . ILE A 1 13 ? 3.134   -7.691  3.388   1.00   11.51 ? 13   ILE A C   1 
ATOM   76  O O   . ILE A 1 13 ? 3.435   -6.972  4.322   1.00   12.63 ? 13   ILE A O   1 
ATOM   77  C CB  . ILE A 1 13 ? 2.865   -5.935  1.613   1.00   12.56 ? 13   ILE A CB  1 
ATOM   78  C CG1 . ILE A 1 13 ? 1.916   -5.283  0.614   1.00   13.08 ? 13   ILE A CG1 1 
ATOM   79  C CG2 . ILE A 1 13 ? 4.167   -6.294  0.971   1.00   13.51 ? 13   ILE A CG2 1 
ATOM   80  C CD1 . ILE A 1 13 ? 2.263   -3.850  0.293   1.00   15.40 ? 13   ILE A CD1 1 
ATOM   81  N N   . ARG A 1 14 ? 3.559   -8.947  3.272   1.00   11.48 ? 14   ARG A N   1 
ATOM   82  C CA  . ARG A 1 14 ? 4.363   -9.589  4.295   1.00   11.65 ? 14   ARG A CA  1 
ATOM   83  C C   . ARG A 1 14 ? 5.690   -10.018 3.751   1.00   11.66 ? 14   ARG A C   1 
ATOM   84  O O   . ARG A 1 14 ? 5.828   -10.289 2.532   1.00   12.44 ? 14   ARG A O   1 
ATOM   85  C CB  . ARG A 1 14 ? 3.606   -10.799 4.845   1.00   12.57 ? 14   ARG A CB  1 
ATOM   86  C CG  . ARG A 1 14 ? 2.346   -10.416 5.574   1.00   13.49 ? 14   ARG A CG  1 
ATOM   87  C CD  . ARG A 1 14 ? 1.638   -11.624 6.070   1.00   14.21 ? 14   ARG A CD  1 
ATOM   88  N NE  . ARG A 1 14 ? 0.468   -11.331 6.865   1.00   15.56 ? 14   ARG A NE  1 
ATOM   89  C CZ  . ARG A 1 14 ? -0.787  -11.597 6.552   1.00   17.32 ? 14   ARG A CZ  1 
ATOM   90  N NH1 . ARG A 1 14 ? -1.120  -11.937 5.334   1.00   19.08 ? 14   ARG A NH1 1 
ATOM   91  N NH2 . ARG A 1 14 ? -1.744  -11.536 7.491   1.00   19.56 ? 14   ARG A NH2 1 
ATOM   92  N N   . GLY A 1 15 ? 6.682   -10.057 4.631   1.00   11.86 ? 15   GLY A N   1 
ATOM   93  C CA  . GLY A 1 15 ? 8.019   -10.497 4.255   1.00   12.86 ? 15   GLY A CA  1 
ATOM   94  C C   . GLY A 1 15 ? 9.020   -9.719  5.093   1.00   12.18 ? 15   GLY A C   1 
ATOM   95  O O   . GLY A 1 15 ? 8.805   -9.533  6.295   1.00   12.96 ? 15   GLY A O   1 
ATOM   96  N N   . LYS A 1 16 ? 10.122  -9.319  4.458   1.00   12.36 ? 16   LYS A N   1 
ATOM   97  C CA  . LYS A 1 16 ? 11.100  -8.464  5.090   1.00   12.58 ? 16   LYS A CA  1 
ATOM   98  C C   . LYS A 1 16 ? 10.758  -7.058  4.620   1.00   11.94 ? 16   LYS A C   1 
ATOM   99  O O   . LYS A 1 16 ? 11.138  -6.633  3.539   1.00   13.23 ? 16   LYS A O   1 
ATOM   100 C CB  . LYS A 1 16 ? 12.522  -8.867  4.721   1.00   13.70 ? 16   LYS A CB  1 
ATOM   101 C CG  . LYS A 1 16 ? 13.589  -8.021  5.376   1.00   14.73 ? 16   LYS A CG  1 
ATOM   102 C CD  . LYS A 1 16 ? 14.982  -8.523  5.078   1.00   18.20 ? 16   LYS A CD  1 
ATOM   103 C CE  . LYS A 1 16 ? 16.043  -7.530  5.662   1.00   20.43 ? 16   LYS A CE  1 
ATOM   104 N NZ  A LYS A 1 16 ? 17.207  -7.605  4.715   0.50   25.86 ? 16   LYS A NZ  1 
ATOM   105 N NZ  B LYS A 1 16 ? 15.639  -7.377  7.075   0.50   25.38 ? 16   LYS A NZ  1 
ATOM   106 N N   . VAL A 1 17 ? 9.924   -6.386  5.407   1.00   12.31 ? 17   VAL A N   1 
ATOM   107 C CA  . VAL A 1 17 ? 9.209   -5.204  4.982   1.00   13.66 ? 17   VAL A CA  1 
ATOM   108 C C   . VAL A 1 17 ? 9.236   -4.126  6.040   1.00   13.66 ? 17   VAL A C   1 
ATOM   109 O O   . VAL A 1 17 ? 8.404   -3.222  6.007   1.00   15.89 ? 17   VAL A O   1 
ATOM   110 C CB  . VAL A 1 17 ? 7.734   -5.511  4.558   1.00   14.39 ? 17   VAL A CB  1 
ATOM   111 C CG1 . VAL A 1 17 ? 7.714   -6.372  3.321   1.00   15.40 ? 17   VAL A CG1 1 
ATOM   112 C CG2 . VAL A 1 17 ? 6.950   -6.154  5.689   1.00   15.60 ? 17   VAL A CG2 1 
ATOM   113 N N   . GLN A 1 18 ? 10.246  -4.174  6.922   1.00   13.70 ? 18   GLN A N   1 
ATOM   114 C CA  . GLN A 1 18 ? 10.454  -3.189  7.935   1.00   15.94 ? 18   GLN A CA  1 
ATOM   115 C C   . GLN A 1 18 ? 11.946  -3.022  8.202   1.00   15.60 ? 18   GLN A C   1 
ATOM   116 O O   . GLN A 1 18 ? 12.733  -3.951  8.014   1.00   16.76 ? 18   GLN A O   1 
ATOM   117 C CB  . GLN A 1 18 ? 9.642   -3.518  9.156   1.00   22.65 ? 18   GLN A CB  1 
ATOM   118 C CG  . GLN A 1 18 ? 10.086  -4.617  9.903   1.00   23.29 ? 18   GLN A CG  1 
ATOM   119 C CD  A GLN A 1 18 ? 9.168   -5.094  11.080  0.50   22.51 ? 18   GLN A CD  1 
ATOM   120 C CD  B GLN A 1 18 ? 9.267   -4.820  11.255  0.50   27.17 ? 18   GLN A CD  1 
ATOM   121 O OE1 A GLN A 1 18 ? 8.501   -4.280  11.752  0.50   23.63 ? 18   GLN A OE1 1 
ATOM   122 O OE1 B GLN A 1 18 ? 8.037   -4.778  11.251  0.50   20.04 ? 18   GLN A OE1 1 
ATOM   123 N NE2 A GLN A 1 18 ? 9.374   -6.354  11.474  0.50   21.75 ? 18   GLN A NE2 1 
ATOM   124 N NE2 B GLN A 1 18 ? 9.961   -4.877  12.392  0.50   26.85 ? 18   GLN A NE2 1 
ATOM   125 N N   . GLY A 1 19 ? 12.338  -1.757  8.411   1.00   14.96 ? 19   GLY A N   1 
ATOM   126 C CA  . GLY A 1 19 ? 13.763  -1.409  8.476   1.00   15.43 ? 19   GLY A CA  1 
ATOM   127 C C   . GLY A 1 19 ? 14.441  -1.355  7.113   1.00   15.96 ? 19   GLY A C   1 
ATOM   128 O O   . GLY A 1 19 ? 15.673  -1.387  7.034   1.00   16.24 ? 19   GLY A O   1 
ATOM   129 N N   . VAL A 1 20 ? 13.663  -1.243  6.039   1.00   14.33 ? 20   VAL A N   1 
ATOM   130 C CA  . VAL A 1 20 ? 14.197  -1.417  4.706   1.00   15.09 ? 20   VAL A CA  1 
ATOM   131 C C   . VAL A 1 20 ? 13.788  -0.314  3.755   1.00   13.17 ? 20   VAL A C   1 
ATOM   132 O O   . VAL A 1 20 ? 14.066  -0.370  2.582   1.00   15.80 ? 20   VAL A O   1 
ATOM   133 C CB  . VAL A 1 20 ? 13.850  -2.771  4.118   1.00   15.10 ? 20   VAL A CB  1 
ATOM   134 C CG1 . VAL A 1 20 ? 14.395  -3.908  4.964   1.00   16.22 ? 20   VAL A CG1 1 
ATOM   135 C CG2 . VAL A 1 20 ? 12.334  -2.926  3.976   1.00   15.36 ? 20   VAL A CG2 1 
ATOM   136 N N   . GLY A 1 21 ? 13.120  0.693   4.296   1.00   14.40 ? 21   GLY A N   1 
ATOM   137 C CA  . GLY A 1 21 ? 12.597  1.762   3.490   1.00   14.81 ? 21   GLY A CA  1 
ATOM   138 C C   . GLY A 1 21 ? 11.285  1.456   2.816   1.00   12.86 ? 21   GLY A C   1 
ATOM   139 O O   . GLY A 1 21 ? 10.932  2.068   1.813   1.00   13.53 ? 21   GLY A O   1 
ATOM   140 N N   . PHE A 1 22 ? 10.528  0.518   3.377   1.00   13.07 ? 22   PHE A N   1 
ATOM   141 C CA  . PHE A 1 22 ? 9.332   0.049   2.734   1.00   11.59 ? 22   PHE A CA  1 
ATOM   142 C C   . PHE A 1 22 ? 8.202   1.055   2.746   1.00   11.36 ? 22   PHE A C   1 
ATOM   143 O O   . PHE A 1 22 ? 7.566   1.261   1.732   1.00   12.00 ? 22   PHE A O   1 
ATOM   144 C CB  . PHE A 1 22 ? 8.875   -1.298  3.305   1.00   11.50 ? 22   PHE A CB  1 
ATOM   145 C CG  . PHE A 1 22 ? 8.193   -2.152  2.271   1.00   11.99 ? 22   PHE A CG  1 
ATOM   146 C CD1 . PHE A 1 22 ? 8.917   -2.952  1.395   1.00   13.01 ? 22   PHE A CD1 1 
ATOM   147 C CD2 . PHE A 1 22 ? 6.849   -2.122  2.138   1.00   12.93 ? 22   PHE A CD2 1 
ATOM   148 C CE1 . PHE A 1 22 ? 8.327   -3.687  0.412   1.00   13.77 ? 22   PHE A CE1 1 
ATOM   149 C CE2 . PHE A 1 22 ? 6.240   -2.856  1.119   1.00   14.06 ? 22   PHE A CE2 1 
ATOM   150 C CZ  . PHE A 1 22 ? 6.982   -3.640  0.287   1.00   14.22 ? 22   PHE A CZ  1 
ATOM   151 N N   . ARG A 1 23 ? 7.883   1.645   3.900   1.00   11.14 ? 23   ARG A N   1 
ATOM   152 C CA  . ARG A 1 23 ? 6.793   2.637   3.892   1.00   11.64 ? 23   ARG A CA  1 
ATOM   153 C C   . ARG A 1 23 ? 7.097   3.819   2.951   1.00   12.03 ? 23   ARG A C   1 
ATOM   154 O O   . ARG A 1 23 ? 6.257   4.247   2.188   1.00   11.66 ? 23   ARG A O   1 
ATOM   155 C CB  . ARG A 1 23 ? 6.427   3.075   5.311   1.00   12.60 ? 23   ARG A CB  1 
ATOM   156 C CG  . ARG A 1 23 ? 5.746   1.973   6.112   1.00   13.05 ? 23   ARG A CG  1 
ATOM   157 C CD  . ARG A 1 23 ? 5.702   2.258   7.630   1.00   15.19 ? 23   ARG A CD  1 
ATOM   158 N NE  . ARG A 1 23 ? 7.088   2.104   8.122   1.00   17.99 ? 23   ARG A NE  1 
ATOM   159 C CZ  . ARG A 1 23 ? 7.424   2.283   9.359   1.00   26.64 ? 23   ARG A CZ  1 
ATOM   160 N NH1 . ARG A 1 23 ? 6.491   2.586   10.259  1.00   29.99 ? 23   ARG A NH1 1 
ATOM   161 N NH2 . ARG A 1 23 ? 8.692   2.106   9.717   1.00   32.12 ? 23   ARG A NH2 1 
ATOM   162 N N   . PRO A 1 24 ? 8.387   4.381   3.006   1.00   13.07 ? 24   PRO A N   1 
ATOM   163 C CA  . PRO A 1 24 ? 8.712   5.455   2.028   1.00   12.75 ? 24   PRO A CA  1 
ATOM   164 C C   . PRO A 1 24 ? 8.627   4.987   0.581   1.00   11.88 ? 24   PRO A C   1 
ATOM   165 O O   . PRO A 1 24 ? 8.250   5.761   -0.287  1.00   13.42 ? 24   PRO A O   1 
ATOM   166 C CB  . PRO A 1 24 ? 10.116  5.854   2.466   1.00   15.43 ? 24   PRO A CB  1 
ATOM   167 C CG  . PRO A 1 24 ? 10.112  5.575   3.938   1.00   14.38 ? 24   PRO A CG  1 
ATOM   168 C CD  . PRO A 1 24 ? 9.360   4.279   4.104   1.00   13.05 ? 24   PRO A CD  1 
ATOM   169 N N   . PHE A 1 25 ? 9.008   3.730   0.304   1.00   12.61 ? 25   PHE A N   1 
ATOM   170 C CA  . PHE A 1 25 ? 8.900   3.153   -1.043  1.00   12.58 ? 25   PHE A CA  1 
ATOM   171 C C   . PHE A 1 25 ? 7.453   3.156   -1.503  1.00   12.00 ? 25   PHE A C   1 
ATOM   172 O O   . PHE A 1 25 ? 7.136   3.611   -2.607  1.00   13.20 ? 25   PHE A O   1 
ATOM   173 C CB  . PHE A 1 25 ? 9.491   1.734   -1.045  1.00   13.88 ? 25   PHE A CB  1 
ATOM   174 C CG  . PHE A 1 25 ? 9.135   0.878   -2.254  1.00   15.40 ? 25   PHE A CG  1 
ATOM   175 C CD1 . PHE A 1 25 ? 9.535   1.244   -3.503  1.00   17.98 ? 25   PHE A CD1 1 
ATOM   176 C CD2 . PHE A 1 25 ? 8.378   -0.260  -2.123  1.00   17.59 ? 25   PHE A CD2 1 
ATOM   177 C CE1 . PHE A 1 25 ? 9.219   0.479   -4.615  1.00   20.01 ? 25   PHE A CE1 1 
ATOM   178 C CE2 . PHE A 1 25 ? 8.088   -1.062  -3.233  1.00   20.24 ? 25   PHE A CE2 1 
ATOM   179 C CZ  . PHE A 1 25 ? 8.528   -0.694  -4.458  1.00   21.56 ? 25   PHE A CZ  1 
ATOM   180 N N   . VAL A 1 26 ? 6.573   2.683   -0.629  1.00   12.17 ? 26   VAL A N   1 
ATOM   181 C CA  . VAL A 1 26 ? 5.155   2.677   -0.969  1.00   11.73 ? 26   VAL A CA  1 
ATOM   182 C C   . VAL A 1 26 ? 4.648   4.095   -1.206  1.00   12.38 ? 26   VAL A C   1 
ATOM   183 O O   . VAL A 1 26 ? 3.888   4.349   -2.151  1.00   12.74 ? 26   VAL A O   1 
ATOM   184 C CB  . VAL A 1 26 ? 4.359   1.952   0.127   1.00   11.76 ? 26   VAL A CB  1 
ATOM   185 C CG1 . VAL A 1 26 ? 2.883   2.208   -0.017  1.00   11.98 ? 26   VAL A CG1 1 
ATOM   186 C CG2 . VAL A 1 26 ? 4.672   0.458   0.143   1.00   11.95 ? 26   VAL A CG2 1 
ATOM   187 N N   . TRP A 1 27 ? 5.025   5.007   -0.321  1.00   12.23 ? 27   TRP A N   1 
ATOM   188 C CA  . TRP A 1 27 ? 4.589   6.384   -0.506  1.00   11.93 ? 27   TRP A CA  1 
ATOM   189 C C   . TRP A 1 27 ? 5.030   6.925   -1.876  1.00   12.83 ? 27   TRP A C   1 
ATOM   190 O O   . TRP A 1 27 ? 4.237   7.590   -2.578  1.00   13.43 ? 27   TRP A O   1 
ATOM   191 C CB  . TRP A 1 27 ? 5.163   7.260   0.627   1.00   13.49 ? 27   TRP A CB  1 
ATOM   192 C CG  . TRP A 1 27 ? 4.778   8.692   0.549   1.00   13.49 ? 27   TRP A CG  1 
ATOM   193 C CD1 . TRP A 1 27 ? 3.717   9.278   1.124   1.00   15.39 ? 27   TRP A CD1 1 
ATOM   194 C CD2 . TRP A 1 27 ? 5.482   9.730   -0.142  1.00   15.53 ? 27   TRP A CD2 1 
ATOM   195 N NE1 . TRP A 1 27 ? 3.681   10.618  0.825   1.00   17.29 ? 27   TRP A NE1 1 
ATOM   196 C CE2 . TRP A 1 27 ? 4.739   10.914  0.007   1.00   17.52 ? 27   TRP A CE2 1 
ATOM   197 C CE3 . TRP A 1 27 ? 6.647   9.760   -0.893  1.00   16.48 ? 27   TRP A CE3 1 
ATOM   198 C CZ2 . TRP A 1 27 ? 5.146   12.132  -0.528  1.00   20.75 ? 27   TRP A CZ2 1 
ATOM   199 C CZ3 . TRP A 1 27 ? 7.054   10.950  -1.431  1.00   19.16 ? 27   TRP A CZ3 1 
ATOM   200 C CH2 . TRP A 1 27 ? 6.298   12.134  -1.262  1.00   21.56 ? 27   TRP A CH2 1 
ATOM   201 N N   . GLN A 1 28 ? 6.289   6.682   -2.249  1.00   12.68 ? 28   GLN A N   1 
ATOM   202 C CA  . GLN A 1 28 ? 6.780   7.210   -3.497  1.00   14.58 ? 28   GLN A CA  1 
ATOM   203 C C   . GLN A 1 28 ? 6.071   6.587   -4.694  1.00   14.24 ? 28   GLN A C   1 
ATOM   204 O O   . GLN A 1 28 ? 5.741   7.263   -5.673  1.00   15.67 ? 28   GLN A O   1 
ATOM   205 C CB  . GLN A 1 28 ? 8.297   7.026   -3.586  1.00   17.59 ? 28   GLN A CB  1 
ATOM   206 C CG  . GLN A 1 28 ? 8.886   7.478   -4.873  1.00   21.72 ? 28   GLN A CG  1 
ATOM   207 C CD  . GLN A 1 28 ? 8.740   8.966   -5.130  1.00   32.79 ? 28   GLN A CD  1 
ATOM   208 O OE1 . GLN A 1 28 ? 8.618   9.773   -4.191  1.00   39.39 ? 28   GLN A OE1 1 
ATOM   209 N NE2 . GLN A 1 28 ? 8.834   9.343   -6.390  1.00   39.81 ? 28   GLN A NE2 1 
ATOM   210 N N   . LEU A 1 29 ? 5.798   5.307   -4.608  1.00   14.53 ? 29   LEU A N   1 
ATOM   211 C CA  . LEU A 1 29 ? 5.059   4.632   -5.672  1.00   15.19 ? 29   LEU A CA  1 
ATOM   212 C C   . LEU A 1 29 ? 3.655   5.230   -5.805  1.00   15.29 ? 29   LEU A C   1 
ATOM   213 O O   . LEU A 1 29 ? 3.160   5.504   -6.899  1.00   15.83 ? 29   LEU A O   1 
ATOM   214 C CB  . LEU A 1 29 ? 5.017   3.131   -5.409  1.00   18.68 ? 29   LEU A CB  1 
ATOM   215 C CG  . LEU A 1 29 ? 4.518   2.193   -6.478  1.00   20.23 ? 29   LEU A CG  1 
ATOM   216 C CD1 . LEU A 1 29 ? 5.078   2.591   -7.861  1.00   21.79 ? 29   LEU A CD1 1 
ATOM   217 C CD2 . LEU A 1 29 ? 4.889   0.765   -6.001  1.00   22.16 ? 29   LEU A CD2 1 
ATOM   218 N N   . ALA A 1 30 ? 2.993   5.421   -4.676  1.00   15.29 ? 30   ALA A N   1 
ATOM   219 C CA  . ALA A 1 30 ? 1.666   6.021   -4.680  1.00   16.72 ? 30   ALA A CA  1 
ATOM   220 C C   . ALA A 1 30 ? 1.676   7.443   -5.245  1.00   17.19 ? 30   ALA A C   1 
ATOM   221 O O   . ALA A 1 30 ? 0.814   7.829   -6.059  1.00   19.10 ? 30   ALA A O   1 
ATOM   222 C CB  . ALA A 1 30 ? 1.079   6.019   -3.309  1.00   19.91 ? 30   ALA A CB  1 
ATOM   223 N N   . GLN A 1 31 ? 2.738   8.189   -4.967  1.00   16.03 ? 31   GLN A N   1 
ATOM   224 C CA  . GLN A 1 31 ? 2.819   9.527   -5.548  1.00   18.48 ? 31   GLN A CA  1 
ATOM   225 C C   . GLN A 1 31 ? 2.955   9.477   -7.065  1.00   16.95 ? 31   GLN A C   1 
ATOM   226 O O   . GLN A 1 31 ? 2.315   10.235  -7.802  1.00   19.75 ? 31   GLN A O   1 
ATOM   227 C CB  . GLN A 1 31 ? 3.987   10.299  -4.946  1.00   21.91 ? 31   GLN A CB  1 
ATOM   228 C CG  . GLN A 1 31 ? 3.871   10.617  -3.449  1.00   24.90 ? 31   GLN A CG  1 
ATOM   229 C CD  . GLN A 1 31 ? 2.684   11.493  -3.108  1.00   28.01 ? 31   GLN A CD  1 
ATOM   230 O OE1 . GLN A 1 31 ? 2.513   12.489  -3.748  1.00   34.52 ? 31   GLN A OE1 1 
ATOM   231 N NE2 . GLN A 1 31 ? 1.987   11.207  -2.032  1.00   29.93 ? 31   GLN A NE2 1 
ATOM   232 N N   . GLN A 1 32 ? 3.807   8.569   -7.540  1.00   16.35 ? 32   GLN A N   1 
ATOM   233 C CA  . GLN A 1 32 ? 4.046   8.432   -8.973  1.00   17.50 ? 32   GLN A CA  1 
ATOM   234 C C   . GLN A 1 32 ? 2.799   7.984   -9.717  1.00   17.18 ? 32   GLN A C   1 
ATOM   235 O O   . GLN A 1 32 ? 2.616   8.325   -10.889 1.00   19.62 ? 32   GLN A O   1 
ATOM   236 C CB  . GLN A 1 32 ? 5.179   7.439   -9.200  1.00   20.71 ? 32   GLN A CB  1 
ATOM   237 C CG  . GLN A 1 32 ? 6.527   7.884   -8.799  1.00   27.05 ? 32   GLN A CG  1 
ATOM   238 C CD  . GLN A 1 32 ? 7.553   6.762   -8.809  1.00   34.15 ? 32   GLN A CD  1 
ATOM   239 O OE1 . GLN A 1 32 ? 7.118   5.565   -8.782  0.0000 14.99 ? 32   GLN A OE1 1 
ATOM   240 N NE2 . GLN A 1 32 ? 8.794   7.116   -8.468  1.00   37.41 ? 32   GLN A NE2 1 
ATOM   241 N N   . LEU A 1 33 ? 1.995   7.146   -9.080  1.00   15.46 ? 33   LEU A N   1 
ATOM   242 C CA  . LEU A 1 33 ? 0.787   6.609   -9.659  1.00   15.36 ? 33   LEU A CA  1 
ATOM   243 C C   . LEU A 1 33 ? -0.462  7.425   -9.315  1.00   16.76 ? 33   LEU A C   1 
ATOM   244 O O   . LEU A 1 33 ? -1.564  7.094   -9.735  1.00   18.41 ? 33   LEU A O   1 
ATOM   245 C CB  . LEU A 1 33 ? 0.610   5.156   -9.227  1.00   15.20 ? 33   LEU A CB  1 
ATOM   246 C CG  . LEU A 1 33 ? 1.630   4.173   -9.801  1.00   14.66 ? 33   LEU A CG  1 
ATOM   247 C CD1 . LEU A 1 33 ? 1.519   2.834   -9.128  1.00   16.03 ? 33   LEU A CD1 1 
ATOM   248 C CD2 . LEU A 1 33 ? 1.397   4.019   -11.313 1.00   17.03 ? 33   LEU A CD2 1 
ATOM   249 N N   . ASN A 1 34 ? -0.288  8.551   -8.642  1.00   16.16 ? 34   ASN A N   1 
ATOM   250 C CA  . ASN A 1 34 ? -1.403  9.399   -8.282  1.00   17.25 ? 34   ASN A CA  1 
ATOM   251 C C   . ASN A 1 34 ? -2.487  8.625   -7.526  1.00   16.20 ? 34   ASN A C   1 
ATOM   252 O O   . ASN A 1 34 ? -3.681  8.793   -7.753  1.00   19.08 ? 34   ASN A O   1 
ATOM   253 C CB  . ASN A 1 34 ? -1.998  10.084  -9.526  1.00   21.91 ? 34   ASN A CB  1 
ATOM   254 C CG  . ASN A 1 34 ? -2.842  11.260  -9.177  1.00   28.29 ? 34   ASN A CG  1 
ATOM   255 O OD1 . ASN A 1 34 ? -2.620  11.882  -8.145  1.00   28.00 ? 34   ASN A OD1 1 
ATOM   256 N ND2 . ASN A 1 34 ? -3.785  11.614  -10.056 1.00   35.64 ? 34   ASN A ND2 1 
ATOM   257 N N   . LEU A 1 35 ? -2.071  7.891   -6.495  1.00   15.28 ? 35   LEU A N   1 
ATOM   258 C CA  . LEU A 1 35 ? -2.963  7.126   -5.653  1.00   15.00 ? 35   LEU A CA  1 
ATOM   259 C C   . LEU A 1 35 ? -3.221  7.834   -4.343  1.00   14.12 ? 35   LEU A C   1 
ATOM   260 O O   . LEU A 1 35 ? -2.401  8.641   -3.911  1.00   16.23 ? 35   LEU A O   1 
ATOM   261 C CB  . LEU A 1 35 ? -2.403  5.731   -5.370  1.00   15.93 ? 35   LEU A CB  1 
ATOM   262 C CG  . LEU A 1 35 ? -1.993  4.957   -6.604  1.00   17.15 ? 35   LEU A CG  1 
ATOM   263 C CD1 . LEU A 1 35 ? -1.408  3.626   -6.244  1.00   19.68 ? 35   LEU A CD1 1 
ATOM   264 C CD2 . LEU A 1 35 ? -3.125  4.771   -7.584  1.00   22.41 ? 35   LEU A CD2 1 
ATOM   265 N N   . HIS A 1 36 ? -4.316  7.483   -3.693  1.00   14.90 ? 36   HIS A N   1 
ATOM   266 C CA  . HIS A 1 36 ? -4.731  8.101   -2.440  1.00   14.74 ? 36   HIS A CA  1 
ATOM   267 C C   . HIS A 1 36 ? -5.072  7.004   -1.438  1.00   13.96 ? 36   HIS A C   1 
ATOM   268 O O   . HIS A 1 36 ? -5.644  5.972   -1.796  1.00   15.66 ? 36   HIS A O   1 
ATOM   269 C CB  . HIS A 1 36 ? -5.901  9.041   -2.680  1.00   15.92 ? 36   HIS A CB  1 
ATOM   270 C CG  . HIS A 1 36 ? -5.597  10.041  -3.747  1.00   16.18 ? 36   HIS A CG  1 
ATOM   271 N ND1 . HIS A 1 36 ? -5.729  9.760   -5.092  1.00   17.69 ? 36   HIS A ND1 1 
ATOM   272 C CD2 . HIS A 1 36 ? -5.020  11.266  -3.677  1.00   18.37 ? 36   HIS A CD2 1 
ATOM   273 C CE1 . HIS A 1 36 ? -5.240  10.775  -5.793  1.00   19.74 ? 36   HIS A CE1 1 
ATOM   274 N NE2 . HIS A 1 36 ? -4.834  11.713  -4.962  1.00   18.67 ? 36   HIS A NE2 1 
ATOM   275 N N   . GLY A 1 37 ? -4.769  7.263   -0.180  1.00   14.17 ? 37   GLY A N   1 
ATOM   276 C CA  . GLY A 1 37 ? -4.916  6.315   0.887   1.00   13.13 ? 37   GLY A CA  1 
ATOM   277 C C   . GLY A 1 37 ? -3.744  6.374   1.839   1.00   13.75 ? 37   GLY A C   1 
ATOM   278 O O   . GLY A 1 37 ? -3.279  7.471   2.139   1.00   13.96 ? 37   GLY A O   1 
ATOM   279 N N   . ASP A 1 38 ? -3.328  5.224   2.381   1.00   12.91 ? 38   ASP A N   1 
ATOM   280 C CA  . ASP A 1 38 ? -2.304  5.275   3.385   1.00   13.11 ? 38   ASP A CA  1 
ATOM   281 C C   . ASP A 1 38 ? -1.564  3.952   3.480   1.00   12.07 ? 38   ASP A C   1 
ATOM   282 O O   . ASP A 1 38 ? -1.957  2.933   2.894   1.00   12.51 ? 38   ASP A O   1 
ATOM   283 C CB  . ASP A 1 38 ? -2.856  5.750   4.724   1.00   15.29 ? 38   ASP A CB  1 
ATOM   284 C CG  . ASP A 1 38 ? -4.066  4.991   5.186   1.00   16.76 ? 38   ASP A CG  1 
ATOM   285 O OD1 . ASP A 1 38 ? -4.126  3.745   5.041   1.00   16.77 ? 38   ASP A OD1 1 
ATOM   286 O OD2 . ASP A 1 38 ? -5.052  5.642   5.612   1.00   21.79 ? 38   ASP A OD2 1 
ATOM   287 N N   . VAL A 1 39 ? -0.461  4.006   4.208   1.00   12.96 ? 39   VAL A N   1 
ATOM   288 C CA  . VAL A 1 39 ? 0.362   2.836   4.463   1.00   13.97 ? 39   VAL A CA  1 
ATOM   289 C C   . VAL A 1 39 ? 0.744   2.832   5.919   1.00   13.86 ? 39   VAL A C   1 
ATOM   290 O O   . VAL A 1 39 ? 1.031   3.889   6.500   1.00   14.52 ? 39   VAL A O   1 
ATOM   291 C CB  . VAL A 1 39 ? 1.619   2.776   3.534   1.00   12.65 ? 39   VAL A CB  1 
ATOM   292 C CG1 . VAL A 1 39 ? 2.529   3.981   3.706   1.00   13.67 ? 39   VAL A CG1 1 
ATOM   293 C CG2 . VAL A 1 39 ? 2.411   1.491   3.743   1.00   13.10 ? 39   VAL A CG2 1 
ATOM   294 N N   . CYS A 1 40 ? 0.795   1.654   6.520   1.00   14.39 ? 40   CYS A N   1 
ATOM   295 C CA  . CYS A 1 40 ? 1.256   1.523   7.892   1.00   16.41 ? 40   CYS A CA  1 
ATOM   296 C C   . CYS A 1 40 ? 1.862   0.158   8.110   1.00   14.89 ? 40   CYS A C   1 
ATOM   297 O O   . CYS A 1 40 ? 1.661   -0.735  7.317   1.00   19.73 ? 40   CYS A O   1 
ATOM   298 C CB  . CYS A 1 40 ? 0.178   1.913   8.837   1.00   21.09 ? 40   CYS A CB  1 
ATOM   299 S SG  A CYS A 1 40 ? -0.955  0.619   9.024   0.50   17.33 ? 40   CYS A SG  1 
ATOM   300 S SG  B CYS A 1 40 ? -0.252  1.177   10.465  0.50   26.12 ? 40   CYS A SG  1 
ATOM   301 N N   . ASN A 1 41 ? 2.666   0.029   9.131   1.00   14.82 ? 41   ASN A N   1 
ATOM   302 C CA  . ASN A 1 41 ? 3.177   -1.253  9.588   1.00   15.72 ? 41   ASN A CA  1 
ATOM   303 C C   . ASN A 1 41 ? 2.579   -1.502  10.961  1.00   16.67 ? 41   ASN A C   1 
ATOM   304 O O   . ASN A 1 41 ? 2.811   -0.754  11.895  1.00   17.61 ? 41   ASN A O   1 
ATOM   305 C CB  . ASN A 1 41 ? 4.689   -1.235  9.645   1.00   18.61 ? 41   ASN A CB  1 
ATOM   306 C CG  . ASN A 1 41 ? 5.276   -2.522  10.172  1.00   22.59 ? 41   ASN A CG  1 
ATOM   307 O OD1 . ASN A 1 41 ? 4.647   -3.285  10.895  1.00   23.78 ? 41   ASN A OD1 1 
ATOM   308 N ND2 . ASN A 1 41 ? 6.466   -2.807  9.732   1.00   30.67 ? 41   ASN A ND2 1 
ATOM   309 N N   . ASP A 1 42 ? 1.677   -2.464  11.035  1.00   18.60 ? 42   ASP A N   1 
ATOM   310 C CA  . ASP A 1 42 ? 0.905   -2.796  12.230  1.00   19.18 ? 42   ASP A CA  1 
ATOM   311 C C   . ASP A 1 42 ? 1.339   -4.069  12.890  1.00   19.17 ? 42   ASP A C   1 
ATOM   312 O O   . ASP A 1 42 ? 0.630   -4.572  13.766  1.00   21.73 ? 42   ASP A O   1 
ATOM   313 C CB  . ASP A 1 42 ? -0.576  -2.897  11.895  1.00   22.00 ? 42   ASP A CB  1 
ATOM   314 C CG  . ASP A 1 42 ? -0.906  -4.076  10.956  1.00   22.29 ? 42   ASP A CG  1 
ATOM   315 O OD1 . ASP A 1 42 ? 0.024   -4.835  10.481  1.00   21.17 ? 42   ASP A OD1 1 
ATOM   316 O OD2 . ASP A 1 42 ? -2.080  -4.156  10.489  1.00   31.32 ? 42   ASP A OD2 1 
ATOM   317 N N   . GLY A 1 43 ? 2.551   -4.541  12.576  1.00   17.96 ? 43   GLY A N   1 
ATOM   318 C CA  . GLY A 1 43 ? 3.063   -5.747  13.231  1.00   18.11 ? 43   GLY A CA  1 
ATOM   319 C C   . GLY A 1 43 ? 2.820   -7.067  12.492  1.00   18.05 ? 43   GLY A C   1 
ATOM   320 O O   . GLY A 1 43 ? 3.422   -8.081  12.851  1.00   19.21 ? 43   GLY A O   1 
ATOM   321 N N   . ASP A 1 44 ? 1.969   -7.076  11.488  1.00   16.34 ? 44   ASP A N   1 
ATOM   322 C CA  . ASP A 1 44 ? 1.729   -8.255  10.648  1.00   15.20 ? 44   ASP A CA  1 
ATOM   323 C C   . ASP A 1 44 ? 1.957   -7.853  9.209   1.00   17.00 ? 44   ASP A C   1 
ATOM   324 O O   . ASP A 1 44 ? 1.152   -8.136  8.338   1.00   18.10 ? 44   ASP A O   1 
ATOM   325 C CB  . ASP A 1 44 ? 0.352   -8.833  10.888  1.00   16.30 ? 44   ASP A CB  1 
ATOM   326 C CG  . ASP A 1 44 ? 0.133   -10.161 10.190  1.00   16.66 ? 44   ASP A CG  1 
ATOM   327 O OD1 . ASP A 1 44 ? 1.117   -10.822 9.796   1.00   16.29 ? 44   ASP A OD1 1 
ATOM   328 O OD2 . ASP A 1 44 ? -1.032  -10.626 10.128  1.00   17.28 ? 44   ASP A OD2 1 
ATOM   329 N N   . GLY A 1 45 ? 3.106   -7.259  8.974   1.00   17.53 ? 45   GLY A N   1 
ATOM   330 C CA  . GLY A 1 45 ? 3.441   -6.714  7.688   1.00   19.40 ? 45   GLY A CA  1 
ATOM   331 C C   . GLY A 1 45 ? 2.985   -5.292  7.508   1.00   17.14 ? 45   GLY A C   1 
ATOM   332 O O   . GLY A 1 45 ? 2.701   -4.547  8.439   1.00   22.82 ? 45   GLY A O   1 
ATOM   333 N N   . VAL A 1 46 ? 2.914   -4.904  6.274   1.00   13.56 ? 46   VAL A N   1 
ATOM   334 C CA  . VAL A 1 46 ? 2.595   -3.560  5.839   1.00   13.91 ? 46   VAL A CA  1 
ATOM   335 C C   . VAL A 1 46 ? 1.183   -3.578  5.245   1.00   14.84 ? 46   VAL A C   1 
ATOM   336 O O   . VAL A 1 46 ? 0.846   -4.431  4.421   1.00   17.32 ? 46   VAL A O   1 
ATOM   337 C CB  . VAL A 1 46 ? 3.646   -3.045  4.825   1.00   14.88 ? 46   VAL A CB  1 
ATOM   338 C CG1 . VAL A 1 46 ? 3.216   -1.788  4.127   1.00   16.74 ? 46   VAL A CG1 1 
ATOM   339 C CG2 . VAL A 1 46 ? 4.962   -2.820  5.543   1.00   16.82 ? 46   VAL A CG2 1 
ATOM   340 N N   . GLU A 1 47 ? 0.331   -2.676  5.727   1.00   13.76 ? 47   GLU A N   1 
ATOM   341 C CA  . GLU A 1 47 ? -0.995  -2.518  5.199   1.00   12.96 ? 47   GLU A CA  1 
ATOM   342 C C   . GLU A 1 47 ? -1.100  -1.269  4.349   1.00   13.14 ? 47   GLU A C   1 
ATOM   343 O O   . GLU A 1 47 ? -0.747  -0.174  4.817   1.00   14.57 ? 47   GLU A O   1 
ATOM   344 C CB  . GLU A 1 47 ? -2.019  -2.363  6.341   1.00   17.25 ? 47   GLU A CB  1 
ATOM   345 C CG  . GLU A 1 47 ? -3.432  -2.256  5.779   1.00   25.26 ? 47   GLU A CG  1 
ATOM   346 C CD  . GLU A 1 47 ? -4.520  -2.209  6.808   1.00   34.94 ? 47   GLU A CD  1 
ATOM   347 O OE1 . GLU A 1 47 ? -4.638  -1.166  7.494   1.00   43.48 ? 47   GLU A OE1 1 
ATOM   348 O OE2 . GLU A 1 47 ? -5.312  -3.160  6.788   1.00   45.74 ? 47   GLU A OE2 1 
ATOM   349 N N   . VAL A 1 48 ? -1.555  -1.434  3.110   1.00   12.10 ? 48   VAL A N   1 
ATOM   350 C CA  . VAL A 1 48 ? -1.764  -0.332  2.173   1.00   12.63 ? 48   VAL A CA  1 
ATOM   351 C C   . VAL A 1 48 ? -3.236  -0.252  1.897   1.00   13.11 ? 48   VAL A C   1 
ATOM   352 O O   . VAL A 1 48 ? -3.848  -1.261  1.550   1.00   15.95 ? 48   VAL A O   1 
ATOM   353 C CB  . VAL A 1 48 ? -0.988  -0.545  0.879   1.00   12.48 ? 48   VAL A CB  1 
ATOM   354 C CG1 . VAL A 1 48 ? -1.199  0.615   -0.094  1.00   15.25 ? 48   VAL A CG1 1 
ATOM   355 C CG2 . VAL A 1 48 ? 0.492   -0.707  1.167   1.00   13.46 ? 48   VAL A CG2 1 
ATOM   356 N N   . ARG A 1 49 ? -3.818  0.909   2.092   1.00   12.66 ? 49   ARG A N   1 
ATOM   357 C CA  . ARG A 1 49 ? -5.215  1.118   1.756   1.00   14.06 ? 49   ARG A CA  1 
ATOM   358 C C   . ARG A 1 49 ? -5.292  2.147   0.648   1.00   13.02 ? 49   ARG A C   1 
ATOM   359 O O   . ARG A 1 49 ? -4.667  3.208   0.725   1.00   13.71 ? 49   ARG A O   1 
ATOM   360 C CB  . ARG A 1 49 ? -5.999  1.648   2.961   1.00   15.11 ? 49   ARG A CB  1 
ATOM   361 C CG  . ARG A 1 49 ? -5.901  0.722   4.163   1.00   16.43 ? 49   ARG A CG  1 
ATOM   362 C CD  . ARG A 1 49 ? -6.828  1.062   5.281   1.00   18.17 ? 49   ARG A CD  1 
ATOM   363 N NE  . ARG A 1 49 ? -6.551  2.404   5.768   1.00   18.68 ? 49   ARG A NE  1 
ATOM   364 C CZ  . ARG A 1 49 ? -7.415  3.092   6.518   1.00   23.99 ? 49   ARG A CZ  1 
ATOM   365 N NH1 . ARG A 1 49 ? -8.474  2.481   7.028   1.00   29.01 ? 49   ARG A NH1 1 
ATOM   366 N NH2 . ARG A 1 49 ? -7.183  4.343   6.858   1.00   25.03 ? 49   ARG A NH2 1 
ATOM   367 N N   . LEU A 1 50 ? -6.018  1.788   -0.412  1.00   13.69 ? 50   LEU A N   1 
ATOM   368 C CA  . LEU A 1 50 ? -6.112  2.618   -1.591  1.00   13.70 ? 50   LEU A CA  1 
ATOM   369 C C   . LEU A 1 50 ? -7.547  2.936   -1.923  1.00   14.15 ? 50   LEU A C   1 
ATOM   370 O O   . LEU A 1 50 ? -8.457  2.133   -1.724  1.00   15.55 ? 50   LEU A O   1 
ATOM   371 C CB  . LEU A 1 50 ? -5.516  1.911   -2.798  1.00   14.70 ? 50   LEU A CB  1 
ATOM   372 C CG  . LEU A 1 50 ? -4.018  1.578   -2.679  1.00   14.29 ? 50   LEU A CG  1 
ATOM   373 C CD1 . LEU A 1 50 ? -3.567  0.745   -3.840  1.00   17.29 ? 50   LEU A CD1 1 
ATOM   374 C CD2 . LEU A 1 50 ? -3.167  2.798   -2.596  1.00   17.32 ? 50   LEU A CD2 1 
ATOM   375 N N   . ARG A 1 51 ? -7.711  4.094   -2.542  1.00   16.52 ? 51   ARG A N   1 
ATOM   376 C CA  . ARG A 1 51 ? -8.962  4.514   -3.128  1.00   17.10 ? 51   ARG A CA  1 
ATOM   377 C C   . ARG A 1 51 ? -9.125  3.885   -4.522  1.00   18.85 ? 51   ARG A C   1 
ATOM   378 O O   . ARG A 1 51 ? -10.237 3.532   -4.923  1.00   23.00 ? 51   ARG A O   1 
ATOM   379 C CB  . ARG A 1 51 ? -8.929  6.057   -3.166  1.00   18.58 ? 51   ARG A CB  1 
ATOM   380 C CG  . ARG A 1 51 ? -10.101 6.748   -3.740  1.00   24.09 ? 51   ARG A CG  1 
ATOM   381 C CD  . ARG A 1 51 ? -9.914  8.286   -3.682  1.00   26.59 ? 51   ARG A CD  1 
ATOM   382 N NE  . ARG A 1 51 ? -11.061 8.989   -4.242  1.00   26.76 ? 51   ARG A NE  1 
ATOM   383 C CZ  . ARG A 1 51 ? -11.320 10.268  -4.100  1.00   25.51 ? 51   ARG A CZ  1 
ATOM   384 N NH1 . ARG A 1 51 ? -10.606 10.991  -3.273  1.00   26.29 ? 51   ARG A NH1 1 
ATOM   385 N NH2 . ARG A 1 51 ? -12.345 10.831  -4.738  1.00   28.94 ? 51   ARG A NH2 1 
ATOM   386 N N   . GLU A 1 52 ? -8.033  3.790   -5.261  1.00   18.45 ? 52   GLU A N   1 
ATOM   387 C CA  . GLU A 1 52 ? -7.996  3.334   -6.635  1.00   18.62 ? 52   GLU A CA  1 
ATOM   388 C C   . GLU A 1 52 ? -7.725  1.844   -6.771  1.00   19.46 ? 52   GLU A C   1 
ATOM   389 O O   . GLU A 1 52 ? -7.375  1.182   -5.797  1.00   22.19 ? 52   GLU A O   1 
ATOM   390 C CB  . GLU A 1 52 ? -6.887  4.055   -7.361  1.00   21.96 ? 52   GLU A CB  1 
ATOM   391 C CG  . GLU A 1 52 ? -6.965  5.581   -7.395  1.00   22.22 ? 52   GLU A CG  1 
ATOM   392 C CD  . GLU A 1 52 ? -6.555  6.296   -6.105  1.00   21.33 ? 52   GLU A CD  1 
ATOM   393 O OE1 . GLU A 1 52 ? -5.986  5.673   -5.179  1.00   19.85 ? 52   GLU A OE1 1 
ATOM   394 O OE2 . GLU A 1 52 ? -6.917  7.495   -6.053  1.00   22.95 ? 52   GLU A OE2 1 
ATOM   395 N N   . ASP A 1 53 ? -7.891  1.312   -7.987  1.00   20.82 ? 53   ASP A N   1 
ATOM   396 C CA  . ASP A 1 53 ? -7.545  -0.073  -8.297  1.00   23.24 ? 53   ASP A CA  1 
ATOM   397 C C   . ASP A 1 53 ? -6.039  -0.247  -8.039  1.00   19.11 ? 53   ASP A C   1 
ATOM   398 O O   . ASP A 1 53 ? -5.256  0.622   -8.402  1.00   21.18 ? 53   ASP A O   1 
ATOM   399 C CB  . ASP A 1 53 ? -7.870  -0.423  -9.752  1.00   25.45 ? 53   ASP A CB  1 
ATOM   400 C CG  . ASP A 1 53 ? -9.355  -0.517  -10.023 1.00   32.72 ? 53   ASP A CG  1 
ATOM   401 O OD1 . ASP A 1 53 ? -10.059 -1.109  -9.186  1.00   40.49 ? 53   ASP A OD1 1 
ATOM   402 O OD2 . ASP A 1 53 ? -9.890  -0.029  -11.036 1.00   43.21 ? 53   ASP A OD2 1 
ATOM   403 N N   . PRO A 1 54 ? -5.631  -1.404  -7.537  1.00   18.63 ? 54   PRO A N   1 
ATOM   404 C CA  . PRO A 1 54 ? -4.267  -1.609  -7.088  1.00   17.37 ? 54   PRO A CA  1 
ATOM   405 C C   . PRO A 1 54 ? -3.337  -2.269  -8.069  1.00   15.35 ? 54   PRO A C   1 
ATOM   406 O O   . PRO A 1 54 ? -2.210  -2.531  -7.742  1.00   16.66 ? 54   PRO A O   1 
ATOM   407 C CB  . PRO A 1 54 ? -4.488  -2.518  -5.889  1.00   17.80 ? 54   PRO A CB  1 
ATOM   408 C CG  . PRO A 1 54 ? -5.559  -3.406  -6.361  1.00   19.86 ? 54   PRO A CG  1 
ATOM   409 C CD  . PRO A 1 54 ? -6.512  -2.447  -6.991  1.00   20.29 ? 54   PRO A CD  1 
ATOM   410 N N   . GLU A 1 55 ? -3.812  -2.570  -9.285  1.00   17.60 ? 55   GLU A N   1 
ATOM   411 C CA  . GLU A 1 55 ? -3.051  -3.455  -10.133 1.00   17.40 ? 55   GLU A CA  1 
ATOM   412 C C   . GLU A 1 55 ? -1.689  -2.934  -10.557 1.00   16.11 ? 55   GLU A C   1 
ATOM   413 O O   . GLU A 1 55 ? -0.709  -3.677  -10.457 1.00   16.94 ? 55   GLU A O   1 
ATOM   414 C CB  . GLU A 1 55 ? -3.890  -3.926  -11.348 1.00   19.74 ? 55   GLU A CB  1 
ATOM   415 C CG  . GLU A 1 55 ? -4.971  -4.931  -10.940 1.00   24.49 ? 55   GLU A CG  1 
ATOM   416 C CD  . GLU A 1 55 ? -6.237  -4.360  -10.353 1.00   24.53 ? 55   GLU A CD  1 
ATOM   417 O OE1 . GLU A 1 55 ? -6.403  -3.146  -10.319 1.00   23.68 ? 55   GLU A OE1 1 
ATOM   418 O OE2 . GLU A 1 55 ? -7.106  -5.168  -9.917  1.00   28.91 ? 55   GLU A OE2 1 
ATOM   419 N N   . VAL A 1 56 ? -1.597  -1.692  -11.072 1.00   15.91 ? 56   VAL A N   1 
ATOM   420 C CA  . VAL A 1 56 ? -0.296  -1.174  -11.482 1.00   15.76 ? 56   VAL A CA  1 
ATOM   421 C C   . VAL A 1 56 ? 0.616   -1.077  -10.242 1.00   13.84 ? 56   VAL A C   1 
ATOM   422 O O   . VAL A 1 56 ? 1.783   -1.395  -10.298 1.00   15.47 ? 56   VAL A O   1 
ATOM   423 C CB  . VAL A 1 56 ? -0.407  0.179   -12.172 1.00   17.44 ? 56   VAL A CB  1 
ATOM   424 C CG1 . VAL A 1 56 ? 0.929   0.645   -12.664 1.00   17.31 ? 56   VAL A CG1 1 
ATOM   425 C CG2 . VAL A 1 56 ? -1.260  0.034   -13.345 1.00   14.08 ? 56   VAL A CG2 1 
ATOM   426 N N   . PHE A 1 57 ? 0.057   -0.574  -9.129  1.00   14.94 ? 57   PHE A N   1 
ATOM   427 C CA  . PHE A 1 57 ? 0.795   -0.485  -7.880  1.00   14.62 ? 57   PHE A CA  1 
ATOM   428 C C   . PHE A 1 57 ? 1.399   -1.840  -7.539  1.00   13.87 ? 57   PHE A C   1 
ATOM   429 O O   . PHE A 1 57 ? 2.559   -1.936  -7.183  1.00   15.15 ? 57   PHE A O   1 
ATOM   430 C CB  . PHE A 1 57 ? -0.157  -0.025  -6.765  1.00   15.67 ? 57   PHE A CB  1 
ATOM   431 C CG  . PHE A 1 57 ? 0.483   -0.032  -5.387  1.00   14.14 ? 57   PHE A CG  1 
ATOM   432 C CD1 . PHE A 1 57 ? 1.204   1.074   -4.946  1.00   14.73 ? 57   PHE A CD1 1 
ATOM   433 C CD2 . PHE A 1 57 ? 0.375   -1.103  -4.549  1.00   14.07 ? 57   PHE A CD2 1 
ATOM   434 C CE1 . PHE A 1 57 ? 1.820   1.073   -3.706  1.00   14.76 ? 57   PHE A CE1 1 
ATOM   435 C CE2 . PHE A 1 57 ? 1.000   -1.096  -3.304  1.00   14.62 ? 57   PHE A CE2 1 
ATOM   436 C CZ  . PHE A 1 57 ? 1.720   -0.012  -2.918  1.00   13.99 ? 57   PHE A CZ  1 
ATOM   437 N N   . LEU A 1 58 ? 0.595   -2.890  -7.637  1.00   14.45 ? 58   LEU A N   1 
ATOM   438 C CA  . LEU A 1 58 ? 1.083   -4.221  -7.243  1.00   16.14 ? 58   LEU A CA  1 
ATOM   439 C C   . LEU A 1 58 ? 2.186   -4.703  -8.165  1.00   15.85 ? 58   LEU A C   1 
ATOM   440 O O   . LEU A 1 58 ? 3.203   -5.252  -7.708  1.00   17.17 ? 58   LEU A O   1 
ATOM   441 C CB  . LEU A 1 58 ? -0.063  -5.232  -7.285  1.00   17.76 ? 58   LEU A CB  1 
ATOM   442 C CG  A LEU A 1 58 ? -1.017  -5.210  -6.110  0.70   20.09 ? 58   LEU A CG  1 
ATOM   443 C CG  B LEU A 1 58 ? 0.161   -6.554  -6.568  0.30   14.52 ? 58   LEU A CG  1 
ATOM   444 C CD1 A LEU A 1 58 ? -2.271  -6.027  -6.424  0.70   23.67 ? 58   LEU A CD1 1 
ATOM   445 C CD1 B LEU A 1 58 ? 0.579   -6.457  -5.126  0.30   18.12 ? 58   LEU A CD1 1 
ATOM   446 C CD2 A LEU A 1 58 ? -0.404  -5.580  -4.809  0.70   20.87 ? 58   LEU A CD2 1 
ATOM   447 C CD2 B LEU A 1 58 ? -1.053  -7.439  -6.763  0.30   14.81 ? 58   LEU A CD2 1 
ATOM   448 N N   . VAL A 1 59 ? 2.011   -4.493  -9.478  1.00   17.13 ? 59   VAL A N   1 
ATOM   449 C CA  . VAL A 1 59 ? 3.074   -4.845  -10.397 1.00   18.52 ? 59   VAL A CA  1 
ATOM   450 C C   . VAL A 1 59 ? 4.391   -4.209  -10.001 1.00   16.24 ? 59   VAL A C   1 
ATOM   451 O O   . VAL A 1 59 ? 5.452   -4.844  -9.916  1.00   19.39 ? 59   VAL A O   1 
ATOM   452 C CB  . VAL A 1 59 ? 2.730   -4.392  -11.863 1.00   19.77 ? 59   VAL A CB  1 
ATOM   453 C CG1 . VAL A 1 59 ? 3.951   -4.552  -12.750 1.00   23.51 ? 59   VAL A CG1 1 
ATOM   454 C CG2 . VAL A 1 59 ? 1.574   -5.230  -12.393 1.00   21.25 ? 59   VAL A CG2 1 
ATOM   455 N N   . GLN A 1 60 ? 4.320   -2.905  -9.722  1.00   17.39 ? 60   GLN A N   1 
ATOM   456 C CA  . GLN A 1 60 ? 5.533   -2.151  -9.486  1.00   15.60 ? 60   GLN A CA  1 
ATOM   457 C C   . GLN A 1 60 ? 6.109   -2.353  -8.063  1.00   14.45 ? 60   GLN A C   1 
ATOM   458 O O   . GLN A 1 60 ? 7.316   -2.309  -7.904  1.00   15.58 ? 60   GLN A O   1 
ATOM   459 C CB  . GLN A 1 60 ? 5.303   -0.715  -9.734  1.00   19.16 ? 60   GLN A CB  1 
ATOM   460 C CG  . GLN A 1 60 ? 4.937   -0.551  -11.230 1.00   21.26 ? 60   GLN A CG  1 
ATOM   461 C CD  . GLN A 1 60 ? 5.150   0.812   -11.674 1.00   18.78 ? 60   GLN A CD  1 
ATOM   462 O OE1 . GLN A 1 60 ? 4.455   1.710   -11.180 1.00   20.66 ? 60   GLN A OE1 1 
ATOM   463 N NE2 . GLN A 1 60 ? 5.898   1.000   -12.745 1.00   19.66 ? 60   GLN A NE2 1 
ATOM   464 N N   . LEU A 1 61 ? 5.239   -2.705  -7.124  1.00   15.02 ? 61   LEU A N   1 
ATOM   465 C CA  . LEU A 1 61 ? 5.644   -3.073  -5.777  1.00   13.78 ? 61   LEU A CA  1 
ATOM   466 C C   . LEU A 1 61 ? 6.651   -4.239  -5.881  1.00   13.89 ? 61   LEU A C   1 
ATOM   467 O O   . LEU A 1 61 ? 7.707   -4.228  -5.275  1.00   14.33 ? 61   LEU A O   1 
ATOM   468 C CB  . LEU A 1 61 ? 4.427   -3.457  -4.958  1.00   16.87 ? 61   LEU A CB  1 
ATOM   469 C CG  . LEU A 1 61 ? 4.723   -3.755  -3.485  1.00   16.88 ? 61   LEU A CG  1 
ATOM   470 C CD1 . LEU A 1 61 ? 4.698   -2.460  -2.669  1.00   18.10 ? 61   LEU A CD1 1 
ATOM   471 C CD2 . LEU A 1 61 ? 3.730   -4.802  -3.013  1.00   18.67 ? 61   LEU A CD2 1 
ATOM   472 N N   . TYR A 1 62 ? 6.274   -5.264  -6.663  1.00   14.33 ? 62   TYR A N   1 
ATOM   473 C CA  . TYR A 1 62 ? 7.114   -6.420  -6.800  1.00   14.28 ? 62   TYR A CA  1 
ATOM   474 C C   . TYR A 1 62 ? 8.365   -6.147  -7.575  1.00   14.35 ? 62   TYR A C   1 
ATOM   475 O O   . TYR A 1 62 ? 9.442   -6.587  -7.204  1.00   16.69 ? 62   TYR A O   1 
ATOM   476 C CB  . TYR A 1 62 ? 6.370   -7.579  -7.436  1.00   15.43 ? 62   TYR A CB  1 
ATOM   477 C CG  . TYR A 1 62 ? 5.370   -8.275  -6.541  1.00   15.10 ? 62   TYR A CG  1 
ATOM   478 C CD1 . TYR A 1 62 ? 4.013   -8.153  -6.759  1.00   19.76 ? 62   TYR A CD1 1 
ATOM   479 C CD2 . TYR A 1 62 ? 5.782   -9.233  -5.599  1.00   18.79 ? 62   TYR A CD2 1 
ATOM   480 C CE1 . TYR A 1 62 ? 3.074   -8.897  -6.033  1.00   20.36 ? 62   TYR A CE1 1 
ATOM   481 C CE2 . TYR A 1 62 ? 4.833   -9.982  -4.885  1.00   16.87 ? 62   TYR A CE2 1 
ATOM   482 C CZ  . TYR A 1 62 ? 3.476   -9.870  -5.141  1.00   19.13 ? 62   TYR A CZ  1 
ATOM   483 O OH  . TYR A 1 62 ? 2.541   -10.661 -4.475  1.00   18.83 ? 62   TYR A OH  1 
ATOM   484 N N   . GLN A 1 63 ? 8.237   -5.430  -8.687  1.00   14.81 ? 63   GLN A N   1 
ATOM   485 C CA  . GLN A 1 63 ? 9.351   -5.304  -9.604  1.00   15.52 ? 63   GLN A CA  1 
ATOM   486 C C   . GLN A 1 63 ? 10.411  -4.367  -9.093  1.00   16.50 ? 63   GLN A C   1 
ATOM   487 O O   . GLN A 1 63 ? 11.592  -4.537  -9.396  1.00   19.86 ? 63   GLN A O   1 
ATOM   488 C CB  . GLN A 1 63 ? 8.841   -4.768  -10.946 1.00   16.03 ? 63   GLN A CB  1 
ATOM   489 C CG  . GLN A 1 63 ? 8.017   -5.754  -11.696 1.00   18.48 ? 63   GLN A CG  1 
ATOM   490 C CD  . GLN A 1 63 ? 8.705   -7.015  -12.067 1.00   19.33 ? 63   GLN A CD  1 
ATOM   491 O OE1 . GLN A 1 63 ? 9.910   -7.047  -12.340 1.00   22.97 ? 63   GLN A OE1 1 
ATOM   492 N NE2 . GLN A 1 63 ? 7.888   -8.037  -12.268 1.00   28.23 ? 63   GLN A NE2 1 
ATOM   493 N N   . HIS A 1 64 ? 9.998   -3.377  -8.296  1.00   15.72 ? 64   HIS A N   1 
ATOM   494 C CA  . HIS A 1 64 ? 10.880  -2.361  -7.860  1.00   16.95 ? 64   HIS A CA  1 
ATOM   495 C C   . HIS A 1 64 ? 11.102  -2.382  -6.328  1.00   17.57 ? 64   HIS A C   1 
ATOM   496 O O   . HIS A 1 64 ? 11.669  -1.450  -5.780  1.00   19.72 ? 64   HIS A O   1 
ATOM   497 C CB  . HIS A 1 64 ? 10.383  -0.988  -8.304  1.00   18.70 ? 64   HIS A CB  1 
ATOM   498 C CG  . HIS A 1 64 ? 10.322  -0.867  -9.791  1.00   20.67 ? 64   HIS A CG  1 
ATOM   499 N ND1 . HIS A 1 64 ? 11.443  -1.031  -10.578 1.00   21.26 ? 64   HIS A ND1 1 
ATOM   500 C CD2 . HIS A 1 64 ? 9.272   -0.787  -10.652 1.00   18.72 ? 64   HIS A CD2 1 
ATOM   501 C CE1 . HIS A 1 64 ? 11.088  -0.997  -11.859 1.00   24.36 ? 64   HIS A CE1 1 
ATOM   502 N NE2 . HIS A 1 64 ? 9.779   -0.833  -11.924 1.00   20.10 ? 64   HIS A NE2 1 
ATOM   503 N N   . CYS A 1 65 ? 10.776  -3.504  -5.690  1.00   16.82 ? 65   CYS A N   1 
ATOM   504 C CA  . CYS A 1 65 ? 11.019  -3.762  -4.264  1.00   17.55 ? 65   CYS A CA  1 
ATOM   505 C C   . CYS A 1 65 ? 12.420  -3.284  -3.923  1.00   19.49 ? 65   CYS A C   1 
ATOM   506 O O   . CYS A 1 65 ? 13.376  -3.728  -4.558  1.00   19.77 ? 65   CYS A O   1 
ATOM   507 C CB  . CYS A 1 65 ? 10.845  -5.266  -3.925  1.00   13.04 ? 65   CYS A CB  1 
ATOM   508 S SG  . CYS A 1 65 ? 10.973  -5.738  -2.287  1.00   18.66 ? 65   CYS A SG  1 
ATOM   509 N N   . PRO A 1 66 ? 12.575  -2.510  -2.834  1.00   18.47 ? 66   PRO A N   1 
ATOM   510 C CA  . PRO A 1 66 ? 13.896  -2.050  -2.378  1.00   20.89 ? 66   PRO A CA  1 
ATOM   511 C C   . PRO A 1 66 ? 14.808  -3.223  -2.151  1.00   16.92 ? 66   PRO A C   1 
ATOM   512 O O   . PRO A 1 66 ? 14.392  -4.280  -1.765  1.00   16.12 ? 66   PRO A O   1 
ATOM   513 C CB  . PRO A 1 66 ? 13.584  -1.366  -1.025  1.00   23.73 ? 66   PRO A CB  1 
ATOM   514 C CG  . PRO A 1 66 ? 12.130  -0.891  -1.185  1.00   22.92 ? 66   PRO A CG  1 
ATOM   515 C CD  . PRO A 1 66 ? 11.499  -1.931  -2.012  1.00   20.76 ? 66   PRO A CD  1 
ATOM   516 N N   . PRO A 1 67 ? 16.093  -2.988  -2.308  1.00   19.41 ? 67   PRO A N   1 
ATOM   517 C CA  . PRO A 1 67 ? 17.025  -4.097  -2.353  1.00   19.15 ? 67   PRO A CA  1 
ATOM   518 C C   . PRO A 1 67 ? 17.141  -4.861  -1.037  1.00   15.93 ? 67   PRO A C   1 
ATOM   519 O O   . PRO A 1 67 ? 17.382  -6.093  -1.022  1.00   20.13 ? 67   PRO A O   1 
ATOM   520 C CB  . PRO A 1 67 ? 18.352  -3.417  -2.686  1.00   22.28 ? 67   PRO A CB  1 
ATOM   521 C CG  . PRO A 1 67 ? 18.184  -1.977  -2.239  1.00   23.98 ? 67   PRO A CG  1 
ATOM   522 C CD  . PRO A 1 67 ? 16.721  -1.695  -2.593  1.00   19.28 ? 67   PRO A CD  1 
ATOM   523 N N   . LEU A 1 68 ? 16.935  -4.191  0.095   1.00   14.78 ? 68   LEU A N   1 
ATOM   524 C CA  . LEU A 1 68 ? 16.927  -4.918  1.349   1.00   16.11 ? 68   LEU A CA  1 
ATOM   525 C C   . LEU A 1 68 ? 15.644  -5.627  1.630   1.00   16.33 ? 68   LEU A C   1 
ATOM   526 O O   . LEU A 1 68 ? 15.580  -6.409  2.566   1.00   19.57 ? 68   LEU A O   1 
ATOM   527 C CB  . LEU A 1 68 ? 17.261  -4.067  2.564   1.00   18.35 ? 68   LEU A CB  1 
ATOM   528 C CG  . LEU A 1 68 ? 18.683  -3.509  2.587   1.00   18.68 ? 68   LEU A CG  1 
ATOM   529 C CD1 . LEU A 1 68 ? 18.822  -2.450  3.640   1.00   22.84 ? 68   LEU A CD1 1 
ATOM   530 C CD2 . LEU A 1 68 ? 19.671  -4.630  2.792   1.00   23.69 ? 68   LEU A CD2 1 
ATOM   531 N N   . ALA A 1 69 ? 14.575  -5.220  0.974   1.00   14.77 ? 69   ALA A N   1 
ATOM   532 C CA  . ALA A 1 69 ? 13.273  -5.781  1.259   1.00   15.92 ? 69   ALA A CA  1 
ATOM   533 C C   . ALA A 1 69 ? 13.096  -7.115  0.557   1.00   15.54 ? 69   ALA A C   1 
ATOM   534 O O   . ALA A 1 69 ? 13.803  -7.455  -0.403  1.00   16.99 ? 69   ALA A O   1 
ATOM   535 C CB  . ALA A 1 69 ? 12.221  -4.771  0.858   1.00   16.55 ? 69   ALA A CB  1 
ATOM   536 N N   . ARG A 1 70 ? 12.103  -7.872  0.988   1.00   14.21 ? 70   ARG A N   1 
ATOM   537 C CA  . ARG A 1 70 ? 11.710  -9.106  0.285   1.00   13.84 ? 70   ARG A CA  1 
ATOM   538 C C   . ARG A 1 70 ? 10.226  -9.289  0.535   1.00   13.67 ? 70   ARG A C   1 
ATOM   539 O O   . ARG A 1 70 ? 9.776   -9.314  1.696   1.00   14.89 ? 70   ARG A O   1 
ATOM   540 C CB  . ARG A 1 70 ? 12.473  -10.278 0.886   1.00   15.46 ? 70   ARG A CB  1 
ATOM   541 C CG  . ARG A 1 70 ? 12.289  -11.577 0.154   1.00   15.57 ? 70   ARG A CG  1 
ATOM   542 C CD  . ARG A 1 70 ? 12.773  -12.817 0.932   1.00   15.84 ? 70   ARG A CD  1 
ATOM   543 N NE  . ARG A 1 70 ? 11.979  -13.000 2.132   1.00   14.89 ? 70   ARG A NE  1 
ATOM   544 C CZ  . ARG A 1 70 ? 12.313  -12.656 3.363   1.00   14.87 ? 70   ARG A CZ  1 
ATOM   545 N NH1 . ARG A 1 70 ? 13.530  -12.231 3.675   1.00   15.26 ? 70   ARG A NH1 1 
ATOM   546 N NH2 . ARG A 1 70 ? 11.418  -12.822 4.328   1.00   14.07 ? 70   ARG A NH2 1 
ATOM   547 N N   . ILE A 1 71 ? 9.459   -9.422  -0.513  1.00   13.03 ? 71   ILE A N   1 
ATOM   548 C CA  . ILE A 1 71 ? 8.035   -9.633  -0.415  1.00   12.47 ? 71   ILE A CA  1 
ATOM   549 C C   . ILE A 1 71 ? 7.705   -11.108 -0.548  1.00   13.63 ? 71   ILE A C   1 
ATOM   550 O O   . ILE A 1 71 ? 8.044   -11.742 -1.545  1.00   17.29 ? 71   ILE A O   1 
ATOM   551 C CB  . ILE A 1 71 ? 7.284   -8.848  -1.528  1.00   13.02 ? 71   ILE A CB  1 
ATOM   552 C CG1 . ILE A 1 71 ? 7.553   -7.362  -1.360  1.00   13.18 ? 71   ILE A CG1 1 
ATOM   553 C CG2 . ILE A 1 71 ? 5.824   -9.149  -1.459  1.00   13.73 ? 71   ILE A CG2 1 
ATOM   554 C CD1 . ILE A 1 71 ? 7.203   -6.557  -2.556  1.00   15.59 ? 71   ILE A CD1 1 
ATOM   555 N N   . ASP A 1 72 ? 7.151   -11.676 0.531   1.00   12.57 ? 72   ASP A N   1 
ATOM   556 C CA  . ASP A 1 72 ? 6.809   -13.092 0.575   1.00   13.94 ? 72   ASP A CA  1 
ATOM   557 C C   . ASP A 1 72 ? 5.365   -13.361 0.153   1.00   14.00 ? 72   ASP A C   1 
ATOM   558 O O   . ASP A 1 72 ? 5.056   -14.424 -0.376  1.00   15.96 ? 72   ASP A O   1 
ATOM   559 C CB  . ASP A 1 72 ? 7.044   -13.650 1.964   1.00   14.69 ? 72   ASP A CB  1 
ATOM   560 C CG  . ASP A 1 72 ? 8.482   -13.693 2.370   1.00   14.97 ? 72   ASP A CG  1 
ATOM   561 O OD1 . ASP A 1 72 ? 9.363   -13.697 1.494   1.00   16.00 ? 72   ASP A OD1 1 
ATOM   562 O OD2 . ASP A 1 72 ? 8.771   -13.701 3.584   1.00   16.06 ? 72   ASP A OD2 1 
ATOM   563 N N   . SER A 1 73 ? 4.484   -12.415 0.405   1.00   14.38 ? 73   SER A N   1 
ATOM   564 C CA  . SER A 1 73 ? 3.075   -12.577 0.087   1.00   14.75 ? 73   SER A CA  1 
ATOM   565 C C   . SER A 1 73 ? 2.394   -11.227 0.043   1.00   12.86 ? 73   SER A C   1 
ATOM   566 O O   . SER A 1 73 ? 2.777   -10.296 0.753   1.00   12.90 ? 73   SER A O   1 
ATOM   567 C CB  . SER A 1 73 ? 2.323   -13.487 1.084   1.00   15.21 ? 73   SER A CB  1 
ATOM   568 O OG  . SER A 1 73 ? 2.333   -12.951 2.396   1.00   16.62 ? 73   SER A OG  1 
ATOM   569 N N   . VAL A 1 74 ? 1.345   -11.144 -0.752  1.00   13.29 ? 74   VAL A N   1 
ATOM   570 C CA  . VAL A 1 74 ? 0.437   -9.999  -0.736  1.00   12.81 ? 74   VAL A CA  1 
ATOM   571 C C   . VAL A 1 74 ? -0.995  -10.519 -0.809  1.00   13.26 ? 74   VAL A C   1 
ATOM   572 O O   . VAL A 1 74 ? -1.348  -11.331 -1.653  1.00   15.79 ? 74   VAL A O   1 
ATOM   573 C CB  . VAL A 1 74 ? 0.645   -9.018  -1.913  1.00   13.75 ? 74   VAL A CB  1 
ATOM   574 C CG1 . VAL A 1 74 ? -0.293  -7.810  -1.772  1.00   15.43 ? 74   VAL A CG1 1 
ATOM   575 C CG2 . VAL A 1 74 ? 2.093   -8.535  -1.925  1.00   14.03 ? 74   VAL A CG2 1 
ATOM   576 N N   . GLU A 1 75 ? -1.832  -10.046 0.074   1.00   12.34 ? 75   GLU A N   1 
ATOM   577 C CA  . GLU A 1 75 ? -3.238  -10.362 0.074   1.00   13.72 ? 75   GLU A CA  1 
ATOM   578 C C   . GLU A 1 75 ? -4.037  -9.100  -0.151  1.00   14.23 ? 75   GLU A C   1 
ATOM   579 O O   . GLU A 1 75 ? -3.593  -8.011  0.217   1.00   16.15 ? 75   GLU A O   1 
ATOM   580 C CB  . GLU A 1 75 ? -3.640  -11.007 1.382   1.00   18.49 ? 75   GLU A CB  1 
ATOM   581 C CG  . GLU A 1 75 ? -2.982  -12.375 1.561   1.00   22.05 ? 75   GLU A CG  1 
ATOM   582 C CD  . GLU A 1 75 ? -3.191  -13.107 2.868   1.00   27.83 ? 75   GLU A CD  1 
ATOM   583 O OE1 . GLU A 1 75 ? -3.721  -12.528 3.822   1.00   30.86 ? 75   GLU A OE1 1 
ATOM   584 O OE2 . GLU A 1 75 ? -2.708  -14.276 2.952   1.00   34.75 ? 75   GLU A OE2 1 
ATOM   585 N N   . ARG A 1 76 ? -5.196  -9.232  -0.762  1.00   14.14 ? 76   ARG A N   1 
ATOM   586 C CA  . ARG A 1 76 ? -6.064  -8.091  -0.982  1.00   14.98 ? 76   ARG A CA  1 
ATOM   587 C C   . ARG A 1 76 ? -7.471  -8.380  -0.507  1.00   15.26 ? 76   ARG A C   1 
ATOM   588 O O   . ARG A 1 76 ? -7.957  -9.506  -0.595  1.00   17.33 ? 76   ARG A O   1 
ATOM   589 C CB  . ARG A 1 76 ? -6.092  -7.612  -2.426  1.00   18.91 ? 76   ARG A CB  1 
ATOM   590 C CG  . ARG A 1 76 ? -6.558  -8.577  -3.417  1.00   18.88 ? 76   ARG A CG  1 
ATOM   591 C CD  . ARG A 1 76 ? -6.673  -7.984  -4.872  1.00   20.31 ? 76   ARG A CD  1 
ATOM   592 N NE  . ARG A 1 76 ? -7.686  -6.948  -4.986  1.00   18.90 ? 76   ARG A NE  1 
ATOM   593 C CZ  . ARG A 1 76 ? -7.912  -6.244  -6.086  1.00   18.54 ? 76   ARG A CZ  1 
ATOM   594 N NH1 . ARG A 1 76 ? -7.136  -6.366  -7.152  1.00   20.94 ? 76   ARG A NH1 1 
ATOM   595 N NH2 . ARG A 1 76 ? -8.902  -5.371  -6.129  1.00   24.31 ? 76   ARG A NH2 1 
ATOM   596 N N   . GLU A 1 77 ? -8.138  -7.337  -0.065  1.00   15.19 ? 77   GLU A N   1 
ATOM   597 C CA  . GLU A 1 77 ? -9.553  -7.444  0.253   1.00   16.46 ? 77   GLU A CA  1 
ATOM   598 C C   . GLU A 1 77 ? -10.220 -6.081  0.071   1.00   15.60 ? 77   GLU A C   1 
ATOM   599 O O   . GLU A 1 77 ? -9.583  -5.043  0.249   1.00   18.03 ? 77   GLU A O   1 
ATOM   600 C CB  . GLU A 1 77 ? -9.796  -7.963  1.660   1.00   21.64 ? 77   GLU A CB  1 
ATOM   601 C CG  . GLU A 1 77 ? -9.382  -7.112  2.811   1.00   25.77 ? 77   GLU A CG  1 
ATOM   602 C CD  . GLU A 1 77 ? -9.623  -7.782  4.162   1.00   35.12 ? 77   GLU A CD  1 
ATOM   603 O OE1 . GLU A 1 77 ? -10.378 -7.227  4.971   1.00   45.58 ? 77   GLU A OE1 1 
ATOM   604 O OE2 . GLU A 1 77 ? -9.087  -8.883  4.412   1.00   39.25 ? 77   GLU A OE2 1 
ATOM   605 N N   . PRO A 1 78 ? -11.506 -6.065  -0.221  1.00   17.18 ? 78   PRO A N   1 
ATOM   606 C CA  . PRO A 1 78 ? -12.186 -4.791  -0.327  1.00   16.77 ? 78   PRO A CA  1 
ATOM   607 C C   . PRO A 1 78 ? -12.481 -4.227  1.045   1.00   18.42 ? 78   PRO A C   1 
ATOM   608 O O   . PRO A 1 78 ? -12.697 -5.021  1.994   1.00   22.58 ? 78   PRO A O   1 
ATOM   609 C CB  . PRO A 1 78 ? -13.499 -5.173  -1.027  1.00   19.85 ? 78   PRO A CB  1 
ATOM   610 C CG  . PRO A 1 78 ? -13.727 -6.566  -0.719  1.00   22.12 ? 78   PRO A CG  1 
ATOM   611 C CD  . PRO A 1 78 ? -12.378 -7.202  -0.564  1.00   18.52 ? 78   PRO A CD  1 
ATOM   612 N N   . PHE A 1 79 ? -12.714 -2.938  1.131   1.00   20.12 ? 79   PHE A N   1 
ATOM   613 C CA  . PHE A 1 79 ? -13.339 -2.394  2.358   1.00   20.07 ? 79   PHE A CA  1 
ATOM   614 C C   . PHE A 1 79 ? -13.993 -1.081  1.977   1.00   20.04 ? 79   PHE A C   1 
ATOM   615 O O   . PHE A 1 79 ? -13.863 -0.633  0.845   1.00   23.27 ? 79   PHE A O   1 
ATOM   616 C CB  . PHE A 1 79 ? -12.314 -2.188  3.489   1.00   19.77 ? 79   PHE A CB  1 
ATOM   617 C CG  . PHE A 1 79 ? -11.421 -0.994  3.281   1.00   21.89 ? 79   PHE A CG  1 
ATOM   618 C CD1 . PHE A 1 79 ? -11.640 0.198   3.978   1.00   24.17 ? 79   PHE A CD1 1 
ATOM   619 C CD2 . PHE A 1 79 ? -10.462 -1.015  2.300   1.00   19.50 ? 79   PHE A CD2 1 
ATOM   620 C CE1 . PHE A 1 79 ? -10.835 1.336   3.720   1.00   21.08 ? 79   PHE A CE1 1 
ATOM   621 C CE2 . PHE A 1 79 ? -9.617  0.090   2.146   1.00   22.57 ? 79   PHE A CE2 1 
ATOM   622 C CZ  . PHE A 1 79 ? -9.890  1.280   2.801   1.00   21.88 ? 79   PHE A CZ  1 
ATOM   623 N N   . ILE A 1 80 ? -14.733 -0.517  2.901   1.00   21.93 ? 80   ILE A N   1 
ATOM   624 C CA  . ILE A 1 80 ? -15.398 0.753   2.667   1.00   21.88 ? 80   ILE A CA  1 
ATOM   625 C C   . ILE A 1 80 ? -14.676 1.909   3.339   1.00   19.28 ? 80   ILE A C   1 
ATOM   626 O O   . ILE A 1 80 ? -14.560 1.929   4.548   1.00   22.47 ? 80   ILE A O   1 
ATOM   627 C CB  . ILE A 1 80 ? -16.850 0.667   3.152   1.00   22.88 ? 80   ILE A CB  1 
ATOM   628 C CG1 . ILE A 1 80 ? -17.532 -0.545  2.560   1.00   27.22 ? 80   ILE A CG1 1 
ATOM   629 C CG2 . ILE A 1 80 ? -17.572 1.945   2.813   1.00   23.93 ? 80   ILE A CG2 1 
ATOM   630 C CD1 . ILE A 1 80 ? -17.611 -0.517  1.133   1.00   28.03 ? 80   ILE A CD1 1 
ATOM   631 N N   . TRP A 1 81 ? -14.285 2.901   2.558   1.00   18.62 ? 81   TRP A N   1 
ATOM   632 C CA  . TRP A 1 81 ? -13.749 4.149   3.109   1.00   19.42 ? 81   TRP A CA  1 
ATOM   633 C C   . TRP A 1 81 ? -14.910 4.922   3.737   1.00   21.97 ? 81   TRP A C   1 
ATOM   634 O O   . TRP A 1 81 ? -15.930 5.113   3.100   1.00   24.69 ? 81   TRP A O   1 
ATOM   635 C CB  . TRP A 1 81 ? -13.140 5.038   2.001   1.00   19.04 ? 81   TRP A CB  1 
ATOM   636 C CG  . TRP A 1 81 ? -11.804 4.611   1.466   1.00   17.48 ? 81   TRP A CG  1 
ATOM   637 C CD1 . TRP A 1 81 ? -11.543 3.926   0.301   1.00   17.50 ? 81   TRP A CD1 1 
ATOM   638 C CD2 . TRP A 1 81 ? -10.551 4.843   2.095   1.00   18.04 ? 81   TRP A CD2 1 
ATOM   639 N NE1 . TRP A 1 81 ? -10.184 3.741   0.184   1.00   17.73 ? 81   TRP A NE1 1 
ATOM   640 C CE2 . TRP A 1 81 ? -9.550  4.291   1.260   1.00   17.42 ? 81   TRP A CE2 1 
ATOM   641 C CE3 . TRP A 1 81 ? -10.171 5.442   3.296   1.00   19.71 ? 81   TRP A CE3 1 
ATOM   642 C CZ2 . TRP A 1 81 ? -8.202  4.297   1.613   1.00   16.17 ? 81   TRP A CZ2 1 
ATOM   643 C CZ3 . TRP A 1 81 ? -8.834  5.502   3.629   1.00   21.01 ? 81   TRP A CZ3 1 
ATOM   644 C CH2 . TRP A 1 81 ? -7.854  4.921   2.787   1.00   18.40 ? 81   TRP A CH2 1 
ATOM   645 N N   . SER A 1 82 ? -14.717 5.434   4.945   1.00   24.69 ? 82   SER A N   1 
ATOM   646 C CA  . SER A 1 82 ? -15.729 6.302   5.589   1.00   27.31 ? 82   SER A CA  1 
ATOM   647 C C   . SER A 1 82 ? -15.754 7.706   5.009   1.00   26.40 ? 82   SER A C   1 
ATOM   648 O O   . SER A 1 82 ? -16.793 8.358   4.937   1.00   29.08 ? 82   SER A O   1 
ATOM   649 C CB  . SER A 1 82 ? -15.459 6.386   7.084   1.00   31.08 ? 82   SER A CB  1 
ATOM   650 O OG  . SER A 1 82 ? -14.226 7.026   7.358   1.00   40.96 ? 82   SER A OG  1 
ATOM   651 N N   . ALA A 1 83 ? -14.586 8.143   4.593   1.00   27.29 ? 83   ALA A N   1 
ATOM   652 C CA  . ALA A 1 83 ? -14.367 9.410   3.917   1.00   28.96 ? 83   ALA A CA  1 
ATOM   653 C C   . ALA A 1 83 ? -13.287 9.094   2.912   1.00   28.04 ? 83   ALA A C   1 
ATOM   654 O O   . ALA A 1 83 ? -12.305 8.402   3.203   1.00   29.91 ? 83   ALA A O   1 
ATOM   655 C CB  . ALA A 1 83 ? -13.867 10.506  4.888   1.00   29.60 ? 83   ALA A CB  1 
ATOM   656 N N   . LEU A 1 84 ? -13.382 9.675   1.751   1.00   29.44 ? 84   LEU A N   1 
ATOM   657 C CA  . LEU A 1 84 ? -12.325 9.370   0.805   1.00   27.05 ? 84   LEU A CA  1 
ATOM   658 C C   . LEU A 1 84 ? -11.038 10.164  1.074   1.00   22.87 ? 84   LEU A C   1 
ATOM   659 O O   . LEU A 1 84 ? -11.027 11.359  1.404   1.00   23.98 ? 84   LEU A O   1 
ATOM   660 C CB  . LEU A 1 84 ? -12.829 9.613   -0.596  1.00   28.30 ? 84   LEU A CB  1 
ATOM   661 C CG  . LEU A 1 84 ? -13.932 8.651   -0.996  1.00   32.14 ? 84   LEU A CG  1 
ATOM   662 C CD1 . LEU A 1 84 ? -14.768 9.288   -2.104  1.00   33.05 ? 84   LEU A CD1 1 
ATOM   663 C CD2 . LEU A 1 84 ? -13.308 7.326   -1.406  1.00   31.90 ? 84   LEU A CD2 1 
ATOM   664 N N   . PRO A 1 85 ? -9.928  9.487   0.902   1.00   19.99 ? 85   PRO A N   1 
ATOM   665 C CA  . PRO A 1 85 ? -8.654  10.143  1.132   1.00   17.40 ? 85   PRO A CA  1 
ATOM   666 C C   . PRO A 1 85 ? -8.307  11.119  0.005   1.00   17.31 ? 85   PRO A C   1 
ATOM   667 O O   . PRO A 1 85 ? -8.551  10.800  -1.176  1.00   18.96 ? 85   PRO A O   1 
ATOM   668 C CB  . PRO A 1 85 ? -7.687  8.967   1.158   1.00   17.60 ? 85   PRO A CB  1 
ATOM   669 C CG  . PRO A 1 85 ? -8.346  7.951   0.248   1.00   20.86 ? 85   PRO A CG  1 
ATOM   670 C CD  . PRO A 1 85 ? -9.796  8.084   0.486   1.00   22.75 ? 85   PRO A CD  1 
ATOM   671 N N   . THR A 1 86 ? -7.642  12.209  0.361   1.00   18.13 ? 86   THR A N   1 
ATOM   672 C CA  . THR A 1 86 ? -7.233  13.241  -0.583  1.00   19.03 ? 86   THR A CA  1 
ATOM   673 C C   . THR A 1 86 ? -5.738  13.320  -0.747  1.00   18.55 ? 86   THR A C   1 
ATOM   674 O O   . THR A 1 86 ? -5.262  14.112  -1.558  1.00   20.64 ? 86   THR A O   1 
ATOM   675 C CB  . THR A 1 86 ? -7.769  14.613  -0.153  1.00   22.88 ? 86   THR A CB  1 
ATOM   676 O OG1 . THR A 1 86 ? -7.298  14.905  1.158   1.00   29.59 ? 86   THR A OG1 1 
ATOM   677 C CG2 . THR A 1 86 ? -9.284  14.606  -0.044  1.00   29.94 ? 86   THR A CG2 1 
ATOM   678 N N   . GLU A 1 87 ? -5.013  12.458  -0.057  1.00   17.46 ? 87   GLU A N   1 
ATOM   679 C CA  . GLU A 1 87 ? -3.576  12.411  -0.127  1.00   18.29 ? 87   GLU A CA  1 
ATOM   680 C C   . GLU A 1 87 ? -3.194  10.939  0.076   1.00   14.74 ? 87   GLU A C   1 
ATOM   681 O O   . GLU A 1 87 ? -4.051  10.111  0.373   1.00   15.24 ? 87   GLU A O   1 
ATOM   682 C CB  . GLU A 1 87 ? -2.967  13.200  1.051   1.00   22.62 ? 87   GLU A CB  1 
ATOM   683 C CG  . GLU A 1 87 ? -3.258  14.672  1.221   1.00   30.13 ? 87   GLU A CG  1 
ATOM   684 C CD  . GLU A 1 87 ? -2.538  15.180  2.466   1.00   34.84 ? 87   GLU A CD  1 
ATOM   685 O OE1 . GLU A 1 87 ? -1.339  15.462  2.325   1.00   48.81 ? 87   GLU A OE1 1 
ATOM   686 O OE2 . GLU A 1 87 ? -3.010  14.882  3.586   1.00   44.89 ? 87   GLU A OE2 1 
ATOM   687 N N   . PHE A 1 88 ? -1.922  10.648  -0.078  1.00   15.94 ? 88   PHE A N   1 
ATOM   688 C CA  . PHE A 1 88 ? -1.389  9.378   0.318   1.00   15.42 ? 88   PHE A CA  1 
ATOM   689 C C   . PHE A 1 88 ? -0.431  9.624   1.469   1.00   16.82 ? 88   PHE A C   1 
ATOM   690 O O   . PHE A 1 88 ? 0.530   10.354  1.325   1.00   19.55 ? 88   PHE A O   1 
ATOM   691 C CB  . PHE A 1 88 ? -0.682  8.655   -0.810  1.00   16.43 ? 88   PHE A CB  1 
ATOM   692 C CG  . PHE A 1 88 ? -0.390  7.213   -0.462  1.00   14.35 ? 88   PHE A CG  1 
ATOM   693 C CD1 . PHE A 1 88 ? -1.322  6.224   -0.679  1.00   14.16 ? 88   PHE A CD1 1 
ATOM   694 C CD2 . PHE A 1 88 ? 0.757   6.873   0.212   1.00   14.13 ? 88   PHE A CD2 1 
ATOM   695 C CE1 . PHE A 1 88 ? -1.100  4.947   -0.223  1.00   14.56 ? 88   PHE A CE1 1 
ATOM   696 C CE2 . PHE A 1 88 ? 0.974   5.559   0.634   1.00   14.71 ? 88   PHE A CE2 1 
ATOM   697 C CZ  . PHE A 1 88 ? 0.046   4.618   0.397   1.00   14.55 ? 88   PHE A CZ  1 
ATOM   698 N N   . THR A 1 89 ? -0.687  8.993   2.606   1.00   16.01 ? 89   THR A N   1 
ATOM   699 C CA  . THR A 1 89 ? 0.069   9.272   3.788   1.00   19.43 ? 89   THR A CA  1 
ATOM   700 C C   . THR A 1 89 ? 0.638   8.031   4.453   1.00   15.97 ? 89   THR A C   1 
ATOM   701 O O   . THR A 1 89 ? 0.089   6.921   4.393   1.00   18.83 ? 89   THR A O   1 
ATOM   702 C CB  . THR A 1 89 ? -0.705  10.048  4.778   1.00   24.62 ? 89   THR A CB  1 
ATOM   703 O OG1 A THR A 1 89 ? -1.977  9.495   4.950   0.50   19.19 ? 89   THR A OG1 1 
ATOM   704 O OG1 B THR A 1 89 ? -1.598  9.167   5.427   0.50   24.90 ? 89   THR A OG1 1 
ATOM   705 C CG2 A THR A 1 89 ? -0.957  11.465  4.239   0.50   22.48 ? 89   THR A CG2 1 
ATOM   706 C CG2 B THR A 1 89 ? -1.768  10.981  4.229   0.50   20.89 ? 89   THR A CG2 1 
ATOM   707 N N   . ILE A 1 90 ? 1.767   8.239   5.107   1.00   14.90 ? 90   ILE A N   1 
ATOM   708 C CA  . ILE A 1 90 ? 2.366   7.230   5.959   1.00   13.67 ? 90   ILE A CA  1 
ATOM   709 C C   . ILE A 1 90 ? 1.806   7.406   7.371   1.00   15.74 ? 90   ILE A C   1 
ATOM   710 O O   . ILE A 1 90 ? 1.895   8.499   7.949   1.00   17.69 ? 90   ILE A O   1 
ATOM   711 C CB  . ILE A 1 90 ? 3.898   7.331   5.982   1.00   14.36 ? 90   ILE A CB  1 
ATOM   712 C CG1 . ILE A 1 90 ? 4.478   7.189   4.580   1.00   14.95 ? 90   ILE A CG1 1 
ATOM   713 C CG2 . ILE A 1 90 ? 4.489   6.324   6.942   1.00   15.16 ? 90   ILE A CG2 1 
ATOM   714 C CD1 . ILE A 1 90 ? 5.993   7.401   4.505   1.00   18.01 ? 90   ILE A CD1 1 
ATOM   715 N N   . ARG A 1 91 ? 1.201   6.354   7.908   1.00   15.88 ? 91   ARG A N   1 
ATOM   716 C CA  . ARG A 1 91 ? 0.644   6.342   9.251   1.00   18.25 ? 91   ARG A CA  1 
ATOM   717 C C   . ARG A 1 91 ? 1.332   5.361   10.168  1.00   21.32 ? 91   ARG A C   1 
ATOM   718 O O   . ARG A 1 91 ? 2.294   4.728   9.690   1.00   21.60 ? 91   ARG A O   1 
ATOM   719 C CB  . ARG A 1 91 ? -0.872  6.120   9.174   1.00   24.08 ? 91   ARG A CB  1 
ATOM   720 C CG  . ARG A 1 91 ? -1.430  5.033   8.404   1.00   31.44 ? 91   ARG A CG  1 
ATOM   721 C CD  . ARG A 1 91 ? -2.951  4.882   8.567   1.00   36.04 ? 91   ARG A CD  1 
ATOM   722 N NE  . ARG A 1 91 ? -3.354  3.560   8.110   1.00   40.22 ? 91   ARG A NE  1 
ATOM   723 C CZ  . ARG A 1 91 ? -4.059  2.693   8.820   1.00   43.06 ? 91   ARG A CZ  1 
ATOM   724 N NH1 . ARG A 1 91 ? -4.542  3.042   10.005  1.00   51.14 ? 91   ARG A NH1 1 
ATOM   725 N NH2 . ARG A 1 91 ? -4.315  1.479   8.318   1.00   42.72 ? 91   ARG A NH2 1 
ATOM   726 O OXT . ARG A 1 91 ? 0.954   5.331   11.341  1.00   28.48 ? 91   ARG A OXT 1 
HETATM 727 P P   . 2HP B 2 .  ? 10.385  0.723   6.741   1.00   15.75 ? 1092 2HP A P   1 
HETATM 728 O O1  . 2HP B 2 .  ? 11.258  1.990   6.303   1.00   18.52 ? 1092 2HP A O1  1 
HETATM 729 O O2  . 2HP B 2 .  ? 8.991   1.126   6.381   1.00   17.25 ? 1092 2HP A O2  1 
HETATM 730 O O3  . 2HP B 2 .  ? 10.913  -0.461  5.977   1.00   14.31 ? 1092 2HP A O3  1 
HETATM 731 O O4  . 2HP B 2 .  ? 10.570  0.511   8.223   1.00   17.63 ? 1092 2HP A O4  1 
HETATM 732 O O   . HOH C 3 .  ? 13.080  0.535   11.853  1.00   55.19 ? 2001 HOH A O   1 
HETATM 733 O O   . HOH C 3 .  ? -19.306 12.528  1.903   1.00   57.24 ? 2002 HOH A O   1 
HETATM 734 O O   . HOH C 3 .  ? -15.951 10.821  0.883   1.00   49.62 ? 2003 HOH A O   1 
HETATM 735 O O   . HOH C 3 .  ? -19.031 5.887   -3.860  1.00   46.43 ? 2004 HOH A O   1 
HETATM 736 O O   . HOH C 3 .  ? -12.557 4.036   -3.287  1.00   44.96 ? 2005 HOH A O   1 
HETATM 737 O O   . HOH C 3 .  ? -17.125 3.277   -4.793  1.00   60.45 ? 2006 HOH A O   1 
HETATM 738 O O   . HOH C 3 .  ? -5.005  -9.531  9.019   1.00   58.80 ? 2007 HOH A O   1 
HETATM 739 O O   . HOH C 3 .  ? -12.195 -3.054  -3.828  1.00   40.30 ? 2008 HOH A O   1 
HETATM 740 O O   . HOH C 3 .  ? 6.495   -12.280 7.646   0.50   37.84 ? 2009 HOH A O   1 
HETATM 741 O O   . HOH C 3 .  ? 19.902  -4.286  7.304   1.00   54.96 ? 2010 HOH A O   1 
HETATM 742 O O   . HOH C 3 .  ? -5.654  -7.335  2.845   1.00   32.41 ? 2011 HOH A O   1 
HETATM 743 O O   . HOH C 3 .  ? 18.407  -2.989  10.205  1.00   52.30 ? 2012 HOH A O   1 
HETATM 744 O O   . HOH C 3 .  ? 12.193  3.552   -2.405  1.00   51.57 ? 2013 HOH A O   1 
HETATM 745 O O   . HOH C 3 .  ? -4.477  -11.717 6.889   1.00   43.76 ? 2014 HOH A O   1 
HETATM 746 O O   . HOH C 3 .  ? 5.640   -9.503  7.349   1.00   14.70 ? 2015 HOH A O   1 
HETATM 747 O O   . HOH C 3 .  ? 15.941  -7.749  9.121   1.00   40.59 ? 2016 HOH A O   1 
HETATM 748 O O   . HOH C 3 .  ? 17.643  -8.179  2.716   1.00   48.56 ? 2017 HOH A O   1 
HETATM 749 O O   . HOH C 3 .  ? 19.007  -6.068  6.363   1.00   50.92 ? 2018 HOH A O   1 
HETATM 750 O O   . HOH C 3 .  ? 7.331   -1.147  7.381   1.00   18.57 ? 2019 HOH A O   1 
HETATM 751 O O   . HOH C 3 .  ? 15.061  -5.176  8.735   1.00   28.28 ? 2020 HOH A O   1 
HETATM 752 O O   . HOH C 3 .  ? 12.307  -4.040  13.121  1.00   45.18 ? 2021 HOH A O   1 
HETATM 753 O O   . HOH C 3 .  ? 6.900   -7.866  9.335   1.00   17.79 ? 2022 HOH A O   1 
HETATM 754 O O   . HOH C 3 .  ? 16.918  0.837   8.394   1.00   20.09 ? 2023 HOH A O   1 
HETATM 755 O O   . HOH C 3 .  ? 17.234  -3.635  7.613   1.00   30.28 ? 2024 HOH A O   1 
HETATM 756 O O   . HOH C 3 .  ? -9.244  6.219   -10.374 1.00   62.63 ? 2025 HOH A O   1 
HETATM 757 O O   . HOH C 3 .  ? 12.755  3.613   0.382   1.00   29.08 ? 2026 HOH A O   1 
HETATM 758 O O   . HOH C 3 .  ? -10.946 -6.360  -10.412 1.00   62.56 ? 2027 HOH A O   1 
HETATM 759 O O   . HOH C 3 .  ? -8.268  -9.895  -8.300  1.00   25.85 ? 2028 HOH A O   1 
HETATM 760 O O   . HOH C 3 .  ? 10.499  7.468   -0.786  1.00   23.32 ? 2029 HOH A O   1 
HETATM 761 O O   . HOH C 3 .  ? 8.909   4.139   -5.040  1.00   30.15 ? 2030 HOH A O   1 
HETATM 762 O O   . HOH C 3 .  ? 11.878  -12.664 -4.252  1.00   61.65 ? 2031 HOH A O   1 
HETATM 763 O O   . HOH C 3 .  ? 10.783  -12.718 -5.805  1.00   55.09 ? 2032 HOH A O   1 
HETATM 764 O O   . HOH C 3 .  ? 1.747   -17.080 1.068   1.00   55.85 ? 2033 HOH A O   1 
HETATM 765 O O   . HOH C 3 .  ? 8.130   11.728  -4.993  1.00   53.46 ? 2034 HOH A O   1 
HETATM 766 O O   . HOH C 3 .  ? -10.604 -9.481  -3.534  1.00   37.24 ? 2035 HOH A O   1 
HETATM 767 O O   . HOH C 3 .  ? -14.015 -4.563  5.915   1.00   52.82 ? 2036 HOH A O   1 
HETATM 768 O O   . HOH C 3 .  ? -0.243  12.699  -1.238  1.00   34.61 ? 2037 HOH A O   1 
HETATM 769 O O   . HOH C 3 .  ? 7.506   4.628   -10.436 1.00   45.33 ? 2038 HOH A O   1 
HETATM 770 O O   . HOH C 3 .  ? -2.145  5.329   -11.788 1.00   29.47 ? 2039 HOH A O   1 
HETATM 771 O O   . HOH C 3 .  ? -1.309  12.771  -6.528  1.00   35.76 ? 2040 HOH A O   1 
HETATM 772 O O   . HOH C 3 .  ? -5.198  8.272   -9.921  1.00   54.29 ? 2041 HOH A O   1 
HETATM 773 O O   . HOH C 3 .  ? 7.045   6.479   9.566   1.00   35.75 ? 2042 HOH A O   1 
HETATM 774 O O   . HOH C 3 .  ? -0.955  10.863  -4.716  1.00   33.48 ? 2043 HOH A O   1 
HETATM 775 O O   . HOH C 3 .  ? -3.466  13.990  -5.654  1.00   47.79 ? 2044 HOH A O   1 
HETATM 776 O O   . HOH C 3 .  ? -2.647  1.689   6.008   1.00   20.93 ? 2045 HOH A O   1 
HETATM 777 O O   . HOH C 3 .  ? -5.825  7.993   4.835   1.00   45.41 ? 2046 HOH A O   1 
HETATM 778 O O   . HOH C 3 .  ? 0.764   0.614   13.458  1.00   55.80 ? 2047 HOH A O   1 
HETATM 779 O O   . HOH C 3 .  ? 5.073   -2.128  13.867  1.00   55.10 ? 2048 HOH A O   1 
HETATM 780 O O   . HOH C 3 .  ? 4.080   2.012   12.929  1.00   50.30 ? 2049 HOH A O   1 
HETATM 781 O O   . HOH C 3 .  ? -3.756  -5.199  11.820  1.00   56.49 ? 2050 HOH A O   1 
HETATM 782 O O   . HOH C 3 .  ? -3.638  -1.736  10.330  1.00   60.62 ? 2051 HOH A O   1 
HETATM 783 O O   . HOH C 3 .  ? 2.472   -4.745  16.786  1.00   43.53 ? 2052 HOH A O   1 
HETATM 784 O O   . HOH C 3 .  ? 5.239   -10.088 12.711  1.00   15.87 ? 2053 HOH A O   1 
HETATM 785 O O   . HOH C 3 .  ? 3.717   -10.802 8.822   1.00   18.21 ? 2054 HOH A O   1 
HETATM 786 O O   . HOH C 3 .  ? -3.204  -9.382  11.005  1.00   29.24 ? 2055 HOH A O   1 
HETATM 787 O O   . HOH C 3 .  ? 5.063   -6.017  10.498  1.00   23.51 ? 2056 HOH A O   1 
HETATM 788 O O   . HOH C 3 .  ? -8.629  5.845   9.001   1.00   54.02 ? 2057 HOH A O   1 
HETATM 789 O O   . HOH C 3 .  ? -9.244  -0.509  7.027   1.00   37.19 ? 2058 HOH A O   1 
HETATM 790 O O   . HOH C 3 .  ? -11.828 13.464  -3.524  1.00   45.34 ? 2059 HOH A O   1 
HETATM 791 O O   . HOH C 3 .  ? -8.155  8.888   -7.727  1.00   49.38 ? 2060 HOH A O   1 
HETATM 792 O O   . HOH C 3 .  ? -5.178  2.316   -10.848 1.00   44.95 ? 2061 HOH A O   1 
HETATM 793 O O   . HOH C 3 .  ? -8.967  2.988   -10.069 1.00   36.39 ? 2062 HOH A O   1 
HETATM 794 O O   . HOH C 3 .  ? -7.223  -7.821  -10.579 1.00   21.91 ? 2063 HOH A O   1 
HETATM 795 O O   . HOH C 3 .  ? -9.310  -4.258  -8.903  1.00   39.29 ? 2064 HOH A O   1 
HETATM 796 O O   . HOH C 3 .  ? -2.454  0.880   -9.114  1.00   18.17 ? 2065 HOH A O   1 
HETATM 797 O O   . HOH C 3 .  ? 5.090   4.302   -11.789 1.00   20.89 ? 2066 HOH A O   1 
HETATM 798 O O   . HOH C 3 .  ? 12.296  -6.981  -7.193  1.00   45.89 ? 2067 HOH A O   1 
HETATM 799 O O   . HOH C 3 .  ? 9.825   -8.648  -5.369  1.00   31.51 ? 2068 HOH A O   1 
HETATM 800 O O   . HOH C 3 .  ? 5.385   -8.455  -13.642 1.00   27.79 ? 2069 HOH A O   1 
HETATM 801 O O   . HOH C 3 .  ? 12.095  -5.800  -12.570 1.00   51.62 ? 2070 HOH A O   1 
HETATM 802 O O   . HOH C 3 .  ? 12.926  0.897   -6.033  1.00   45.13 ? 2071 HOH A O   1 
HETATM 803 O O   . HOH C 3 .  ? 13.925  -1.169  -9.114  1.00   41.29 ? 2072 HOH A O   1 
HETATM 804 O O   . HOH C 3 .  ? 16.233  -1.458  0.895   1.00   18.41 ? 2073 HOH A O   1 
HETATM 805 O O   . HOH C 3 .  ? 16.282  -9.050  0.704   1.00   48.00 ? 2074 HOH A O   1 
HETATM 806 O O   . HOH C 3 .  ? 14.782  -6.949  -3.049  1.00   46.13 ? 2075 HOH A O   1 
HETATM 807 O O   . HOH C 3 .  ? 15.908  -11.639 2.161   1.00   31.57 ? 2076 HOH A O   1 
HETATM 808 O O   . HOH C 3 .  ? 10.786  -9.536  -3.079  1.00   21.34 ? 2077 HOH A O   1 
HETATM 809 O O   . HOH C 3 .  ? 10.967  -12.385 -3.317  1.00   39.36 ? 2078 HOH A O   1 
HETATM 810 O O   . HOH C 3 .  ? 2.823   -15.960 -1.364  1.00   28.76 ? 2079 HOH A O   1 
HETATM 811 O O   . HOH C 3 .  ? 9.946   -14.685 -1.024  1.00   33.86 ? 2080 HOH A O   1 
HETATM 812 O O   . HOH C 3 .  ? 7.180   -14.145 5.695   1.00   28.17 ? 2081 HOH A O   1 
HETATM 813 O O   . HOH C 3 .  ? 4.645   -16.743 2.274   1.00   38.51 ? 2082 HOH A O   1 
HETATM 814 O O   . HOH C 3 .  ? 10.322  -16.390 3.565   1.00   38.50 ? 2083 HOH A O   1 
HETATM 815 O O   . HOH C 3 .  ? 4.051   -14.346 3.882   1.00   27.05 ? 2084 HOH A O   1 
HETATM 816 O O   . HOH C 3 .  ? 0.255   -11.202 2.904   1.00   14.93 ? 2085 HOH A O   1 
HETATM 817 O O   . HOH C 3 .  ? 0.882   -13.783 -1.972  1.00   21.61 ? 2086 HOH A O   1 
HETATM 818 O O   . HOH C 3 .  ? -4.752  -10.718 4.422   1.00   55.05 ? 2087 HOH A O   1 
HETATM 819 O O   . HOH C 3 .  ? -0.929  -15.438 1.457   1.00   72.56 ? 2088 HOH A O   1 
HETATM 820 O O   . HOH C 3 .  ? -9.724  -6.940  -2.931  1.00   24.96 ? 2089 HOH A O   1 
HETATM 821 O O   . HOH C 3 .  ? -5.615  -11.939 -1.592  1.00   19.18 ? 2090 HOH A O   1 
HETATM 822 O O   . HOH C 3 .  ? -9.120  -11.470 -1.869  1.00   33.64 ? 2091 HOH A O   1 
HETATM 823 O O   . HOH C 3 .  ? -7.432  -11.574 1.487   1.00   36.75 ? 2092 HOH A O   1 
HETATM 824 O O   . HOH C 3 .  ? -11.075 -5.278  -4.047  1.00   34.66 ? 2093 HOH A O   1 
HETATM 825 O O   . HOH C 3 .  ? -6.596  -9.681  3.262   1.00   45.44 ? 2094 HOH A O   1 
HETATM 826 O O   . HOH C 3 .  ? -13.242 -7.342  3.099   1.00   34.34 ? 2095 HOH A O   1 
HETATM 827 O O   . HOH C 3 .  ? -15.280 -2.009  5.322   1.00   35.22 ? 2096 HOH A O   1 
HETATM 828 O O   . HOH C 3 .  ? -16.409 2.301   6.642   1.00   47.39 ? 2097 HOH A O   1 
HETATM 829 O O   . HOH C 3 .  ? -12.380 4.933   6.331   1.00   43.64 ? 2098 HOH A O   1 
HETATM 830 O O   . HOH C 3 .  ? -12.629 13.463  1.300   1.00   48.40 ? 2099 HOH A O   1 
HETATM 831 O O   . HOH C 3 .  ? -6.163  11.757  2.921   1.00   26.19 ? 2100 HOH A O   1 
HETATM 832 O O   . HOH C 3 .  ? 1.808   12.949  1.323   1.00   37.83 ? 2101 HOH A O   1 
HETATM 833 O O   . HOH C 3 .  ? -4.294  9.778   3.441   1.00   21.74 ? 2102 HOH A O   1 
HETATM 834 O O   . HOH C 3 .  ? 2.809   10.959  5.152   1.00   27.91 ? 2103 HOH A O   1 
HETATM 835 O O   . HOH C 3 .  ? 3.793   10.288  8.303   1.00   46.92 ? 2104 HOH A O   1 
HETATM 836 O O   . HOH C 3 .  ? 3.496   2.493   10.417  1.00   20.58 ? 2105 HOH A O   1 
HETATM 837 O O   . HOH C 3 .  ? 2.238   4.218   13.296  1.00   53.10 ? 2106 HOH A O   1 
HETATM 838 O O   . HOH C 3 .  ? 4.705   5.954   10.797  1.00   32.46 ? 2107 HOH A O   1 
HETATM 839 O O   . HOH C 3 .  ? 10.641  4.366   7.227   1.00   26.04 ? 2108 HOH A O   1 
HETATM 840 O O   . HOH C 3 .  ? 12.567  1.843   9.498   1.00   20.04 ? 2109 HOH A O   1 
# 
